data_7LOG
# 
_entry.id   7LOG 
# 
_audit_conform.dict_name       mmcif_pdbx.dic 
_audit_conform.dict_version    5.380 
_audit_conform.dict_location   http://mmcif.pdb.org/dictionaries/ascii/mmcif_pdbx.dic 
# 
loop_
_database_2.database_id 
_database_2.database_code 
_database_2.pdbx_database_accession 
_database_2.pdbx_DOI 
PDB   7LOG         pdb_00007log 10.2210/pdb7log/pdb 
WWPDB D_1000254734 ?            ?                   
# 
_pdbx_database_status.status_code                     REL 
_pdbx_database_status.status_code_sf                  REL 
_pdbx_database_status.status_code_mr                  ? 
_pdbx_database_status.entry_id                        7LOG 
_pdbx_database_status.recvd_initial_deposition_date   2021-02-10 
_pdbx_database_status.SG_entry                        N 
_pdbx_database_status.deposit_site                    RCSB 
_pdbx_database_status.process_site                    RCSB 
_pdbx_database_status.status_code_cs                  ? 
_pdbx_database_status.status_code_nmr_data            ? 
_pdbx_database_status.methods_development_category    ? 
_pdbx_database_status.pdb_format_compatible           Y 
# 
loop_
_audit_author.name 
_audit_author.pdbx_ordinal 
_audit_author.identifier_ORCID 
'Kamenik, A.S.'  1 ? 
'Singh, I.'      2 ? 
'Lak, P.'        3 ? 
'Balius, T.E.'   4 ? 
'Liedl, K.R.'    5 ? 
'Shoichet, B.K.' 6 ? 
# 
_citation.abstract                  ? 
_citation.abstract_id_CAS           ? 
_citation.book_id_ISBN              ? 
_citation.book_publisher            ? 
_citation.book_publisher_city       ? 
_citation.book_title                ? 
_citation.coordinate_linkage        ? 
_citation.country                   US 
_citation.database_id_Medline       ? 
_citation.details                   ? 
_citation.id                        primary 
_citation.journal_abbrev            Proc.Natl.Acad.Sci.USA 
_citation.journal_id_ASTM           PNASA6 
_citation.journal_id_CSD            0040 
_citation.journal_id_ISSN           1091-6490 
_citation.journal_full              ? 
_citation.journal_issue             ? 
_citation.journal_volume            118 
_citation.language                  ? 
_citation.page_first                ? 
_citation.page_last                 ? 
_citation.title                     'Energy penalties enhance flexible receptor docking in a model cavity.' 
_citation.year                      2021 
_citation.database_id_CSD           ? 
_citation.pdbx_database_id_DOI      10.1073/pnas.2106195118 
_citation.pdbx_database_id_PubMed   34475217 
_citation.pdbx_database_id_patent   ? 
_citation.unpublished_flag          ? 
# 
loop_
_citation_author.citation_id 
_citation_author.name 
_citation_author.ordinal 
_citation_author.identifier_ORCID 
primary 'Kamenik, A.S.'  1 0000-0001-8657-0036 
primary 'Singh, I.'      2 ?                   
primary 'Lak, P.'        3 ?                   
primary 'Balius, T.E.'   4 0000-0002-6811-4667 
primary 'Liedl, K.R.'    5 ?                   
primary 'Shoichet, B.K.' 6 0000-0002-6098-7367 
# 
_cell.angle_alpha                  90.000 
_cell.angle_alpha_esd              ? 
_cell.angle_beta                   90.000 
_cell.angle_beta_esd               ? 
_cell.angle_gamma                  120.000 
_cell.angle_gamma_esd              ? 
_cell.entry_id                     7LOG 
_cell.details                      ? 
_cell.formula_units_Z              ? 
_cell.length_a                     60.248 
_cell.length_a_esd                 ? 
_cell.length_b                     60.248 
_cell.length_b_esd                 ? 
_cell.length_c                     96.119 
_cell.length_c_esd                 ? 
_cell.volume                       ? 
_cell.volume_esd                   ? 
_cell.Z_PDB                        6 
_cell.reciprocal_angle_alpha       ? 
_cell.reciprocal_angle_beta        ? 
_cell.reciprocal_angle_gamma       ? 
_cell.reciprocal_angle_alpha_esd   ? 
_cell.reciprocal_angle_beta_esd    ? 
_cell.reciprocal_angle_gamma_esd   ? 
_cell.reciprocal_length_a          ? 
_cell.reciprocal_length_b          ? 
_cell.reciprocal_length_c          ? 
_cell.reciprocal_length_a_esd      ? 
_cell.reciprocal_length_b_esd      ? 
_cell.reciprocal_length_c_esd      ? 
_cell.pdbx_unique_axis             ? 
# 
_symmetry.entry_id                         7LOG 
_symmetry.cell_setting                     ? 
_symmetry.Int_Tables_number                154 
_symmetry.space_group_name_Hall            ? 
_symmetry.space_group_name_H-M             'P 32 2 1' 
_symmetry.pdbx_full_space_group_name_H-M   ? 
# 
loop_
_entity.id 
_entity.type 
_entity.src_method 
_entity.pdbx_description 
_entity.formula_weight 
_entity.pdbx_number_of_molecules 
_entity.pdbx_ec 
_entity.pdbx_mutation 
_entity.pdbx_fragment 
_entity.details 
1 polymer     man Lysozyme                                 19691.541 1   3.2.1.17 L99A ? ? 
2 non-polymer syn 3-butylpyridine                          135.206   1   ?        ?    ? ? 
3 non-polymer syn BETA-MERCAPTOETHANOL                     78.133    2   ?        ?    ? ? 
4 non-polymer syn 2-AMINO-2-HYDROXYMETHYL-PROPANE-1,3-DIOL 122.143   1   ?        ?    ? ? 
5 water       nat water                                    18.015    143 ?        ?    ? ? 
# 
_entity_name_com.entity_id   1 
_entity_name_com.name        'Endolysin,Lysis protein,Muramidase' 
# 
_entity_poly.entity_id                      1 
_entity_poly.type                           'polypeptide(L)' 
_entity_poly.nstd_linkage                   no 
_entity_poly.nstd_monomer                   no 
_entity_poly.pdbx_seq_one_letter_code       
;MNIFEMLRIDEGLRLKIYKDTEGYYTIGIGHLLTKSPSLNAAKSELDKAIGRNCNGVITKDEAEKLFNQDVDAAVRGILR
NAKLKPVYDSLDAVRRCAAINMVFQMGETGVAGFTNSLRMLQQKRWDEAAVNLAKSRWYNQTPNRAKRVITTFRTGTWDA
YKNLLEHHHHHH
;
_entity_poly.pdbx_seq_one_letter_code_can   
;MNIFEMLRIDEGLRLKIYKDTEGYYTIGIGHLLTKSPSLNAAKSELDKAIGRNCNGVITKDEAEKLFNQDVDAAVRGILR
NAKLKPVYDSLDAVRRCAAINMVFQMGETGVAGFTNSLRMLQQKRWDEAAVNLAKSRWYNQTPNRAKRVITTFRTGTWDA
YKNLLEHHHHHH
;
_entity_poly.pdbx_strand_id                 A 
_entity_poly.pdbx_target_identifier         ? 
# 
loop_
_entity_poly_seq.entity_id 
_entity_poly_seq.num 
_entity_poly_seq.mon_id 
_entity_poly_seq.hetero 
1 1   MET n 
1 2   ASN n 
1 3   ILE n 
1 4   PHE n 
1 5   GLU n 
1 6   MET n 
1 7   LEU n 
1 8   ARG n 
1 9   ILE n 
1 10  ASP n 
1 11  GLU n 
1 12  GLY n 
1 13  LEU n 
1 14  ARG n 
1 15  LEU n 
1 16  LYS n 
1 17  ILE n 
1 18  TYR n 
1 19  LYS n 
1 20  ASP n 
1 21  THR n 
1 22  GLU n 
1 23  GLY n 
1 24  TYR n 
1 25  TYR n 
1 26  THR n 
1 27  ILE n 
1 28  GLY n 
1 29  ILE n 
1 30  GLY n 
1 31  HIS n 
1 32  LEU n 
1 33  LEU n 
1 34  THR n 
1 35  LYS n 
1 36  SER n 
1 37  PRO n 
1 38  SER n 
1 39  LEU n 
1 40  ASN n 
1 41  ALA n 
1 42  ALA n 
1 43  LYS n 
1 44  SER n 
1 45  GLU n 
1 46  LEU n 
1 47  ASP n 
1 48  LYS n 
1 49  ALA n 
1 50  ILE n 
1 51  GLY n 
1 52  ARG n 
1 53  ASN n 
1 54  CYS n 
1 55  ASN n 
1 56  GLY n 
1 57  VAL n 
1 58  ILE n 
1 59  THR n 
1 60  LYS n 
1 61  ASP n 
1 62  GLU n 
1 63  ALA n 
1 64  GLU n 
1 65  LYS n 
1 66  LEU n 
1 67  PHE n 
1 68  ASN n 
1 69  GLN n 
1 70  ASP n 
1 71  VAL n 
1 72  ASP n 
1 73  ALA n 
1 74  ALA n 
1 75  VAL n 
1 76  ARG n 
1 77  GLY n 
1 78  ILE n 
1 79  LEU n 
1 80  ARG n 
1 81  ASN n 
1 82  ALA n 
1 83  LYS n 
1 84  LEU n 
1 85  LYS n 
1 86  PRO n 
1 87  VAL n 
1 88  TYR n 
1 89  ASP n 
1 90  SER n 
1 91  LEU n 
1 92  ASP n 
1 93  ALA n 
1 94  VAL n 
1 95  ARG n 
1 96  ARG n 
1 97  CYS n 
1 98  ALA n 
1 99  ALA n 
1 100 ILE n 
1 101 ASN n 
1 102 MET n 
1 103 VAL n 
1 104 PHE n 
1 105 GLN n 
1 106 MET n 
1 107 GLY n 
1 108 GLU n 
1 109 THR n 
1 110 GLY n 
1 111 VAL n 
1 112 ALA n 
1 113 GLY n 
1 114 PHE n 
1 115 THR n 
1 116 ASN n 
1 117 SER n 
1 118 LEU n 
1 119 ARG n 
1 120 MET n 
1 121 LEU n 
1 122 GLN n 
1 123 GLN n 
1 124 LYS n 
1 125 ARG n 
1 126 TRP n 
1 127 ASP n 
1 128 GLU n 
1 129 ALA n 
1 130 ALA n 
1 131 VAL n 
1 132 ASN n 
1 133 LEU n 
1 134 ALA n 
1 135 LYS n 
1 136 SER n 
1 137 ARG n 
1 138 TRP n 
1 139 TYR n 
1 140 ASN n 
1 141 GLN n 
1 142 THR n 
1 143 PRO n 
1 144 ASN n 
1 145 ARG n 
1 146 ALA n 
1 147 LYS n 
1 148 ARG n 
1 149 VAL n 
1 150 ILE n 
1 151 THR n 
1 152 THR n 
1 153 PHE n 
1 154 ARG n 
1 155 THR n 
1 156 GLY n 
1 157 THR n 
1 158 TRP n 
1 159 ASP n 
1 160 ALA n 
1 161 TYR n 
1 162 LYS n 
1 163 ASN n 
1 164 LEU n 
1 165 LEU n 
1 166 GLU n 
1 167 HIS n 
1 168 HIS n 
1 169 HIS n 
1 170 HIS n 
1 171 HIS n 
1 172 HIS n 
# 
_entity_src_gen.entity_id                          1 
_entity_src_gen.pdbx_src_id                        1 
_entity_src_gen.pdbx_alt_source_flag               sample 
_entity_src_gen.pdbx_seq_type                      'Biological sequence' 
_entity_src_gen.pdbx_beg_seq_num                   1 
_entity_src_gen.pdbx_end_seq_num                   172 
_entity_src_gen.gene_src_common_name               'Bacteriophage T4' 
_entity_src_gen.gene_src_genus                     ? 
_entity_src_gen.pdbx_gene_src_gene                 'e, T4Tp126' 
_entity_src_gen.gene_src_species                   ? 
_entity_src_gen.gene_src_strain                    ? 
_entity_src_gen.gene_src_tissue                    ? 
_entity_src_gen.gene_src_tissue_fraction           ? 
_entity_src_gen.gene_src_details                   ? 
_entity_src_gen.pdbx_gene_src_fragment             ? 
_entity_src_gen.pdbx_gene_src_scientific_name      'Enterobacteria phage T4' 
_entity_src_gen.pdbx_gene_src_ncbi_taxonomy_id     10665 
_entity_src_gen.pdbx_gene_src_variant              ? 
_entity_src_gen.pdbx_gene_src_cell_line            ? 
_entity_src_gen.pdbx_gene_src_atcc                 ? 
_entity_src_gen.pdbx_gene_src_organ                ? 
_entity_src_gen.pdbx_gene_src_organelle            ? 
_entity_src_gen.pdbx_gene_src_cell                 ? 
_entity_src_gen.pdbx_gene_src_cellular_location    ? 
_entity_src_gen.host_org_common_name               ? 
_entity_src_gen.pdbx_host_org_scientific_name      
;Escherichia coli 'BL21-Gold(DE3)pLysS AG'
;
_entity_src_gen.pdbx_host_org_ncbi_taxonomy_id     866768 
_entity_src_gen.host_org_genus                     ? 
_entity_src_gen.pdbx_host_org_gene                 ? 
_entity_src_gen.pdbx_host_org_organ                ? 
_entity_src_gen.host_org_species                   ? 
_entity_src_gen.pdbx_host_org_tissue               ? 
_entity_src_gen.pdbx_host_org_tissue_fraction      ? 
_entity_src_gen.pdbx_host_org_strain               ? 
_entity_src_gen.pdbx_host_org_variant              ? 
_entity_src_gen.pdbx_host_org_cell_line            ? 
_entity_src_gen.pdbx_host_org_atcc                 ? 
_entity_src_gen.pdbx_host_org_culture_collection   ? 
_entity_src_gen.pdbx_host_org_cell                 ? 
_entity_src_gen.pdbx_host_org_organelle            ? 
_entity_src_gen.pdbx_host_org_cellular_location    ? 
_entity_src_gen.pdbx_host_org_vector_type          ? 
_entity_src_gen.pdbx_host_org_vector               ? 
_entity_src_gen.host_org_details                   ? 
_entity_src_gen.expression_system_id               ? 
_entity_src_gen.plasmid_name                       ? 
_entity_src_gen.plasmid_details                    ? 
_entity_src_gen.pdbx_description                   ? 
# 
_struct_ref.id                         1 
_struct_ref.db_name                    UNP 
_struct_ref.db_code                    D9IEF7_BPT4 
_struct_ref.pdbx_db_accession          D9IEF7 
_struct_ref.pdbx_db_isoform            ? 
_struct_ref.entity_id                  1 
_struct_ref.pdbx_seq_one_letter_code   
;MNIFEMLRIDEGLRLKIYKDTEGYYTIGIGHLLTKSPSLNAAKSELDKAIGRNCNGVITKDEAEKLFNQDVDAAVRGILR
NAKLKPVYDSLDAVRRCALINMVFQMGETGVAGFTNSLRMLQQKRWDEAAVNLAKSRWYNQTPNRAKRVITTFRTGTWDA
YKNL
;
_struct_ref.pdbx_align_begin           1 
# 
_struct_ref_seq.align_id                      1 
_struct_ref_seq.ref_id                        1 
_struct_ref_seq.pdbx_PDB_id_code              7LOG 
_struct_ref_seq.pdbx_strand_id                A 
_struct_ref_seq.seq_align_beg                 1 
_struct_ref_seq.pdbx_seq_align_beg_ins_code   ? 
_struct_ref_seq.seq_align_end                 164 
_struct_ref_seq.pdbx_seq_align_end_ins_code   ? 
_struct_ref_seq.pdbx_db_accession             D9IEF7 
_struct_ref_seq.db_align_beg                  1 
_struct_ref_seq.pdbx_db_align_beg_ins_code    ? 
_struct_ref_seq.db_align_end                  164 
_struct_ref_seq.pdbx_db_align_end_ins_code    ? 
_struct_ref_seq.pdbx_auth_seq_align_beg       1 
_struct_ref_seq.pdbx_auth_seq_align_end       164 
# 
loop_
_struct_ref_seq_dif.align_id 
_struct_ref_seq_dif.pdbx_pdb_id_code 
_struct_ref_seq_dif.mon_id 
_struct_ref_seq_dif.pdbx_pdb_strand_id 
_struct_ref_seq_dif.seq_num 
_struct_ref_seq_dif.pdbx_pdb_ins_code 
_struct_ref_seq_dif.pdbx_seq_db_name 
_struct_ref_seq_dif.pdbx_seq_db_accession_code 
_struct_ref_seq_dif.db_mon_id 
_struct_ref_seq_dif.pdbx_seq_db_seq_num 
_struct_ref_seq_dif.details 
_struct_ref_seq_dif.pdbx_auth_seq_num 
_struct_ref_seq_dif.pdbx_ordinal 
1 7LOG ALA A 99  ? UNP D9IEF7 LEU 99 'engineered mutation' 99  1 
1 7LOG LEU A 165 ? UNP D9IEF7 ?   ?  'expression tag'      165 2 
1 7LOG GLU A 166 ? UNP D9IEF7 ?   ?  'expression tag'      166 3 
1 7LOG HIS A 167 ? UNP D9IEF7 ?   ?  'expression tag'      167 4 
1 7LOG HIS A 168 ? UNP D9IEF7 ?   ?  'expression tag'      168 5 
1 7LOG HIS A 169 ? UNP D9IEF7 ?   ?  'expression tag'      169 6 
1 7LOG HIS A 170 ? UNP D9IEF7 ?   ?  'expression tag'      170 7 
1 7LOG HIS A 171 ? UNP D9IEF7 ?   ?  'expression tag'      171 8 
1 7LOG HIS A 172 ? UNP D9IEF7 ?   ?  'expression tag'      172 9 
# 
loop_
_chem_comp.id 
_chem_comp.type 
_chem_comp.mon_nstd_flag 
_chem_comp.name 
_chem_comp.pdbx_synonyms 
_chem_comp.formula 
_chem_comp.formula_weight 
ALA 'L-peptide linking' y ALANINE                                  ?             'C3 H7 N O2'     89.093  
ARG 'L-peptide linking' y ARGININE                                 ?             'C6 H15 N4 O2 1' 175.209 
ASN 'L-peptide linking' y ASPARAGINE                               ?             'C4 H8 N2 O3'    132.118 
ASP 'L-peptide linking' y 'ASPARTIC ACID'                          ?             'C4 H7 N O4'     133.103 
BME non-polymer         . BETA-MERCAPTOETHANOL                     ?             'C2 H6 O S'      78.133  
CYS 'L-peptide linking' y CYSTEINE                                 ?             'C3 H7 N O2 S'   121.158 
GLN 'L-peptide linking' y GLUTAMINE                                ?             'C5 H10 N2 O3'   146.144 
GLU 'L-peptide linking' y 'GLUTAMIC ACID'                          ?             'C5 H9 N O4'     147.129 
GLY 'peptide linking'   y GLYCINE                                  ?             'C2 H5 N O2'     75.067  
HIS 'L-peptide linking' y HISTIDINE                                ?             'C6 H10 N3 O2 1' 156.162 
HOH non-polymer         . WATER                                    ?             'H2 O'           18.015  
ILE 'L-peptide linking' y ISOLEUCINE                               ?             'C6 H13 N O2'    131.173 
LEU 'L-peptide linking' y LEUCINE                                  ?             'C6 H13 N O2'    131.173 
LYS 'L-peptide linking' y LYSINE                                   ?             'C6 H15 N2 O2 1' 147.195 
MET 'L-peptide linking' y METHIONINE                               ?             'C5 H11 N O2 S'  149.211 
PHE 'L-peptide linking' y PHENYLALANINE                            ?             'C9 H11 N O2'    165.189 
PRO 'L-peptide linking' y PROLINE                                  ?             'C5 H9 N O2'     115.130 
SER 'L-peptide linking' y SERINE                                   ?             'C3 H7 N O3'     105.093 
THR 'L-peptide linking' y THREONINE                                ?             'C4 H9 N O3'     119.119 
TRP 'L-peptide linking' y TRYPTOPHAN                               ?             'C11 H12 N2 O2'  204.225 
TRS non-polymer         . 2-AMINO-2-HYDROXYMETHYL-PROPANE-1,3-DIOL 'TRIS BUFFER' 'C4 H12 N O3 1'  122.143 
TYR 'L-peptide linking' y TYROSINE                                 ?             'C9 H11 N O3'    181.189 
VAL 'L-peptide linking' y VALINE                                   ?             'C5 H11 N O2'    117.146 
Y8J non-polymer         . 3-butylpyridine                          ?             'C9 H13 N'       135.206 
# 
_exptl.absorpt_coefficient_mu     ? 
_exptl.absorpt_correction_T_max   ? 
_exptl.absorpt_correction_T_min   ? 
_exptl.absorpt_correction_type    ? 
_exptl.absorpt_process_details    ? 
_exptl.entry_id                   7LOG 
_exptl.crystals_number            1 
_exptl.details                    ? 
_exptl.method                     'X-RAY DIFFRACTION' 
_exptl.method_details             ? 
# 
_exptl_crystal.colour                      ? 
_exptl_crystal.density_diffrn              ? 
_exptl_crystal.density_Matthews            2.56 
_exptl_crystal.density_method              ? 
_exptl_crystal.density_percent_sol         51.90 
_exptl_crystal.description                 ? 
_exptl_crystal.F_000                       ? 
_exptl_crystal.id                          1 
_exptl_crystal.preparation                 ? 
_exptl_crystal.size_max                    ? 
_exptl_crystal.size_mid                    ? 
_exptl_crystal.size_min                    ? 
_exptl_crystal.size_rad                    ? 
_exptl_crystal.colour_lustre               ? 
_exptl_crystal.colour_modifier             ? 
_exptl_crystal.colour_primary              ? 
_exptl_crystal.density_meas                ? 
_exptl_crystal.density_meas_esd            ? 
_exptl_crystal.density_meas_gt             ? 
_exptl_crystal.density_meas_lt             ? 
_exptl_crystal.density_meas_temp           ? 
_exptl_crystal.density_meas_temp_esd       ? 
_exptl_crystal.density_meas_temp_gt        ? 
_exptl_crystal.density_meas_temp_lt        ? 
_exptl_crystal.pdbx_crystal_image_url      ? 
_exptl_crystal.pdbx_crystal_image_format   ? 
_exptl_crystal.pdbx_mosaicity              ? 
_exptl_crystal.pdbx_mosaicity_esd          ? 
# 
_exptl_crystal_grow.apparatus       ? 
_exptl_crystal_grow.atmosphere      ? 
_exptl_crystal_grow.crystal_id      1 
_exptl_crystal_grow.details         ? 
_exptl_crystal_grow.method          'VAPOR DIFFUSION, HANGING DROP' 
_exptl_crystal_grow.method_ref      ? 
_exptl_crystal_grow.pH              ? 
_exptl_crystal_grow.pressure        ? 
_exptl_crystal_grow.pressure_esd    ? 
_exptl_crystal_grow.seeding         ? 
_exptl_crystal_grow.seeding_ref     ? 
_exptl_crystal_grow.temp            294 
_exptl_crystal_grow.temp_details    ? 
_exptl_crystal_grow.temp_esd        ? 
_exptl_crystal_grow.time            ? 
_exptl_crystal_grow.pdbx_details    'Isopropanol, PEG 4000, Tris-Cl pH 8.0, Beta-mercaptoethanol,  2-hyrdoxyethyl disulfide' 
_exptl_crystal_grow.pdbx_pH_range   ? 
# 
_diffrn.ambient_environment              ? 
_diffrn.ambient_temp                     100 
_diffrn.ambient_temp_details             ? 
_diffrn.ambient_temp_esd                 ? 
_diffrn.crystal_id                       1 
_diffrn.crystal_support                  ? 
_diffrn.crystal_treatment                ? 
_diffrn.details                          ? 
_diffrn.id                               1 
_diffrn.ambient_pressure                 ? 
_diffrn.ambient_pressure_esd             ? 
_diffrn.ambient_pressure_gt              ? 
_diffrn.ambient_pressure_lt              ? 
_diffrn.ambient_temp_gt                  ? 
_diffrn.ambient_temp_lt                  ? 
_diffrn.pdbx_serial_crystal_experiment   N 
# 
_diffrn_detector.details                      ? 
_diffrn_detector.detector                     PIXEL 
_diffrn_detector.diffrn_id                    1 
_diffrn_detector.type                         'DECTRIS PILATUS3 S 6M' 
_diffrn_detector.area_resol_mean              ? 
_diffrn_detector.dtime                        ? 
_diffrn_detector.pdbx_frames_total            ? 
_diffrn_detector.pdbx_collection_time_total   ? 
_diffrn_detector.pdbx_collection_date         2020-11-24 
_diffrn_detector.pdbx_frequency               ? 
# 
_diffrn_radiation.collimation                      ? 
_diffrn_radiation.diffrn_id                        1 
_diffrn_radiation.filter_edge                      ? 
_diffrn_radiation.inhomogeneity                    ? 
_diffrn_radiation.monochromator                    M 
_diffrn_radiation.polarisn_norm                    ? 
_diffrn_radiation.polarisn_ratio                   ? 
_diffrn_radiation.probe                            ? 
_diffrn_radiation.type                             ? 
_diffrn_radiation.xray_symbol                      ? 
_diffrn_radiation.wavelength_id                    1 
_diffrn_radiation.pdbx_monochromatic_or_laue_m_l   M 
_diffrn_radiation.pdbx_wavelength_list             ? 
_diffrn_radiation.pdbx_wavelength                  ? 
_diffrn_radiation.pdbx_diffrn_protocol             'SINGLE WAVELENGTH' 
_diffrn_radiation.pdbx_analyzer                    ? 
_diffrn_radiation.pdbx_scattering_type             x-ray 
# 
_diffrn_radiation_wavelength.id           1 
_diffrn_radiation_wavelength.wavelength   0.9539 
_diffrn_radiation_wavelength.wt           1.0 
# 
_diffrn_source.current                     ? 
_diffrn_source.details                     ? 
_diffrn_source.diffrn_id                   1 
_diffrn_source.power                       ? 
_diffrn_source.size                        ? 
_diffrn_source.source                      SYNCHROTRON 
_diffrn_source.target                      ? 
_diffrn_source.type                        'ALS BEAMLINE 8.3.1' 
_diffrn_source.voltage                     ? 
_diffrn_source.take-off_angle              ? 
_diffrn_source.pdbx_wavelength_list        0.9539 
_diffrn_source.pdbx_wavelength             ? 
_diffrn_source.pdbx_synchrotron_beamline   8.3.1 
_diffrn_source.pdbx_synchrotron_site       ALS 
# 
_reflns.B_iso_Wilson_estimate                          11.960 
_reflns.entry_id                                       7LOG 
_reflns.data_reduction_details                         ? 
_reflns.data_reduction_method                          ? 
_reflns.d_resolution_high                              0.990 
_reflns.d_resolution_low                               52.180 
_reflns.details                                        ? 
_reflns.limit_h_max                                    ? 
_reflns.limit_h_min                                    ? 
_reflns.limit_k_max                                    ? 
_reflns.limit_k_min                                    ? 
_reflns.limit_l_max                                    ? 
_reflns.limit_l_min                                    ? 
_reflns.number_all                                     ? 
_reflns.number_obs                                     108816 
_reflns.observed_criterion                             ? 
_reflns.observed_criterion_F_max                       ? 
_reflns.observed_criterion_F_min                       ? 
_reflns.observed_criterion_I_max                       ? 
_reflns.observed_criterion_I_min                       ? 
_reflns.observed_criterion_sigma_F                     ? 
_reflns.observed_criterion_sigma_I                     ? 
_reflns.percent_possible_obs                           96.600 
_reflns.R_free_details                                 ? 
_reflns.Rmerge_F_all                                   ? 
_reflns.Rmerge_F_obs                                   ? 
_reflns.Friedel_coverage                               ? 
_reflns.number_gt                                      ? 
_reflns.threshold_expression                           ? 
_reflns.pdbx_redundancy                                16.500 
_reflns.pdbx_Rmerge_I_obs                              0.036 
_reflns.pdbx_Rmerge_I_all                              ? 
_reflns.pdbx_Rsym_value                                ? 
_reflns.pdbx_netI_over_av_sigmaI                       ? 
_reflns.pdbx_netI_over_sigmaI                          30.200 
_reflns.pdbx_res_netI_over_av_sigmaI_2                 ? 
_reflns.pdbx_res_netI_over_sigmaI_2                    ? 
_reflns.pdbx_chi_squared                               ? 
_reflns.pdbx_scaling_rejects                           290 
_reflns.pdbx_d_res_high_opt                            ? 
_reflns.pdbx_d_res_low_opt                             ? 
_reflns.pdbx_d_res_opt_method                          ? 
_reflns.phase_calculation_details                      ? 
_reflns.pdbx_Rrim_I_all                                0.037 
_reflns.pdbx_Rpim_I_all                                0.009 
_reflns.pdbx_d_opt                                     ? 
_reflns.pdbx_number_measured_all                       1792794 
_reflns.pdbx_diffrn_id                                 1 
_reflns.pdbx_ordinal                                   1 
_reflns.pdbx_CC_half                                   1.000 
_reflns.pdbx_CC_star                                   ? 
_reflns.pdbx_R_split                                   ? 
_reflns.pdbx_aniso_diffraction_limit_axis_1_ortho[1]   ? 
_reflns.pdbx_aniso_diffraction_limit_axis_1_ortho[2]   ? 
_reflns.pdbx_aniso_diffraction_limit_axis_1_ortho[3]   ? 
_reflns.pdbx_aniso_diffraction_limit_axis_2_ortho[1]   ? 
_reflns.pdbx_aniso_diffraction_limit_axis_2_ortho[2]   ? 
_reflns.pdbx_aniso_diffraction_limit_axis_2_ortho[3]   ? 
_reflns.pdbx_aniso_diffraction_limit_axis_3_ortho[1]   ? 
_reflns.pdbx_aniso_diffraction_limit_axis_3_ortho[2]   ? 
_reflns.pdbx_aniso_diffraction_limit_axis_3_ortho[3]   ? 
_reflns.pdbx_aniso_diffraction_limit_1                 ? 
_reflns.pdbx_aniso_diffraction_limit_2                 ? 
_reflns.pdbx_aniso_diffraction_limit_3                 ? 
_reflns.pdbx_aniso_B_tensor_eigenvector_1_ortho[1]     ? 
_reflns.pdbx_aniso_B_tensor_eigenvector_1_ortho[2]     ? 
_reflns.pdbx_aniso_B_tensor_eigenvector_1_ortho[3]     ? 
_reflns.pdbx_aniso_B_tensor_eigenvector_2_ortho[1]     ? 
_reflns.pdbx_aniso_B_tensor_eigenvector_2_ortho[2]     ? 
_reflns.pdbx_aniso_B_tensor_eigenvector_2_ortho[3]     ? 
_reflns.pdbx_aniso_B_tensor_eigenvector_3_ortho[1]     ? 
_reflns.pdbx_aniso_B_tensor_eigenvector_3_ortho[2]     ? 
_reflns.pdbx_aniso_B_tensor_eigenvector_3_ortho[3]     ? 
_reflns.pdbx_aniso_B_tensor_eigenvalue_1               ? 
_reflns.pdbx_aniso_B_tensor_eigenvalue_2               ? 
_reflns.pdbx_aniso_B_tensor_eigenvalue_3               ? 
_reflns.pdbx_orthogonalization_convention              ? 
_reflns.pdbx_percent_possible_ellipsoidal              ? 
_reflns.pdbx_percent_possible_spherical                ? 
_reflns.pdbx_percent_possible_ellipsoidal_anomalous    ? 
_reflns.pdbx_percent_possible_spherical_anomalous      ? 
_reflns.pdbx_redundancy_anomalous                      ? 
_reflns.pdbx_CC_half_anomalous                         ? 
_reflns.pdbx_absDiff_over_sigma_anomalous              ? 
_reflns.pdbx_percent_possible_anomalous                ? 
_reflns.pdbx_observed_signal_threshold                 ? 
_reflns.pdbx_signal_type                               ? 
_reflns.pdbx_signal_details                            ? 
_reflns.pdbx_signal_software_id                        ? 
# 
loop_
_reflns_shell.d_res_high 
_reflns_shell.d_res_low 
_reflns_shell.meanI_over_sigI_all 
_reflns_shell.meanI_over_sigI_obs 
_reflns_shell.number_measured_all 
_reflns_shell.number_measured_obs 
_reflns_shell.number_possible 
_reflns_shell.number_unique_all 
_reflns_shell.number_unique_obs 
_reflns_shell.percent_possible_all 
_reflns_shell.percent_possible_obs 
_reflns_shell.Rmerge_F_all 
_reflns_shell.Rmerge_F_obs 
_reflns_shell.Rmerge_I_all 
_reflns_shell.Rmerge_I_obs 
_reflns_shell.meanI_over_sigI_gt 
_reflns_shell.meanI_over_uI_all 
_reflns_shell.meanI_over_uI_gt 
_reflns_shell.number_measured_gt 
_reflns_shell.number_unique_gt 
_reflns_shell.percent_possible_gt 
_reflns_shell.Rmerge_F_gt 
_reflns_shell.Rmerge_I_gt 
_reflns_shell.pdbx_redundancy 
_reflns_shell.pdbx_Rsym_value 
_reflns_shell.pdbx_chi_squared 
_reflns_shell.pdbx_netI_over_sigmaI_all 
_reflns_shell.pdbx_netI_over_sigmaI_obs 
_reflns_shell.pdbx_Rrim_I_all 
_reflns_shell.pdbx_Rpim_I_all 
_reflns_shell.pdbx_rejects 
_reflns_shell.pdbx_ordinal 
_reflns_shell.pdbx_diffrn_id 
_reflns_shell.pdbx_CC_half 
_reflns_shell.pdbx_CC_star 
_reflns_shell.pdbx_R_split 
_reflns_shell.pdbx_percent_possible_ellipsoidal 
_reflns_shell.pdbx_percent_possible_spherical 
_reflns_shell.pdbx_percent_possible_ellipsoidal_anomalous 
_reflns_shell.pdbx_percent_possible_spherical_anomalous 
_reflns_shell.pdbx_redundancy_anomalous 
_reflns_shell.pdbx_CC_half_anomalous 
_reflns_shell.pdbx_absDiff_over_sigma_anomalous 
_reflns_shell.pdbx_percent_possible_anomalous 
0.990 1.010  ? ? 18829 ? ? ? 3787 69.100 ? ? ? ? 0.862 ? ? ? ? ? ? ? ? 5.000  ? ? ? 1.900  0.963 0.414 ? 1 1 0.724 ? ? ? ? ? ? ? ? 
? ? 
5.420 52.180 ? ? 14482 ? ? ? 800  99.900 ? ? ? ? 0.023 ? ? ? ? ? ? ? ? 18.100 ? ? ? 92.800 0.024 0.006 ? 2 1 1.000 ? ? ? ? ? ? ? ? 
? ? 
# 
_refine.aniso_B[1][1]                            ? 
_refine.aniso_B[1][2]                            ? 
_refine.aniso_B[1][3]                            ? 
_refine.aniso_B[2][2]                            ? 
_refine.aniso_B[2][3]                            ? 
_refine.aniso_B[3][3]                            ? 
_refine.B_iso_max                                34.150 
_refine.B_iso_mean                               13.7836 
_refine.B_iso_min                                7.450 
_refine.correlation_coeff_Fo_to_Fc               ? 
_refine.correlation_coeff_Fo_to_Fc_free          ? 
_refine.details                                  ? 
_refine.diff_density_max                         ? 
_refine.diff_density_max_esd                     ? 
_refine.diff_density_min                         ? 
_refine.diff_density_min_esd                     ? 
_refine.diff_density_rms                         ? 
_refine.diff_density_rms_esd                     ? 
_refine.entry_id                                 7LOG 
_refine.pdbx_refine_id                           'X-RAY DIFFRACTION' 
_refine.ls_abs_structure_details                 ? 
_refine.ls_abs_structure_Flack                   ? 
_refine.ls_abs_structure_Flack_esd               ? 
_refine.ls_abs_structure_Rogers                  ? 
_refine.ls_abs_structure_Rogers_esd              ? 
_refine.ls_d_res_high                            0.9900 
_refine.ls_d_res_low                             52.1760 
_refine.ls_extinction_coef                       ? 
_refine.ls_extinction_coef_esd                   ? 
_refine.ls_extinction_expression                 ? 
_refine.ls_extinction_method                     ? 
_refine.ls_goodness_of_fit_all                   ? 
_refine.ls_goodness_of_fit_all_esd               ? 
_refine.ls_goodness_of_fit_obs                   ? 
_refine.ls_goodness_of_fit_obs_esd               ? 
_refine.ls_hydrogen_treatment                    ? 
_refine.ls_matrix_type                           ? 
_refine.ls_number_constraints                    ? 
_refine.ls_number_parameters                     ? 
_refine.ls_number_reflns_all                     ? 
_refine.ls_number_reflns_obs                     108714 
_refine.ls_number_reflns_R_free                  5610 
_refine.ls_number_reflns_R_work                  103104 
_refine.ls_number_restraints                     ? 
_refine.ls_percent_reflns_obs                    96.4700 
_refine.ls_percent_reflns_R_free                 5.1600 
_refine.ls_R_factor_all                          ? 
_refine.ls_R_factor_obs                          0.1976 
_refine.ls_R_factor_R_free                       0.1996 
_refine.ls_R_factor_R_free_error                 ? 
_refine.ls_R_factor_R_free_error_details         ? 
_refine.ls_R_factor_R_work                       0.1975 
_refine.ls_R_Fsqd_factor_obs                     ? 
_refine.ls_R_I_factor_obs                        ? 
_refine.ls_redundancy_reflns_all                 ? 
_refine.ls_redundancy_reflns_obs                 ? 
_refine.ls_restrained_S_all                      ? 
_refine.ls_restrained_S_obs                      ? 
_refine.ls_shift_over_esd_max                    ? 
_refine.ls_shift_over_esd_mean                   ? 
_refine.ls_structure_factor_coef                 ? 
_refine.ls_weighting_details                     ? 
_refine.ls_weighting_scheme                      ? 
_refine.ls_wR_factor_all                         ? 
_refine.ls_wR_factor_obs                         ? 
_refine.ls_wR_factor_R_free                      ? 
_refine.ls_wR_factor_R_work                      ? 
_refine.occupancy_max                            ? 
_refine.occupancy_min                            ? 
_refine.solvent_model_details                    'FLAT BULK SOLVENT MODEL' 
_refine.solvent_model_param_bsol                 ? 
_refine.solvent_model_param_ksol                 ? 
_refine.pdbx_R_complete                          ? 
_refine.ls_R_factor_gt                           ? 
_refine.ls_goodness_of_fit_gt                    ? 
_refine.ls_goodness_of_fit_ref                   ? 
_refine.ls_shift_over_su_max                     ? 
_refine.ls_shift_over_su_max_lt                  ? 
_refine.ls_shift_over_su_mean                    ? 
_refine.ls_shift_over_su_mean_lt                 ? 
_refine.pdbx_ls_sigma_I                          ? 
_refine.pdbx_ls_sigma_F                          1.340 
_refine.pdbx_ls_sigma_Fsqd                       ? 
_refine.pdbx_data_cutoff_high_absF               ? 
_refine.pdbx_data_cutoff_high_rms_absF           ? 
_refine.pdbx_data_cutoff_low_absF                ? 
_refine.pdbx_isotropic_thermal_model             ? 
_refine.pdbx_ls_cross_valid_method               THROUGHOUT 
_refine.pdbx_method_to_determine_struct          'MOLECULAR REPLACEMENT' 
_refine.pdbx_starting_model                      4W57 
_refine.pdbx_stereochemistry_target_values       ML 
_refine.pdbx_R_Free_selection_details            ? 
_refine.pdbx_stereochem_target_val_spec_case     ? 
_refine.pdbx_overall_ESU_R                       ? 
_refine.pdbx_overall_ESU_R_Free                  ? 
_refine.pdbx_solvent_vdw_probe_radii             1.1100 
_refine.pdbx_solvent_ion_probe_radii             ? 
_refine.pdbx_solvent_shrinkage_radii             0.9000 
_refine.pdbx_real_space_R                        ? 
_refine.pdbx_density_correlation                 ? 
_refine.pdbx_pd_number_of_powder_patterns        ? 
_refine.pdbx_pd_number_of_points                 ? 
_refine.pdbx_pd_meas_number_of_points            ? 
_refine.pdbx_pd_proc_ls_prof_R_factor            ? 
_refine.pdbx_pd_proc_ls_prof_wR_factor           ? 
_refine.pdbx_pd_Marquardt_correlation_coeff      ? 
_refine.pdbx_pd_Fsqrd_R_factor                   ? 
_refine.pdbx_pd_ls_matrix_band_width             ? 
_refine.pdbx_overall_phase_error                 20.1700 
_refine.pdbx_overall_SU_R_free_Cruickshank_DPI   ? 
_refine.pdbx_overall_SU_R_free_Blow_DPI          ? 
_refine.pdbx_overall_SU_R_Blow_DPI               ? 
_refine.pdbx_TLS_residual_ADP_flag               ? 
_refine.pdbx_diffrn_id                           1 
_refine.overall_SU_B                             ? 
_refine.overall_SU_ML                            0.0700 
_refine.overall_SU_R_Cruickshank_DPI             ? 
_refine.overall_SU_R_free                        ? 
_refine.overall_FOM_free_R_set                   ? 
_refine.overall_FOM_work_R_set                   ? 
_refine.pdbx_average_fsc_overall                 ? 
_refine.pdbx_average_fsc_work                    ? 
_refine.pdbx_average_fsc_free                    ? 
# 
_refine_hist.pdbx_refine_id                   'X-RAY DIFFRACTION' 
_refine_hist.cycle_id                         final 
_refine_hist.details                          ? 
_refine_hist.d_res_high                       0.9900 
_refine_hist.d_res_low                        52.1760 
_refine_hist.number_atoms_solvent             143 
_refine_hist.number_atoms_total               1450 
_refine_hist.number_reflns_all                ? 
_refine_hist.number_reflns_obs                ? 
_refine_hist.number_reflns_R_free             ? 
_refine_hist.number_reflns_R_work             ? 
_refine_hist.R_factor_all                     ? 
_refine_hist.R_factor_obs                     ? 
_refine_hist.R_factor_R_free                  ? 
_refine_hist.R_factor_R_work                  ? 
_refine_hist.pdbx_number_residues_total       161 
_refine_hist.pdbx_B_iso_mean_ligand           17.44 
_refine_hist.pdbx_B_iso_mean_solvent          20.15 
_refine_hist.pdbx_number_atoms_protein        1277 
_refine_hist.pdbx_number_atoms_nucleic_acid   0 
_refine_hist.pdbx_number_atoms_ligand         30 
_refine_hist.pdbx_number_atoms_lipid          ? 
_refine_hist.pdbx_number_atoms_carb           ? 
_refine_hist.pdbx_pseudo_atom_details         ? 
# 
loop_
_refine_ls_restr.pdbx_refine_id 
_refine_ls_restr.criterion 
_refine_ls_restr.dev_ideal 
_refine_ls_restr.dev_ideal_target 
_refine_ls_restr.number 
_refine_ls_restr.rejects 
_refine_ls_restr.type 
_refine_ls_restr.weight 
_refine_ls_restr.pdbx_restraint_function 
'X-RAY DIFFRACTION' ? 0.004 ? 1363 ? f_bond_d           ? ? 
'X-RAY DIFFRACTION' ? 0.774 ? 1828 ? f_angle_d          ? ? 
'X-RAY DIFFRACTION' ? 0.065 ? 199  ? f_chiral_restr     ? ? 
'X-RAY DIFFRACTION' ? 0.005 ? 233  ? f_plane_restr      ? ? 
'X-RAY DIFFRACTION' ? 3.489 ? 1132 ? f_dihedral_angle_d ? ? 
# 
loop_
_refine_ls_shell.pdbx_refine_id 
_refine_ls_shell.d_res_high 
_refine_ls_shell.d_res_low 
_refine_ls_shell.number_reflns_all 
_refine_ls_shell.number_reflns_obs 
_refine_ls_shell.number_reflns_R_free 
_refine_ls_shell.number_reflns_R_work 
_refine_ls_shell.percent_reflns_obs 
_refine_ls_shell.percent_reflns_R_free 
_refine_ls_shell.R_factor_all 
_refine_ls_shell.R_factor_obs 
_refine_ls_shell.R_factor_R_free 
_refine_ls_shell.R_factor_R_free_error 
_refine_ls_shell.R_factor_R_work 
_refine_ls_shell.redundancy_reflns_all 
_refine_ls_shell.redundancy_reflns_obs 
_refine_ls_shell.wR_factor_all 
_refine_ls_shell.wR_factor_obs 
_refine_ls_shell.wR_factor_R_free 
_refine_ls_shell.wR_factor_R_work 
_refine_ls_shell.pdbx_R_complete 
_refine_ls_shell.pdbx_total_number_of_bins_used 
_refine_ls_shell.pdbx_phase_error 
_refine_ls_shell.pdbx_fsc_work 
_refine_ls_shell.pdbx_fsc_free 
'X-RAY DIFFRACTION' 0.9900 1.0013  . . 152 2326 66.0000  . . . 0.2904 0.0000 0.2925 . . . . . . . . . . . 
'X-RAY DIFFRACTION' 1.0013 1.0130  . . 129 2652 75.0000  . . . 0.2482 0.0000 0.2798 . . . . . . . . . . . 
'X-RAY DIFFRACTION' 1.0130 1.0254  . . 155 2839 82.0000  . . . 0.2691 0.0000 0.2627 . . . . . . . . . . . 
'X-RAY DIFFRACTION' 1.0254 1.0384  . . 163 3068 86.0000  . . . 0.2447 0.0000 0.2449 . . . . . . . . . . . 
'X-RAY DIFFRACTION' 1.0384 1.0520  . . 142 3210 91.0000  . . . 0.2277 0.0000 0.2401 . . . . . . . . . . . 
'X-RAY DIFFRACTION' 1.0520 1.0664  . . 184 3366 95.0000  . . . 0.2264 0.0000 0.2226 . . . . . . . . . . . 
'X-RAY DIFFRACTION' 1.0664 1.0817  . . 184 3489 98.0000  . . . 0.2148 0.0000 0.2170 . . . . . . . . . . . 
'X-RAY DIFFRACTION' 1.0817 1.0978  . . 190 3494 100.0000 . . . 0.2259 0.0000 0.2104 . . . . . . . . . . . 
'X-RAY DIFFRACTION' 1.0978 1.1150  . . 192 3574 100.0000 . . . 0.2175 0.0000 0.2037 . . . . . . . . . . . 
'X-RAY DIFFRACTION' 1.1150 1.1333  . . 218 3508 100.0000 . . . 0.2071 0.0000 0.1981 . . . . . . . . . . . 
'X-RAY DIFFRACTION' 1.1333 1.1528  . . 205 3481 100.0000 . . . 0.1922 0.0000 0.1955 . . . . . . . . . . . 
'X-RAY DIFFRACTION' 1.1528 1.1738  . . 177 3550 100.0000 . . . 0.2131 0.0000 0.1913 . . . . . . . . . . . 
'X-RAY DIFFRACTION' 1.1738 1.1964  . . 224 3499 100.0000 . . . 0.1966 0.0000 0.1926 . . . . . . . . . . . 
'X-RAY DIFFRACTION' 1.1964 1.2208  . . 202 3534 100.0000 . . . 0.1985 0.0000 0.1880 . . . . . . . . . . . 
'X-RAY DIFFRACTION' 1.2208 1.2473  . . 195 3566 100.0000 . . . 0.1950 0.0000 0.1900 . . . . . . . . . . . 
'X-RAY DIFFRACTION' 1.2473 1.2763  . . 184 3561 100.0000 . . . 0.1789 0.0000 0.1912 . . . . . . . . . . . 
'X-RAY DIFFRACTION' 1.2763 1.3083  . . 207 3527 100.0000 . . . 0.1976 0.0000 0.1877 . . . . . . . . . . . 
'X-RAY DIFFRACTION' 1.3083 1.3436  . . 218 3504 100.0000 . . . 0.1870 0.0000 0.1858 . . . . . . . . . . . 
'X-RAY DIFFRACTION' 1.3436 1.3832  . . 169 3578 100.0000 . . . 0.1845 0.0000 0.1878 . . . . . . . . . . . 
'X-RAY DIFFRACTION' 1.3832 1.4278  . . 181 3572 100.0000 . . . 0.1833 0.0000 0.1886 . . . . . . . . . . . 
'X-RAY DIFFRACTION' 1.4278 1.4789  . . 169 3573 100.0000 . . . 0.2076 0.0000 0.1891 . . . . . . . . . . . 
'X-RAY DIFFRACTION' 1.4789 1.5381  . . 202 3573 100.0000 . . . 0.1854 0.0000 0.1844 . . . . . . . . . . . 
'X-RAY DIFFRACTION' 1.5381 1.6081  . . 185 3564 100.0000 . . . 0.1839 0.0000 0.1818 . . . . . . . . . . . 
'X-RAY DIFFRACTION' 1.6081 1.6929  . . 178 3606 100.0000 . . . 0.2007 0.0000 0.1840 . . . . . . . . . . . 
'X-RAY DIFFRACTION' 1.6929 1.7989  . . 217 3569 100.0000 . . . 0.1918 0.0000 0.1917 . . . . . . . . . . . 
'X-RAY DIFFRACTION' 1.7989 1.9378  . . 207 3587 100.0000 . . . 0.2035 0.0000 0.1922 . . . . . . . . . . . 
'X-RAY DIFFRACTION' 1.9378 2.1328  . . 219 3573 100.0000 . . . 0.2022 0.0000 0.1906 . . . . . . . . . . . 
'X-RAY DIFFRACTION' 2.1328 2.4415  . . 176 3648 100.0000 . . . 0.1711 0.0000 0.1950 . . . . . . . . . . . 
'X-RAY DIFFRACTION' 2.4415 3.0760  . . 214 3648 100.0000 . . . 0.2130 0.0000 0.2171 . . . . . . . . . . . 
'X-RAY DIFFRACTION' 3.0760 52.1760 . . 172 3865 100.0000 . . . 0.2028 0.0000 0.1959 . . . . . . . . . . . 
# 
_struct.entry_id                     7LOG 
_struct.title                        'T4 lysozyme mutant L99A in complex with 3-butylpyridine' 
_struct.pdbx_model_details           ? 
_struct.pdbx_formula_weight          ? 
_struct.pdbx_formula_weight_method   ? 
_struct.pdbx_model_type_details      ? 
_struct.pdbx_CASP_flag               N 
# 
_struct_keywords.entry_id        7LOG 
_struct_keywords.text            'mutant, lysozyme, small molecule, L99A, complex, PROTEIN BINDING, HYDROLASE' 
_struct_keywords.pdbx_keywords   'PROTEIN BINDING,HYDROLASE' 
# 
loop_
_struct_asym.id 
_struct_asym.pdbx_blank_PDB_chainid_flag 
_struct_asym.pdbx_modified 
_struct_asym.entity_id 
_struct_asym.details 
A N N 1 ? 
B N N 2 ? 
C N N 3 ? 
D N N 3 ? 
E N N 4 ? 
F N N 5 ? 
# 
loop_
_struct_conf.conf_type_id 
_struct_conf.id 
_struct_conf.pdbx_PDB_helix_id 
_struct_conf.beg_label_comp_id 
_struct_conf.beg_label_asym_id 
_struct_conf.beg_label_seq_id 
_struct_conf.pdbx_beg_PDB_ins_code 
_struct_conf.end_label_comp_id 
_struct_conf.end_label_asym_id 
_struct_conf.end_label_seq_id 
_struct_conf.pdbx_end_PDB_ins_code 
_struct_conf.beg_auth_comp_id 
_struct_conf.beg_auth_asym_id 
_struct_conf.beg_auth_seq_id 
_struct_conf.end_auth_comp_id 
_struct_conf.end_auth_asym_id 
_struct_conf.end_auth_seq_id 
_struct_conf.pdbx_PDB_helix_class 
_struct_conf.details 
_struct_conf.pdbx_PDB_helix_length 
HELX_P HELX_P1 AA1 ASN A 2   ? GLY A 12  ? ASN A 2   GLY A 12  1 ? 11 
HELX_P HELX_P2 AA2 SER A 38  ? GLY A 51  ? SER A 38  GLY A 51  1 ? 14 
HELX_P HELX_P3 AA3 THR A 59  ? ASN A 81  ? THR A 59  ASN A 81  1 ? 23 
HELX_P HELX_P4 AA4 LYS A 83  ? LEU A 91  ? LYS A 83  LEU A 91  1 ? 9  
HELX_P HELX_P5 AA5 ASP A 92  ? VAL A 111 ? ASP A 92  VAL A 111 1 ? 20 
HELX_P HELX_P6 AA6 PHE A 114 ? GLN A 123 ? PHE A 114 GLN A 123 1 ? 10 
HELX_P HELX_P7 AA7 ARG A 125 ? LYS A 135 ? ARG A 125 LYS A 135 1 ? 11 
HELX_P HELX_P8 AA8 SER A 136 ? THR A 142 ? SER A 136 THR A 142 1 ? 7  
HELX_P HELX_P9 AA9 THR A 142 ? GLY A 156 ? THR A 142 GLY A 156 1 ? 15 
# 
_struct_conf_type.id          HELX_P 
_struct_conf_type.criteria    ? 
_struct_conf_type.reference   ? 
# 
_struct_sheet.id               AA1 
_struct_sheet.type             ? 
_struct_sheet.number_strands   3 
_struct_sheet.details          ? 
# 
loop_
_struct_sheet_order.sheet_id 
_struct_sheet_order.range_id_1 
_struct_sheet_order.range_id_2 
_struct_sheet_order.offset 
_struct_sheet_order.sense 
AA1 1 2 ? anti-parallel 
AA1 2 3 ? anti-parallel 
# 
loop_
_struct_sheet_range.sheet_id 
_struct_sheet_range.id 
_struct_sheet_range.beg_label_comp_id 
_struct_sheet_range.beg_label_asym_id 
_struct_sheet_range.beg_label_seq_id 
_struct_sheet_range.pdbx_beg_PDB_ins_code 
_struct_sheet_range.end_label_comp_id 
_struct_sheet_range.end_label_asym_id 
_struct_sheet_range.end_label_seq_id 
_struct_sheet_range.pdbx_end_PDB_ins_code 
_struct_sheet_range.beg_auth_comp_id 
_struct_sheet_range.beg_auth_asym_id 
_struct_sheet_range.beg_auth_seq_id 
_struct_sheet_range.end_auth_comp_id 
_struct_sheet_range.end_auth_asym_id 
_struct_sheet_range.end_auth_seq_id 
AA1 1 ARG A 14 ? LYS A 19 ? ARG A 14 LYS A 19 
AA1 2 TYR A 25 ? GLY A 28 ? TYR A 25 GLY A 28 
AA1 3 HIS A 31 ? THR A 34 ? HIS A 31 THR A 34 
# 
loop_
_pdbx_struct_sheet_hbond.sheet_id 
_pdbx_struct_sheet_hbond.range_id_1 
_pdbx_struct_sheet_hbond.range_id_2 
_pdbx_struct_sheet_hbond.range_1_label_atom_id 
_pdbx_struct_sheet_hbond.range_1_label_comp_id 
_pdbx_struct_sheet_hbond.range_1_label_asym_id 
_pdbx_struct_sheet_hbond.range_1_label_seq_id 
_pdbx_struct_sheet_hbond.range_1_PDB_ins_code 
_pdbx_struct_sheet_hbond.range_1_auth_atom_id 
_pdbx_struct_sheet_hbond.range_1_auth_comp_id 
_pdbx_struct_sheet_hbond.range_1_auth_asym_id 
_pdbx_struct_sheet_hbond.range_1_auth_seq_id 
_pdbx_struct_sheet_hbond.range_2_label_atom_id 
_pdbx_struct_sheet_hbond.range_2_label_comp_id 
_pdbx_struct_sheet_hbond.range_2_label_asym_id 
_pdbx_struct_sheet_hbond.range_2_label_seq_id 
_pdbx_struct_sheet_hbond.range_2_PDB_ins_code 
_pdbx_struct_sheet_hbond.range_2_auth_atom_id 
_pdbx_struct_sheet_hbond.range_2_auth_comp_id 
_pdbx_struct_sheet_hbond.range_2_auth_asym_id 
_pdbx_struct_sheet_hbond.range_2_auth_seq_id 
AA1 1 2 N TYR A 18 ? N TYR A 18 O THR A 26 ? O THR A 26 
AA1 2 3 N TYR A 25 ? N TYR A 25 O LEU A 33 ? O LEU A 33 
# 
_atom_sites.entry_id                    7LOG 
_atom_sites.Cartn_transf_matrix[1][1]   ? 
_atom_sites.Cartn_transf_matrix[1][2]   ? 
_atom_sites.Cartn_transf_matrix[1][3]   ? 
_atom_sites.Cartn_transf_matrix[2][1]   ? 
_atom_sites.Cartn_transf_matrix[2][2]   ? 
_atom_sites.Cartn_transf_matrix[2][3]   ? 
_atom_sites.Cartn_transf_matrix[3][1]   ? 
_atom_sites.Cartn_transf_matrix[3][2]   ? 
_atom_sites.Cartn_transf_matrix[3][3]   ? 
_atom_sites.Cartn_transf_vector[1]      ? 
_atom_sites.Cartn_transf_vector[2]      ? 
_atom_sites.Cartn_transf_vector[3]      ? 
_atom_sites.fract_transf_matrix[1][1]   0.01786053 
_atom_sites.fract_transf_matrix[1][2]   -0.00306545 
_atom_sites.fract_transf_matrix[1][3]   0.00623955 
_atom_sites.fract_transf_matrix[2][1]   0.00292030 
_atom_sites.fract_transf_matrix[2][2]   -0.00746588 
_atom_sites.fract_transf_matrix[2][3]   0.01740885 
_atom_sites.fract_transf_matrix[3][1]   -0.00022181 
_atom_sites.fract_transf_matrix[3][2]   -0.00957305 
_atom_sites.fract_transf_matrix[3][3]   -0.00406825 
_atom_sites.fract_transf_vector[1]      -0.319438 
_atom_sites.fract_transf_vector[2]      0.229004 
_atom_sites.fract_transf_vector[3]      0.100115 
_atom_sites.solution_primary            ? 
_atom_sites.solution_secondary          ? 
_atom_sites.solution_hydrogens          ? 
_atom_sites.special_details             ? 
# 
loop_
_atom_type.symbol 
C 
N 
O 
S 
# 
loop_
_atom_site.group_PDB 
_atom_site.id 
_atom_site.type_symbol 
_atom_site.label_atom_id 
_atom_site.label_alt_id 
_atom_site.label_comp_id 
_atom_site.label_asym_id 
_atom_site.label_entity_id 
_atom_site.label_seq_id 
_atom_site.pdbx_PDB_ins_code 
_atom_site.Cartn_x 
_atom_site.Cartn_y 
_atom_site.Cartn_z 
_atom_site.occupancy 
_atom_site.B_iso_or_equiv 
_atom_site.pdbx_formal_charge 
_atom_site.auth_seq_id 
_atom_site.auth_comp_id 
_atom_site.auth_asym_id 
_atom_site.auth_atom_id 
_atom_site.pdbx_PDB_model_num 
ATOM   1    N N   . ASN A 1 2   ? 4.588   4.703   -12.833 1.00 10.72 ? 2   ASN A N   1 
ATOM   2    C CA  . ASN A 1 2   ? 3.301   4.032   -12.738 1.00 10.34 ? 2   ASN A CA  1 
ATOM   3    C C   . ASN A 1 2   ? 3.242   3.402   -11.353 1.00 9.25  ? 2   ASN A C   1 
ATOM   4    O O   . ASN A 1 2   ? 4.222   3.428   -10.606 1.00 9.51  ? 2   ASN A O   1 
ATOM   5    C CB  . ASN A 1 2   ? 3.111   3.012   -13.872 1.00 11.17 ? 2   ASN A CB  1 
ATOM   6    C CG  . ASN A 1 2   ? 4.164   1.915   -13.853 1.00 10.47 ? 2   ASN A CG  1 
ATOM   7    O OD1 . ASN A 1 2   ? 4.333   1.236   -12.841 1.00 10.64 ? 2   ASN A OD1 1 
ATOM   8    N ND2 . ASN A 1 2   ? 4.878   1.735   -14.966 1.00 12.36 ? 2   ASN A ND2 1 
ATOM   9    N N   . ILE A 1 3   ? 2.092   2.824   -11.011 1.00 9.28  ? 3   ILE A N   1 
ATOM   10   C CA  . ILE A 1 3   ? 1.897   2.308   -9.658  1.00 9.06  ? 3   ILE A CA  1 
ATOM   11   C C   . ILE A 1 3   ? 2.902   1.203   -9.332  1.00 8.69  ? 3   ILE A C   1 
ATOM   12   O O   . ILE A 1 3   ? 3.339   1.065   -8.182  1.00 9.03  ? 3   ILE A O   1 
ATOM   13   C CB  . ILE A 1 3   ? 0.436   1.854   -9.457  1.00 9.56  ? 3   ILE A CB  1 
ATOM   14   C CG1 . ILE A 1 3   ? 0.201   1.364   -8.021  1.00 9.63  ? 3   ILE A CG1 1 
ATOM   15   C CG2 . ILE A 1 3   ? 0.030   0.786   -10.470 1.00 10.83 ? 3   ILE A CG2 1 
ATOM   16   C CD1 . ILE A 1 3   ? 0.543   2.366   -6.943  1.00 9.70  ? 3   ILE A CD1 1 
ATOM   17   N N   . PHE A 1 4   ? 3.253   0.373   -10.320 1.00 8.90  ? 4   PHE A N   1 
ATOM   18   C CA  . PHE A 1 4   ? 4.201   -0.709  -10.060 1.00 9.31  ? 4   PHE A CA  1 
ATOM   19   C C   . PHE A 1 4   ? 5.579   -0.159  -9.722  1.00 9.60  ? 4   PHE A C   1 
ATOM   20   O O   . PHE A 1 4   ? 6.212   -0.601  -8.756  1.00 10.21 ? 4   PHE A O   1 
ATOM   21   C CB  . PHE A 1 4   ? 4.254   -1.682  -11.241 1.00 9.89  ? 4   PHE A CB  1 
ATOM   22   C CG  . PHE A 1 4   ? 2.950   -2.385  -11.484 1.00 10.06 ? 4   PHE A CG  1 
ATOM   23   C CD1 . PHE A 1 4   ? 2.612   -3.523  -10.779 1.00 13.51 ? 4   PHE A CD1 1 
ATOM   24   C CD2 . PHE A 1 4   ? 2.040   -1.878  -12.387 1.00 11.54 ? 4   PHE A CD2 1 
ATOM   25   C CE1 . PHE A 1 4   ? 1.394   -4.152  -10.994 1.00 14.85 ? 4   PHE A CE1 1 
ATOM   26   C CE2 . PHE A 1 4   ? 0.831   -2.498  -12.605 1.00 14.95 ? 4   PHE A CE2 1 
ATOM   27   C CZ  . PHE A 1 4   ? 0.504   -3.632  -11.905 1.00 14.75 ? 4   PHE A CZ  1 
ATOM   28   N N   . GLU A 1 5   ? 6.065   0.814   -10.502 1.00 10.06 ? 5   GLU A N   1 
ATOM   29   C CA  . GLU A 1 5   ? 7.371   1.401   -10.208 1.00 10.49 ? 5   GLU A CA  1 
ATOM   30   C C   . GLU A 1 5   ? 7.354   2.121   -8.866  1.00 9.73  ? 5   GLU A C   1 
ATOM   31   O O   . GLU A 1 5   ? 8.317   2.043   -8.094  1.00 10.31 ? 5   GLU A O   1 
ATOM   32   C CB  . GLU A 1 5   ? 7.800   2.365   -11.317 1.00 11.71 ? 5   GLU A CB  1 
ATOM   33   C CG  . GLU A 1 5   ? 8.121   1.708   -12.649 1.00 14.44 ? 5   GLU A CG  1 
ATOM   34   C CD  . GLU A 1 5   ? 8.610   2.702   -13.697 1.00 19.87 ? 5   GLU A CD  1 
ATOM   35   O OE1 . GLU A 1 5   ? 8.938   3.856   -13.337 1.00 23.36 ? 5   GLU A OE1 1 
ATOM   36   O OE2 . GLU A 1 5   ? 8.671   2.324   -14.887 1.00 24.44 ? 5   GLU A OE2 1 
ATOM   37   N N   . MET A 1 6   ? 6.261   2.827   -8.581  1.00 9.33  ? 6   MET A N   1 
ATOM   38   C CA  . MET A 1 6   ? 6.137   3.576   -7.336  1.00 9.03  ? 6   MET A CA  1 
ATOM   39   C C   . MET A 1 6   ? 6.213   2.649   -6.130  1.00 8.69  ? 6   MET A C   1 
ATOM   40   O O   . MET A 1 6   ? 7.006   2.867   -5.206  1.00 9.26  ? 6   MET A O   1 
ATOM   41   C CB  . MET A 1 6   ? 4.803   4.313   -7.357  1.00 9.09  ? 6   MET A CB  1 
ATOM   42   C CG  . MET A 1 6   ? 4.558   5.188   -6.148  1.00 9.06  ? 6   MET A CG  1 
ATOM   43   S SD  . MET A 1 6   ? 2.801   5.593   -6.044  1.00 9.15  ? 6   MET A SD  1 
ATOM   44   C CE  . MET A 1 6   ? 2.820   7.147   -5.127  1.00 10.39 ? 6   MET A CE  1 
ATOM   45   N N   . LEU A 1 7   ? 5.405   1.586   -6.135  1.00 9.19  ? 7   LEU A N   1 
ATOM   46   C CA  . LEU A 1 7   ? 5.413   0.662   -5.010  1.00 8.88  ? 7   LEU A CA  1 
ATOM   47   C C   . LEU A 1 7   ? 6.693   -0.163  -4.957  1.00 9.57  ? 7   LEU A C   1 
ATOM   48   O O   . LEU A 1 7   ? 7.139   -0.529  -3.868  1.00 10.23 ? 7   LEU A O   1 
ATOM   49   C CB  . LEU A 1 7   ? 4.172   -0.228  -5.037  1.00 9.49  ? 7   LEU A CB  1 
ATOM   50   C CG  . LEU A 1 7   ? 2.925   0.404   -4.418  1.00 9.45  ? 7   LEU A CG  1 
ATOM   51   C CD1 . LEU A 1 7   ? 1.698   -0.399  -4.789  1.00 9.83  ? 7   LEU A CD1 1 
ATOM   52   C CD2 . LEU A 1 7   ? 3.054   0.505   -2.902  1.00 9.63  ? 7   LEU A CD2 1 
ATOM   53   N N   . ARG A 1 8   ? 7.305   -0.466  -6.106  1.00 10.13 ? 8   ARG A N   1 
ATOM   54   C CA  . ARG A 1 8   ? 8.592   -1.156  -6.077  1.00 11.02 ? 8   ARG A CA  1 
ATOM   55   C C   . ARG A 1 8   ? 9.647   -0.313  -5.362  1.00 11.23 ? 8   ARG A C   1 
ATOM   56   O O   . ARG A 1 8   ? 10.474  -0.844  -4.609  1.00 12.28 ? 8   ARG A O   1 
ATOM   57   C CB  . ARG A 1 8   ? 9.025   -1.506  -7.503  1.00 11.76 ? 8   ARG A CB  1 
ATOM   58   C CG  . ARG A 1 8   ? 10.438  -2.044  -7.644  1.00 13.43 ? 8   ARG A CG  1 
ATOM   59   C CD  . ARG A 1 8   ? 10.652  -3.347  -6.896  1.00 15.12 ? 8   ARG A CD  1 
ATOM   60   N NE  . ARG A 1 8   ? 12.024  -3.819  -7.064  1.00 16.87 ? 8   ARG A NE  1 
ATOM   61   C CZ  . ARG A 1 8   ? 13.059  -3.358  -6.373  1.00 18.53 ? 8   ARG A CZ  1 
ATOM   62   N NH1 . ARG A 1 8   ? 12.885  -2.414  -5.460  1.00 18.52 ? 8   ARG A NH1 1 
ATOM   63   N NH2 . ARG A 1 8   ? 14.275  -3.840  -6.597  1.00 21.46 ? 8   ARG A NH2 1 
ATOM   64   N N   . ILE A 1 9   ? 9.624   1.003   -5.579  1.00 11.01 ? 9   ILE A N   1 
ATOM   65   C CA  . ILE A 1 9   ? 10.523  1.898   -4.854  1.00 11.85 ? 9   ILE A CA  1 
ATOM   66   C C   . ILE A 1 9   ? 10.209  1.873   -3.364  1.00 10.76 ? 9   ILE A C   1 
ATOM   67   O O   . ILE A 1 9   ? 11.104  1.744   -2.522  1.00 12.57 ? 9   ILE A O   1 
ATOM   68   C CB  . ILE A 1 9   ? 10.440  3.323   -5.432  1.00 11.89 ? 9   ILE A CB  1 
ATOM   69   C CG1 . ILE A 1 9   ? 11.102  3.373   -6.814  1.00 13.76 ? 9   ILE A CG1 1 
ATOM   70   C CG2 . ILE A 1 9   ? 11.044  4.353   -4.469  1.00 13.48 ? 9   ILE A CG2 1 
ATOM   71   C CD1 . ILE A 1 9   ? 10.766  4.620   -7.614  1.00 14.46 ? 9   ILE A CD1 1 
ATOM   72   N N   . ASP A 1 10  ? 8.926   1.993   -3.019  1.00 9.48  ? 10  ASP A N   1 
ATOM   73   C CA  . ASP A 1 10  ? 8.548   2.105   -1.614  1.00 9.36  ? 10  ASP A CA  1 
ATOM   74   C C   . ASP A 1 10  ? 8.740   0.803   -0.848  1.00 9.39  ? 10  ASP A C   1 
ATOM   75   O O   . ASP A 1 10  ? 9.023   0.835   0.355   1.00 11.62 ? 10  ASP A O   1 
ATOM   76   C CB  . ASP A 1 10  ? 7.102   2.583   -1.489  1.00 9.72  ? 10  ASP A CB  1 
ATOM   77   C CG  . ASP A 1 10  ? 6.945   4.061   -1.798  1.00 9.15  ? 10  ASP A CG  1 
ATOM   78   O OD1 . ASP A 1 10  ? 7.926   4.818   -1.617  1.00 10.00 ? 10  ASP A OD1 1 
ATOM   79   O OD2 . ASP A 1 10  ? 5.830   4.461   -2.206  1.00 10.28 ? 10  ASP A OD2 1 
ATOM   80   N N   . GLU A 1 11  ? 8.591   -0.343  -1.509  1.00 9.28  ? 11  GLU A N   1 
ATOM   81   C CA  . GLU A 1 11  ? 8.607   -1.630  -0.822  1.00 9.32  ? 11  GLU A CA  1 
ATOM   82   C C   . GLU A 1 11  ? 9.916   -2.397  -0.965  1.00 10.31 ? 11  GLU A C   1 
ATOM   83   O O   . GLU A 1 11  ? 10.188  -3.283  -0.145  1.00 11.78 ? 11  GLU A O   1 
ATOM   84   C CB  . GLU A 1 11  ? 7.466   -2.527  -1.319  1.00 10.34 ? 11  GLU A CB  1 
ATOM   85   C CG  . GLU A 1 11  ? 6.073   -1.948  -1.111  1.00 10.59 ? 11  GLU A CG  1 
ATOM   86   C CD  . GLU A 1 11  ? 5.640   -1.897  0.338   1.00 10.55 ? 11  GLU A CD  1 
ATOM   87   O OE1 . GLU A 1 11  ? 6.228   -2.619  1.182   1.00 12.33 ? 11  GLU A OE1 1 
ATOM   88   O OE2 . GLU A 1 11  ? 4.687   -1.137  0.626   1.00 12.08 ? 11  GLU A OE2 1 
ATOM   89   N N   . GLY A 1 12  ? 10.720  -2.093  -1.966  1.00 10.82 ? 12  GLY A N   1 
ATOM   90   C CA  . GLY A 1 12  ? 11.912  -2.881  -2.209  1.00 11.62 ? 12  GLY A CA  1 
ATOM   91   C C   . GLY A 1 12  ? 11.571  -4.259  -2.765  1.00 10.55 ? 12  GLY A C   1 
ATOM   92   O O   . GLY A 1 12  ? 10.431  -4.566  -3.114  1.00 11.48 ? 12  GLY A O   1 
ATOM   93   N N   . LEU A 1 13  ? 12.599  -5.102  -2.833  1.00 11.80 ? 13  LEU A N   1 
ATOM   94   C CA  . LEU A 1 13  ? 12.449  -6.478  -3.295  1.00 12.36 ? 13  LEU A CA  1 
ATOM   95   C C   . LEU A 1 13  ? 13.361  -7.365  -2.467  1.00 12.70 ? 13  LEU A C   1 
ATOM   96   O O   . LEU A 1 13  ? 14.580  -7.166  -2.463  1.00 14.00 ? 13  LEU A O   1 
ATOM   97   C CB  . LEU A 1 13  ? 12.806  -6.601  -4.779  1.00 14.23 ? 13  LEU A CB  1 
ATOM   98   C CG  . LEU A 1 13  ? 12.916  -8.027  -5.319  1.00 14.65 ? 13  LEU A CG  1 
ATOM   99   C CD1 . LEU A 1 13  ? 11.569  -8.725  -5.280  1.00 14.40 ? 13  LEU A CD1 1 
ATOM   100  C CD2 . LEU A 1 13  ? 13.488  -8.029  -6.728  1.00 18.50 ? 13  LEU A CD2 1 
ATOM   101  N N   . ARG A 1 14  ? 12.773  -8.331  -1.764  1.00 11.93 ? 14  ARG A N   1 
ATOM   102  C CA  . ARG A 1 14  ? 13.527  -9.317  -1.000  1.00 12.77 ? 14  ARG A CA  1 
ATOM   103  C C   . ARG A 1 14  ? 12.954  -10.696 -1.289  1.00 11.67 ? 14  ARG A C   1 
ATOM   104  O O   . ARG A 1 14  ? 11.736  -10.881 -1.271  1.00 13.21 ? 14  ARG A O   1 
ATOM   105  C CB  . ARG A 1 14  ? 13.480  -9.000  0.500   1.00 14.83 ? 14  ARG A CB  1 
ATOM   106  C CG  . ARG A 1 14  ? 14.206  -7.707  0.854   1.00 17.07 ? 14  ARG A CG  1 
ATOM   107  C CD  . ARG A 1 14  ? 14.046  -7.318  2.321   1.00 20.15 ? 14  ARG A CD  1 
ATOM   108  N NE  . ARG A 1 14  ? 15.015  -7.997  3.179   1.00 23.15 ? 14  ARG A NE  1 
ATOM   109  C CZ  . ARG A 1 14  ? 15.178  -7.751  4.475   1.00 24.12 ? 14  ARG A CZ  1 
ATOM   110  N NH1 . ARG A 1 14  ? 14.435  -6.834  5.080   1.00 22.64 ? 14  ARG A NH1 1 
ATOM   111  N NH2 . ARG A 1 14  ? 16.084  -8.425  5.169   1.00 27.51 ? 14  ARG A NH2 1 
ATOM   112  N N   . LEU A 1 15  ? 13.826  -11.661 -1.559  1.00 11.36 ? 15  LEU A N   1 
ATOM   113  C CA  . LEU A 1 15  ? 13.392  -12.978 -2.004  1.00 12.49 ? 15  LEU A CA  1 
ATOM   114  C C   . LEU A 1 15  ? 13.263  -13.989 -0.869  1.00 11.41 ? 15  LEU A C   1 
ATOM   115  O O   . LEU A 1 15  ? 12.809  -15.110 -1.109  1.00 12.89 ? 15  LEU A O   1 
ATOM   116  C CB  . LEU A 1 15  ? 14.334  -13.505 -3.091  1.00 13.51 ? 15  LEU A CB  1 
ATOM   117  C CG  . LEU A 1 15  ? 14.417  -12.633 -4.348  1.00 14.84 ? 15  LEU A CG  1 
ATOM   118  C CD1 . LEU A 1 15  ? 15.263  -13.323 -5.411  1.00 17.77 ? 15  LEU A CD1 1 
ATOM   119  C CD2 . LEU A 1 15  ? 13.031  -12.308 -4.893  1.00 15.67 ? 15  LEU A CD2 1 
ATOM   120  N N   . LYS A 1 16  ? 13.637  -13.619 0.349   1.00 12.83 ? 16  LYS A N   1 
ATOM   121  C CA  . LYS A 1 16  ? 13.484  -14.458 1.527   1.00 12.29 ? 16  LYS A CA  1 
ATOM   122  C C   . LYS A 1 16  ? 12.563  -13.748 2.509   1.00 10.29 ? 16  LYS A C   1 
ATOM   123  O O   . LYS A 1 16  ? 12.510  -12.514 2.545   1.00 11.31 ? 16  LYS A O   1 
ATOM   124  C CB  . LYS A 1 16  ? 14.854  -14.705 2.177   1.00 14.83 ? 16  LYS A CB  1 
ATOM   125  C CG  . LYS A 1 16  ? 14.874  -15.654 3.358   1.00 20.90 ? 16  LYS A CG  1 
ATOM   126  C CD  . LYS A 1 16  ? 15.960  -15.237 4.344   1.00 23.39 ? 16  LYS A CD  1 
ATOM   127  C CE  . LYS A 1 16  ? 15.609  -15.652 5.756   1.00 23.48 ? 16  LYS A CE  1 
ATOM   128  N NZ  . LYS A 1 16  ? 14.149  -15.525 5.984   1.00 19.10 ? 16  LYS A NZ  1 
ATOM   129  N N   . ILE A 1 17  ? 11.849  -14.530 3.322   1.00 11.18 ? 17  ILE A N   1 
ATOM   130  C CA  . ILE A 1 17  ? 10.948  -13.953 4.316   1.00 10.27 ? 17  ILE A CA  1 
ATOM   131  C C   . ILE A 1 17  ? 11.705  -12.939 5.152   1.00 9.60  ? 17  ILE A C   1 
ATOM   132  O O   . ILE A 1 17  ? 12.827  -13.193 5.602   1.00 11.93 ? 17  ILE A O   1 
ATOM   133  C CB  . ILE A 1 17  ? 10.337  -15.063 5.192   1.00 11.03 ? 17  ILE A CB  1 
ATOM   134  C CG1 . ILE A 1 17  ? 9.380   -15.933 4.374   1.00 11.42 ? 17  ILE A CG1 1 
ATOM   135  C CG2 . ILE A 1 17  ? 9.613   -14.452 6.389   1.00 12.55 ? 17  ILE A CG2 1 
ATOM   136  C CD1 . ILE A 1 17  ? 8.754   -17.070 5.167   1.00 12.74 ? 17  ILE A CD1 1 
ATOM   137  N N   . TYR A 1 18  ? 11.096  -11.773 5.337   1.00 10.30 ? 18  TYR A N   1 
ATOM   138  C CA  . TYR A 1 18  ? 11.631  -10.689 6.137   1.00 11.93 ? 18  TYR A CA  1 
ATOM   139  C C   . TYR A 1 18  ? 10.506  -10.157 7.014   1.00 10.52 ? 18  TYR A C   1 
ATOM   140  O O   . TYR A 1 18  ? 9.361   -10.608 6.930   1.00 12.04 ? 18  TYR A O   1 
ATOM   141  C CB  . TYR A 1 18  ? 12.256  -9.590  5.260   1.00 13.08 ? 18  TYR A CB  1 
ATOM   142  C CG  . TYR A 1 18  ? 11.319  -8.833  4.318   1.00 11.64 ? 18  TYR A CG  1 
ATOM   143  C CD1 . TYR A 1 18  ? 10.979  -9.346  3.070   1.00 12.31 ? 18  TYR A CD1 1 
ATOM   144  C CD2 . TYR A 1 18  ? 10.826  -7.578  4.655   1.00 12.12 ? 18  TYR A CD2 1 
ATOM   145  C CE1 . TYR A 1 18  ? 10.151  -8.644  2.204   1.00 11.53 ? 18  TYR A CE1 1 
ATOM   146  C CE2 . TYR A 1 18  ? 9.990   -6.877  3.787   1.00 12.39 ? 18  TYR A CE2 1 
ATOM   147  C CZ  . TYR A 1 18  ? 9.663   -7.409  2.561   1.00 12.34 ? 18  TYR A CZ  1 
ATOM   148  O OH  . TYR A 1 18  ? 8.844   -6.724  1.685   1.00 12.37 ? 18  TYR A OH  1 
ATOM   149  N N   . LYS A 1 19  ? 10.820  -9.192  7.863   1.00 12.86 ? 19  LYS A N   1 
ATOM   150  C CA  . LYS A 1 19  ? 9.803   -8.529  8.661   1.00 12.30 ? 19  LYS A CA  1 
ATOM   151  C C   . LYS A 1 19  ? 9.595   -7.115  8.144   1.00 12.12 ? 19  LYS A C   1 
ATOM   152  O O   . LYS A 1 19  ? 10.560  -6.409  7.822   1.00 13.88 ? 19  LYS A O   1 
ATOM   153  C CB  . LYS A 1 19  ? 10.199  -8.489  10.135  1.00 14.06 ? 19  LYS A CB  1 
ATOM   154  C CG  . LYS A 1 19  ? 10.070  -9.830  10.827  1.00 14.80 ? 19  LYS A CG  1 
ATOM   155  C CD  . LYS A 1 19  ? 10.471  -9.727  12.280  1.00 15.27 ? 19  LYS A CD  1 
ATOM   156  C CE  . LYS A 1 19  ? 10.244  -11.035 13.012  1.00 16.84 ? 19  LYS A CE  1 
ATOM   157  N NZ  . LYS A 1 19  ? 10.586  -10.893 14.452  1.00 17.81 ? 19  LYS A NZ  1 
ATOM   158  N N   . ASP A 1 20  ? 8.332   -6.715  8.047   1.00 11.95 ? 20  ASP A N   1 
ATOM   159  C CA  . ASP A 1 20  ? 8.005   -5.365  7.606   1.00 12.22 ? 20  ASP A CA  1 
ATOM   160  C C   . ASP A 1 20  ? 8.282   -4.369  8.728   1.00 10.95 ? 20  ASP A C   1 
ATOM   161  O O   . ASP A 1 20  ? 8.797   -4.715  9.792   1.00 11.96 ? 20  ASP A O   1 
ATOM   162  C CB  . ASP A 1 20  ? 6.594   -5.303  7.017   1.00 12.70 ? 20  ASP A CB  1 
ATOM   163  C CG  . ASP A 1 20  ? 5.486   -5.391  8.067   1.00 11.83 ? 20  ASP A CG  1 
ATOM   164  O OD1 . ASP A 1 20  ? 5.768   -5.419  9.283   1.00 12.04 ? 20  ASP A OD1 1 
ATOM   165  O OD2 . ASP A 1 20  ? 4.302   -5.442  7.656   1.00 14.48 ? 20  ASP A OD2 1 
ATOM   166  N N   . THR A 1 21  ? 7.916   -3.108  8.504   1.00 10.88 ? 21  THR A N   1 
ATOM   167  C CA  . THR A 1 21  ? 8.207   -2.080  9.492   1.00 11.37 ? 21  THR A CA  1 
ATOM   168  C C   . THR A 1 21  ? 7.422   -2.269  10.785  1.00 11.82 ? 21  THR A C   1 
ATOM   169  O O   . THR A 1 21  ? 7.791   -1.670  11.803  1.00 13.62 ? 21  THR A O   1 
ATOM   170  C CB  . THR A 1 21  ? 7.966   -0.680  8.910   1.00 13.72 ? 21  THR A CB  1 
ATOM   171  O OG1 . THR A 1 21  ? 6.573   -0.509  8.639   1.00 17.09 ? 21  THR A OG1 1 
ATOM   172  C CG2 . THR A 1 21  ? 8.750   -0.485  7.617   1.00 17.06 ? 21  THR A CG2 1 
ATOM   173  N N   . GLU A 1 22  ? 6.344   -3.058  10.764  1.00 11.86 ? 22  GLU A N   1 
ATOM   174  C CA  . GLU A 1 22  ? 5.563   -3.365  11.952  1.00 13.06 ? 22  GLU A CA  1 
ATOM   175  C C   . GLU A 1 22  ? 5.992   -4.665  12.617  1.00 12.67 ? 22  GLU A C   1 
ATOM   176  O O   . GLU A 1 22  ? 5.417   -5.037  13.643  1.00 14.88 ? 22  GLU A O   1 
ATOM   177  C CB  . GLU A 1 22  ? 4.063   -3.417  11.619  1.00 14.07 ? 22  GLU A CB  1 
ATOM   178  C CG  . GLU A 1 22  ? 3.509   -2.127  11.017  1.00 17.68 ? 22  GLU A CG  1 
ATOM   179  C CD  . GLU A 1 22  ? 3.341   -1.016  12.038  1.00 18.47 ? 22  GLU A CD  1 
ATOM   180  O OE1 . GLU A 1 22  ? 3.343   -1.305  13.251  1.00 19.27 ? 22  GLU A OE1 1 
ATOM   181  O OE2 . GLU A 1 22  ? 3.214   0.156   11.623  1.00 22.19 ? 22  GLU A OE2 1 
ATOM   182  N N   . GLY A 1 23  ? 6.983   -5.358  12.062  1.00 12.24 ? 23  GLY A N   1 
ATOM   183  C CA  . GLY A 1 23  ? 7.450   -6.612  12.613  1.00 13.12 ? 23  GLY A CA  1 
ATOM   184  C C   . GLY A 1 23  ? 6.775   -7.852  12.074  1.00 11.69 ? 23  GLY A C   1 
ATOM   185  O O   . GLY A 1 23  ? 6.984   -8.936  12.633  1.00 13.78 ? 23  GLY A O   1 
ATOM   186  N N   . TYR A 1 24  ? 5.998   -7.744  10.997  1.00 10.74 ? 24  TYR A N   1 
ATOM   187  C CA  . TYR A 1 24  ? 5.210   -8.860  10.490  1.00 10.99 ? 24  TYR A CA  1 
ATOM   188  C C   . TYR A 1 24  ? 5.925   -9.547  9.334   1.00 9.82  ? 24  TYR A C   1 
ATOM   189  O O   . TYR A 1 24  ? 6.514   -8.890  8.473   1.00 10.39 ? 24  TYR A O   1 
ATOM   190  C CB  . TYR A 1 24  ? 3.855   -8.367  9.988   1.00 11.93 ? 24  TYR A CB  1 
ATOM   191  C CG  . TYR A 1 24  ? 2.960   -7.788  11.059  1.00 13.44 ? 24  TYR A CG  1 
ATOM   192  C CD1 . TYR A 1 24  ? 2.804   -8.425  12.279  1.00 15.85 ? 24  TYR A CD1 1 
ATOM   193  C CD2 . TYR A 1 24  ? 2.264   -6.605  10.842  1.00 15.72 ? 24  TYR A CD2 1 
ATOM   194  C CE1 . TYR A 1 24  ? 1.979   -7.901  13.258  1.00 18.42 ? 24  TYR A CE1 1 
ATOM   195  C CE2 . TYR A 1 24  ? 1.434   -6.073  11.813  1.00 17.06 ? 24  TYR A CE2 1 
ATOM   196  C CZ  . TYR A 1 24  ? 1.299   -6.725  13.016  1.00 18.49 ? 24  TYR A CZ  1 
ATOM   197  O OH  . TYR A 1 24  ? 0.475   -6.200  13.986  1.00 22.26 ? 24  TYR A OH  1 
ATOM   198  N N   . TYR A 1 25  ? 5.826   -10.874 9.288   1.00 10.37 ? 25  TYR A N   1 
ATOM   199  C CA  . TYR A 1 25  ? 6.463   -11.646 8.224   1.00 10.00 ? 25  TYR A CA  1 
ATOM   200  C C   . TYR A 1 25  ? 5.899   -11.289 6.854   1.00 9.29  ? 25  TYR A C   1 
ATOM   201  O O   . TYR A 1 25  ? 4.680   -11.278 6.647   1.00 10.01 ? 25  TYR A O   1 
ATOM   202  C CB  . TYR A 1 25  ? 6.295   -13.140 8.490   1.00 10.36 ? 25  TYR A CB  1 
ATOM   203  C CG  . TYR A 1 25  ? 7.090   -13.623 9.678   1.00 11.28 ? 25  TYR A CG  1 
ATOM   204  C CD1 . TYR A 1 25  ? 8.467   -13.478 9.719   1.00 11.63 ? 25  TYR A CD1 1 
ATOM   205  C CD2 . TYR A 1 25  ? 6.464   -14.227 10.760  1.00 13.02 ? 25  TYR A CD2 1 
ATOM   206  C CE1 . TYR A 1 25  ? 9.205   -13.925 10.802  1.00 14.86 ? 25  TYR A CE1 1 
ATOM   207  C CE2 . TYR A 1 25  ? 7.198   -14.681 11.849  1.00 15.39 ? 25  TYR A CE2 1 
ATOM   208  C CZ  . TYR A 1 25  ? 8.565   -14.522 11.861  1.00 14.66 ? 25  TYR A CZ  1 
ATOM   209  O OH  . TYR A 1 25  ? 9.297   -14.968 12.944  1.00 19.02 ? 25  TYR A OH  1 
ATOM   210  N N   . THR A 1 26  ? 6.812   -11.035 5.918   1.00 9.27  ? 26  THR A N   1 
ATOM   211  C CA  . THR A 1 26  ? 6.550   -10.458 4.608   1.00 9.23  ? 26  THR A CA  1 
ATOM   212  C C   . THR A 1 26  ? 7.548   -11.089 3.639   1.00 9.41  ? 26  THR A C   1 
ATOM   213  O O   . THR A 1 26  ? 8.566   -11.646 4.061   1.00 9.96  ? 26  THR A O   1 
ATOM   214  C CB  . THR A 1 26  ? 6.743   -8.929  4.717   1.00 10.10 ? 26  THR A CB  1 
ATOM   215  O OG1 . THR A 1 26  ? 5.885   -8.418  5.744   1.00 10.16 ? 26  THR A OG1 1 
ATOM   216  C CG2 . THR A 1 26  ? 6.429   -8.180  3.425   1.00 10.60 ? 26  THR A CG2 1 
ATOM   217  N N   . ILE A 1 27  ? 7.275   -11.006 2.337   1.00 9.38  ? 27  ILE A N   1 
ATOM   218  C CA  . ILE A 1 27  ? 8.238   -11.453 1.332   1.00 9.74  ? 27  ILE A CA  1 
ATOM   219  C C   . ILE A 1 27  ? 8.030   -10.652 0.056   1.00 9.05  ? 27  ILE A C   1 
ATOM   220  O O   . ILE A 1 27  ? 6.991   -10.016 -0.146  1.00 9.08  ? 27  ILE A O   1 
ATOM   221  C CB  . ILE A 1 27  ? 8.126   -12.972 1.069   1.00 10.08 ? 27  ILE A CB  1 
ATOM   222  C CG1 . ILE A 1 27  ? 9.396   -13.544 0.398   1.00 10.87 ? 27  ILE A CG1 1 
ATOM   223  C CG2 . ILE A 1 27  ? 6.883   -13.264 0.262   1.00 11.73 ? 27  ILE A CG2 1 
ATOM   224  C CD1 . ILE A 1 27  ? 9.507   -15.043 0.498   1.00 11.24 ? 27  ILE A CD1 1 
ATOM   225  N N   . GLY A 1 28  ? 9.039   -10.677 -0.807  1.00 9.66  ? 28  GLY A N   1 
ATOM   226  C CA  . GLY A 1 28  ? 8.874   -10.124 -2.138  1.00 9.42  ? 28  GLY A CA  1 
ATOM   227  C C   . GLY A 1 28  ? 8.867   -8.610  -2.126  1.00 9.32  ? 28  GLY A C   1 
ATOM   228  O O   . GLY A 1 28  ? 9.719   -7.966  -1.498  1.00 10.21 ? 28  GLY A O   1 
ATOM   229  N N   . ILE A 1 29  ? 7.898   -8.038  -2.840  1.00 9.08  ? 29  ILE A N   1 
ATOM   230  C CA  . ILE A 1 29  ? 7.692   -6.601  -2.920  1.00 9.25  ? 29  ILE A CA  1 
ATOM   231  C C   . ILE A 1 29  ? 6.580   -6.244  -1.937  1.00 8.80  ? 29  ILE A C   1 
ATOM   232  O O   . ILE A 1 29  ? 5.451   -5.926  -2.327  1.00 9.42  ? 29  ILE A O   1 
ATOM   233  C CB  . ILE A 1 29  ? 7.398   -6.175  -4.373  1.00 9.42  ? 29  ILE A CB  1 
ATOM   234  C CG1 . ILE A 1 29  ? 8.498   -6.697  -5.309  1.00 10.40 ? 29  ILE A CG1 1 
ATOM   235  C CG2 . ILE A 1 29  ? 7.296   -4.672  -4.476  1.00 10.32 ? 29  ILE A CG2 1 
ATOM   236  C CD1 . ILE A 1 29  ? 8.174   -6.589  -6.786  1.00 11.52 ? 29  ILE A CD1 1 
ATOM   237  N N   . GLY A 1 30  ? 6.881   -6.366  -0.647  1.00 9.61  ? 30  GLY A N   1 
ATOM   238  C CA  . GLY A 1 30  ? 5.924   -6.008  0.380   1.00 10.18 ? 30  GLY A CA  1 
ATOM   239  C C   . GLY A 1 30  ? 4.704   -6.902  0.501   1.00 9.66  ? 30  GLY A C   1 
ATOM   240  O O   . GLY A 1 30  ? 3.636   -6.418  0.894   1.00 10.35 ? 30  GLY A O   1 
ATOM   241  N N   . HIS A 1 31  ? 4.824   -8.191  0.201   1.00 9.18  ? 31  HIS A N   1 
ATOM   242  C CA  . HIS A 1 31  ? 3.685   -9.091  0.341   1.00 9.87  ? 31  HIS A CA  1 
ATOM   243  C C   . HIS A 1 31  ? 3.581   -9.572  1.785   1.00 9.28  ? 31  HIS A C   1 
ATOM   244  O O   . HIS A 1 31  ? 4.374   -10.413 2.222   1.00 9.52  ? 31  HIS A O   1 
ATOM   245  C CB  . HIS A 1 31  ? 3.823   -10.282 -0.597  1.00 9.99  ? 31  HIS A CB  1 
ATOM   246  C CG  . HIS A 1 31  ? 2.675   -11.222 -0.497  1.00 10.19 ? 31  HIS A CG  1 
ATOM   247  N ND1 . HIS A 1 31  ? 1.497   -11.014 -1.178  1.00 11.66 ? 31  HIS A ND1 1 
ATOM   248  C CD2 . HIS A 1 31  ? 2.488   -12.331 0.257   1.00 11.73 ? 31  HIS A CD2 1 
ATOM   249  C CE1 . HIS A 1 31  ? 0.643   -11.974 -0.873  1.00 11.95 ? 31  HIS A CE1 1 
ATOM   250  N NE2 . HIS A 1 31  ? 1.219   -12.786 -0.005  1.00 13.23 ? 31  HIS A NE2 1 
ATOM   251  N N   . LEU A 1 32  ? 2.579   -9.083  2.517   1.00 10.68 ? 32  LEU A N   1 
ATOM   252  C CA  . LEU A 1 32  ? 2.350   -9.547  3.883   1.00 10.49 ? 32  LEU A CA  1 
ATOM   253  C C   . LEU A 1 32  ? 1.966   -11.024 3.877   1.00 10.27 ? 32  LEU A C   1 
ATOM   254  O O   . LEU A 1 32  ? 1.071   -11.445 3.138   1.00 12.02 ? 32  LEU A O   1 
ATOM   255  C CB  . LEU A 1 32  ? 1.232   -8.729  4.534   1.00 12.20 ? 32  LEU A CB  1 
ATOM   256  C CG  . LEU A 1 32  ? 0.745   -9.224  5.901   1.00 13.74 ? 32  LEU A CG  1 
ATOM   257  C CD1 . LEU A 1 32  ? 1.833   -9.060  6.962   1.00 14.62 ? 32  LEU A CD1 1 
ATOM   258  C CD2 . LEU A 1 32  ? -0.538  -8.517  6.319   1.00 16.79 ? 32  LEU A CD2 1 
ATOM   259  N N   . LEU A 1 33  ? 2.636   -11.813 4.718   1.00 10.08 ? 33  LEU A N   1 
ATOM   260  C CA  . LEU A 1 33  ? 2.303   -13.223 4.856   1.00 10.44 ? 33  LEU A CA  1 
ATOM   261  C C   . LEU A 1 33  ? 1.372   -13.488 6.030   1.00 11.48 ? 33  LEU A C   1 
ATOM   262  O O   . LEU A 1 33  ? 0.365   -14.186 5.873   1.00 12.76 ? 33  LEU A O   1 
ATOM   263  C CB  . LEU A 1 33  ? 3.579   -14.062 4.980   1.00 10.90 ? 33  LEU A CB  1 
ATOM   264  C CG  . LEU A 1 33  ? 4.401   -14.139 3.696   1.00 10.74 ? 33  LEU A CG  1 
ATOM   265  C CD1 . LEU A 1 33  ? 5.791   -14.695 3.979   1.00 11.41 ? 33  LEU A CD1 1 
ATOM   266  C CD2 . LEU A 1 33  ? 3.689   -14.992 2.647   1.00 10.77 ? 33  LEU A CD2 1 
ATOM   267  N N   . THR A 1 34  ? 1.683   -12.940 7.203   1.00 12.32 ? 34  THR A N   1 
ATOM   268  C CA  . THR A 1 34  ? 0.850   -13.166 8.374   1.00 12.66 ? 34  THR A CA  1 
ATOM   269  C C   . THR A 1 34  ? 1.240   -12.159 9.439   1.00 12.66 ? 34  THR A C   1 
ATOM   270  O O   . THR A 1 34  ? 2.374   -11.681 9.465   1.00 12.97 ? 34  THR A O   1 
ATOM   271  C CB  . THR A 1 34  ? 1.025   -14.589 8.929   1.00 13.16 ? 34  THR A CB  1 
ATOM   272  O OG1 . THR A 1 34  ? 0.150   -14.771 10.049  1.00 14.14 ? 34  THR A OG1 1 
ATOM   273  C CG2 . THR A 1 34  ? 2.463   -14.828 9.376   1.00 13.28 ? 34  THR A CG2 1 
ATOM   274  N N   . LYS A 1 35  ? 0.290   -11.848 10.314  1.00 14.14 ? 35  LYS A N   1 
ATOM   275  C CA  . LYS A 1 35  ? 0.588   -11.098 11.523  1.00 14.96 ? 35  LYS A CA  1 
ATOM   276  C C   . LYS A 1 35  ? 0.904   -12.008 12.703  1.00 15.63 ? 35  LYS A C   1 
ATOM   277  O O   . LYS A 1 35  ? 1.219   -11.510 13.790  1.00 16.92 ? 35  LYS A O   1 
ATOM   278  C CB  . LYS A 1 35  ? -0.559  -10.137 11.856  1.00 17.53 ? 35  LYS A CB  1 
ATOM   279  C CG  . LYS A 1 35  ? -0.765  -9.088  10.775  1.00 16.07 ? 35  LYS A CG  1 
ATOM   280  C CD  . LYS A 1 35  ? -1.826  -8.061  11.132  1.00 19.01 ? 35  LYS A CD  1 
ATOM   281  C CE  . LYS A 1 35  ? -1.938  -7.018  10.029  1.00 21.67 ? 35  LYS A CE  1 
ATOM   282  N NZ  . LYS A 1 35  ? -2.870  -5.913  10.380  1.00 24.23 ? 35  LYS A NZ  1 
ATOM   283  N N   . SER A 1 36  ? 0.857   -13.322 12.503  1.00 15.48 ? 36  SER A N   1 
ATOM   284  C CA  . SER A 1 36  ? 1.183   -14.254 13.569  1.00 16.34 ? 36  SER A CA  1 
ATOM   285  C C   . SER A 1 36  ? 2.682   -14.217 13.848  1.00 15.31 ? 36  SER A C   1 
ATOM   286  O O   . SER A 1 36  ? 3.484   -14.053 12.925  1.00 15.02 ? 36  SER A O   1 
ATOM   287  C CB  . SER A 1 36  ? 0.786   -15.671 13.155  1.00 18.22 ? 36  SER A CB  1 
ATOM   288  O OG  . SER A 1 36  ? 1.455   -16.644 13.941  1.00 18.66 ? 36  SER A OG  1 
ATOM   289  N N   . PRO A 1 37  ? 3.098   -14.379 15.110  1.00 16.36 ? 37  PRO A N   1 
ATOM   290  C CA  . PRO A 1 37  ? 4.535   -14.462 15.403  1.00 17.17 ? 37  PRO A CA  1 
ATOM   291  C C   . PRO A 1 37  ? 5.183   -15.769 14.967  1.00 16.42 ? 37  PRO A C   1 
ATOM   292  O O   . PRO A 1 37  ? 6.401   -15.917 15.121  1.00 18.51 ? 37  PRO A O   1 
ATOM   293  C CB  . PRO A 1 37  ? 4.593   -14.294 16.929  1.00 19.51 ? 37  PRO A CB  1 
ATOM   294  C CG  . PRO A 1 37  ? 3.263   -14.759 17.407  1.00 20.33 ? 37  PRO A CG  1 
ATOM   295  C CD  . PRO A 1 37  ? 2.279   -14.375 16.334  1.00 18.63 ? 37  PRO A CD  1 
ATOM   296  N N   . SER A 1 38  ? 4.425   -16.703 14.400  1.00 15.70 ? 38  SER A N   1 
ATOM   297  C CA  . SER A 1 38  ? 4.945   -18.014 14.035  1.00 15.40 ? 38  SER A CA  1 
ATOM   298  C C   . SER A 1 38  ? 5.539   -17.975 12.629  1.00 14.07 ? 38  SER A C   1 
ATOM   299  O O   . SER A 1 38  ? 4.819   -17.753 11.647  1.00 14.20 ? 38  SER A O   1 
ATOM   300  C CB  . SER A 1 38  ? 3.826   -19.050 14.101  1.00 17.74 ? 38  SER A CB  1 
ATOM   301  O OG  . SER A 1 38  ? 4.216   -20.251 13.464  1.00 16.32 ? 38  SER A OG  1 
ATOM   302  N N   . LEU A 1 39  ? 6.850   -18.211 12.534  1.00 14.13 ? 39  LEU A N   1 
ATOM   303  C CA  . LEU A 1 39  ? 7.482   -18.323 11.224  1.00 14.08 ? 39  LEU A CA  1 
ATOM   304  C C   . LEU A 1 39  ? 6.909   -19.492 10.432  1.00 12.48 ? 39  LEU A C   1 
ATOM   305  O O   . LEU A 1 39  ? 6.792   -19.412 9.204   1.00 12.71 ? 39  LEU A O   1 
ATOM   306  C CB  . LEU A 1 39  ? 8.999   -18.457 11.378  1.00 14.50 ? 39  LEU A CB  1 
ATOM   307  C CG  . LEU A 1 39  ? 9.806   -18.632 10.090  1.00 14.41 ? 39  LEU A CG  1 
ATOM   308  C CD1 . LEU A 1 39  ? 9.608   -17.443 9.153   1.00 14.33 ? 39  LEU A CD1 1 
ATOM   309  C CD2 . LEU A 1 39  ? 11.280  -18.839 10.404  1.00 17.41 ? 39  LEU A CD2 1 
ATOM   310  N N   . ASN A 1 40  ? 6.536   -20.578 11.112  1.00 13.65 ? 40  ASN A N   1 
ATOM   311  C CA  . ASN A 1 40  ? 5.918   -21.695 10.407  1.00 13.04 ? 40  ASN A CA  1 
ATOM   312  C C   . ASN A 1 40  ? 4.597   -21.276 9.775   1.00 12.19 ? 40  ASN A C   1 
ATOM   313  O O   . ASN A 1 40  ? 4.291   -21.669 8.644   1.00 12.14 ? 40  ASN A O   1 
ATOM   314  C CB  . ASN A 1 40  ? 5.729   -22.886 11.347  1.00 15.73 ? 40  ASN A CB  1 
ATOM   315  C CG  . ASN A 1 40  ? 7.021   -23.640 11.598  1.00 16.94 ? 40  ASN A CG  1 
ATOM   316  O OD1 . ASN A 1 40  ? 7.961   -23.571 10.806  1.00 19.94 ? 40  ASN A OD1 1 
ATOM   317  N ND2 . ASN A 1 40  ? 7.068   -24.375 12.703  1.00 23.45 ? 40  ASN A ND2 1 
ATOM   318  N N   . ALA A 1 41  ? 3.804   -20.468 10.482  1.00 13.29 ? 41  ALA A N   1 
ATOM   319  C CA  . ALA A 1 41  ? 2.564   -19.972 9.897   1.00 12.77 ? 41  ALA A CA  1 
ATOM   320  C C   . ALA A 1 41  ? 2.840   -19.129 8.661   1.00 11.09 ? 41  ALA A C   1 
ATOM   321  O O   . ALA A 1 41  ? 2.113   -19.222 7.665   1.00 11.39 ? 41  ALA A O   1 
ATOM   322  C CB  . ALA A 1 41  ? 1.773   -19.168 10.929  1.00 13.95 ? 41  ALA A CB  1 
ATOM   323  N N   . ALA A 1 42  ? 3.882   -18.291 8.714   1.00 10.91 ? 42  ALA A N   1 
ATOM   324  C CA  . ALA A 1 42  ? 4.256   -17.491 7.551   1.00 10.74 ? 42  ALA A CA  1 
ATOM   325  C C   . ALA A 1 42  ? 4.675   -18.373 6.387   1.00 9.86  ? 42  ALA A C   1 
ATOM   326  O O   . ALA A 1 42  ? 4.324   -18.099 5.232   1.00 10.69 ? 42  ALA A O   1 
ATOM   327  C CB  . ALA A 1 42  ? 5.393   -16.542 7.919   1.00 11.61 ? 42  ALA A CB  1 
ATOM   328  N N   . LYS A 1 43  ? 5.442   -19.430 6.674   1.00 10.52 ? 43  LYS A N   1 
ATOM   329  C CA  . LYS A 1 43  ? 5.892   -20.336 5.621   1.00 11.39 ? 43  LYS A CA  1 
ATOM   330  C C   . LYS A 1 43  ? 4.721   -21.062 4.972   1.00 10.55 ? 43  LYS A C   1 
ATOM   331  O O   . LYS A 1 43  ? 4.710   -21.269 3.753   1.00 10.99 ? 43  LYS A O   1 
ATOM   332  C CB  . LYS A 1 43  ? 6.918   -21.327 6.177   1.00 11.46 ? 43  LYS A CB  1 
ATOM   333  C CG  . LYS A 1 43  ? 8.282   -20.695 6.440   1.00 12.25 ? 43  LYS A CG  1 
ATOM   334  C CD  . LYS A 1 43  ? 9.222   -21.649 7.149   1.00 15.02 ? 43  LYS A CD  1 
ATOM   335  C CE  . LYS A 1 43  ? 10.642  -21.111 7.139   1.00 16.41 ? 43  LYS A CE  1 
ATOM   336  N NZ  . LYS A 1 43  ? 11.601  -22.083 7.729   1.00 19.73 ? 43  LYS A NZ  1 
ATOM   337  N N   . SER A 1 44  ? 3.720   -21.443 5.766   1.00 10.79 ? 44  SER A N   1 
ATOM   338  C CA  . SER A 1 44  ? 2.525   -22.056 5.192   1.00 11.30 ? 44  SER A CA  1 
ATOM   339  C C   . SER A 1 44  ? 1.804   -21.081 4.274   1.00 10.89 ? 44  SER A C   1 
ATOM   340  O O   . SER A 1 44  ? 1.402   -21.438 3.160   1.00 11.42 ? 44  SER A O   1 
ATOM   341  C CB  . SER A 1 44  ? 1.584   -22.525 6.299   1.00 12.89 ? 44  SER A CB  1 
ATOM   342  O OG  . SER A 1 44  ? 2.140   -23.606 7.022   1.00 15.12 ? 44  SER A OG  1 
ATOM   343  N N   . GLU A 1 45  ? 1.629   -19.836 4.725   1.00 10.90 ? 45  GLU A N   1 
ATOM   344  C CA  . GLU A 1 45  ? 0.996   -18.840 3.867   1.00 10.55 ? 45  GLU A CA  1 
ATOM   345  C C   . GLU A 1 45  ? 1.770   -18.672 2.569   1.00 10.26 ? 45  GLU A C   1 
ATOM   346  O O   . GLU A 1 45  ? 1.172   -18.564 1.491   1.00 10.95 ? 45  GLU A O   1 
ATOM   347  C CB  . GLU A 1 45  ? 0.880   -17.496 4.590   1.00 11.10 ? 45  GLU A CB  1 
ATOM   348  C CG  . GLU A 1 45  ? -0.142  -17.482 5.713   1.00 11.23 ? 45  GLU A CG  1 
ATOM   349  C CD  . GLU A 1 45  ? -1.529  -17.873 5.237   1.00 11.18 ? 45  GLU A CD  1 
ATOM   350  O OE1 . GLU A 1 45  ? -2.086  -17.181 4.356   1.00 12.93 ? 45  GLU A OE1 1 
ATOM   351  O OE2 . GLU A 1 45  ? -2.062  -18.896 5.722   1.00 13.76 ? 45  GLU A OE2 1 
ATOM   352  N N   . LEU A 1 46  ? 3.102   -18.664 2.649   1.00 10.13 ? 46  LEU A N   1 
ATOM   353  C CA  . LEU A 1 46  ? 3.907   -18.505 1.444   1.00 10.52 ? 46  LEU A CA  1 
ATOM   354  C C   . LEU A 1 46  ? 3.680   -19.661 0.478   1.00 9.52  ? 46  LEU A C   1 
ATOM   355  O O   . LEU A 1 46  ? 3.468   -19.453 -0.722  1.00 10.38 ? 46  LEU A O   1 
ATOM   356  C CB  . LEU A 1 46  ? 5.385   -18.407 1.817   1.00 10.40 ? 46  LEU A CB  1 
ATOM   357  C CG  . LEU A 1 46  ? 6.327   -18.259 0.621   1.00 10.30 ? 46  LEU A CG  1 
ATOM   358  C CD1 . LEU A 1 46  ? 6.026   -16.998 -0.165  1.00 11.33 ? 46  LEU A CD1 1 
ATOM   359  C CD2 . LEU A 1 46  ? 7.773   -18.268 1.076   1.00 11.57 ? 46  LEU A CD2 1 
ATOM   360  N N   . ASP A 1 47  ? 3.728   -20.893 0.985   1.00 9.62  ? 47  ASP A N   1 
ATOM   361  C CA  . ASP A 1 47  ? 3.553   -22.048 0.116   1.00 10.67 ? 47  ASP A CA  1 
ATOM   362  C C   . ASP A 1 47  ? 2.183   -22.032 -0.546  1.00 10.40 ? 47  ASP A C   1 
ATOM   363  O O   . ASP A 1 47  ? 2.053   -22.356 -1.731  1.00 11.29 ? 47  ASP A O   1 
ATOM   364  C CB  . ASP A 1 47  ? 3.750   -23.331 0.916   1.00 11.12 ? 47  ASP A CB  1 
ATOM   365  C CG  . ASP A 1 47  ? 5.179   -23.515 1.391   1.00 12.46 ? 47  ASP A CG  1 
ATOM   366  O OD1 . ASP A 1 47  ? 6.071   -22.752 0.964   1.00 13.36 ? 47  ASP A OD1 1 
ATOM   367  O OD2 . ASP A 1 47  ? 5.417   -24.456 2.183   1.00 14.64 ? 47  ASP A OD2 1 
ATOM   368  N N   . LYS A 1 48  ? 1.151   -21.663 0.211   1.00 10.19 ? 48  LYS A N   1 
ATOM   369  C CA  . LYS A 1 48  ? -0.196  -21.526 -0.339  1.00 10.51 ? 48  LYS A CA  1 
ATOM   370  C C   . LYS A 1 48  ? -0.245  -20.463 -1.434  1.00 10.12 ? 48  LYS A C   1 
ATOM   371  O O   . LYS A 1 48  ? -0.889  -20.653 -2.477  1.00 10.08 ? 48  LYS A O   1 
ATOM   372  C CB  . LYS A 1 48  ? -1.150  -21.182 0.812   1.00 11.88 ? 48  LYS A CB  1 
ATOM   373  C CG  . LYS A 1 48  ? -2.575  -20.853 0.418   1.00 11.92 ? 48  LYS A CG  1 
ATOM   374  C CD  . LYS A 1 48  ? -3.519  -20.941 1.619   1.00 12.51 ? 48  LYS A CD  1 
ATOM   375  C CE  . LYS A 1 48  ? -3.154  -19.982 2.748   1.00 12.53 ? 48  LYS A CE  1 
ATOM   376  N NZ  . LYS A 1 48  ? -3.544  -18.578 2.471   1.00 12.00 ? 48  LYS A NZ  1 
ATOM   377  N N   . ALA A 1 49  ? 0.443   -19.338 -1.213  1.00 9.70  ? 49  ALA A N   1 
ATOM   378  C CA  . ALA A 1 49  ? 0.415   -18.235 -2.170  1.00 10.23 ? 49  ALA A CA  1 
ATOM   379  C C   . ALA A 1 49  ? 1.127   -18.590 -3.471  1.00 9.45  ? 49  ALA A C   1 
ATOM   380  O O   . ALA A 1 49  ? 0.694   -18.175 -4.552  1.00 10.14 ? 49  ALA A O   1 
ATOM   381  C CB  . ALA A 1 49  ? 1.065   -17.004 -1.546  1.00 10.49 ? 49  ALA A CB  1 
ATOM   382  N N   . ILE A 1 50  ? 2.239   -19.323 -3.382  1.00 10.16 ? 50  ILE A N   1 
ATOM   383  C CA  . ILE A 1 50  ? 3.062   -19.631 -4.551  1.00 10.71 ? 50  ILE A CA  1 
ATOM   384  C C   . ILE A 1 50  ? 2.632   -20.929 -5.234  1.00 11.82 ? 50  ILE A C   1 
ATOM   385  O O   . ILE A 1 50  ? 2.818   -21.087 -6.447  1.00 12.18 ? 50  ILE A O   1 
ATOM   386  C CB  . ILE A 1 50  ? 4.552   -19.689 -4.157  1.00 11.89 ? 50  ILE A CB  1 
ATOM   387  C CG1 . ILE A 1 50  ? 4.985   -18.390 -3.485  1.00 12.72 ? 50  ILE A CG1 1 
ATOM   388  C CG2 . ILE A 1 50  ? 5.457   -20.017 -5.363  1.00 13.31 ? 50  ILE A CG2 1 
ATOM   389  C CD1 . ILE A 1 50  ? 4.926   -17.190 -4.396  1.00 16.30 ? 50  ILE A CD1 1 
ATOM   390  N N   . GLY A 1 51  ? 2.077   -21.871 -4.481  1.00 11.02 ? 51  GLY A N   1 
ATOM   391  C CA  . GLY A 1 51  ? 1.696   -23.154 -5.033  1.00 12.09 ? 51  GLY A CA  1 
ATOM   392  C C   . GLY A 1 51  ? 2.788   -24.197 -5.031  1.00 11.87 ? 51  GLY A C   1 
ATOM   393  O O   . GLY A 1 51  ? 2.714   -25.153 -5.814  1.00 13.84 ? 51  GLY A O   1 
ATOM   394  N N   . ARG A 1 52  ? 3.801   -24.050 -4.184  1.00 12.23 ? 52  ARG A N   1 
ATOM   395  C CA  . ARG A 1 52  ? 4.839   -25.060 -4.036  1.00 13.76 ? 52  ARG A CA  1 
ATOM   396  C C   . ARG A 1 52  ? 5.460   -24.881 -2.660  1.00 12.41 ? 52  ARG A C   1 
ATOM   397  O O   . ARG A 1 52  ? 5.223   -23.885 -1.978  1.00 12.38 ? 52  ARG A O   1 
ATOM   398  C CB  . ARG A 1 52  ? 5.900   -24.940 -5.133  1.00 14.06 ? 52  ARG A CB  1 
ATOM   399  C CG  . ARG A 1 52  ? 6.753   -23.691 -5.001  1.00 13.56 ? 52  ARG A CG  1 
ATOM   400  C CD  . ARG A 1 52  ? 7.779   -23.532 -6.125  1.00 14.41 ? 52  ARG A CD  1 
ATOM   401  N NE  . ARG A 1 52  ? 8.503   -22.273 -5.972  1.00 12.78 ? 52  ARG A NE  1 
ATOM   402  C CZ  . ARG A 1 52  ? 9.574   -22.111 -5.199  1.00 12.98 ? 52  ARG A CZ  1 
ATOM   403  N NH1 . ARG A 1 52  ? 10.075  -23.139 -4.520  1.00 14.65 ? 52  ARG A NH1 1 
ATOM   404  N NH2 . ARG A 1 52  ? 10.148  -20.917 -5.100  1.00 14.08 ? 52  ARG A NH2 1 
ATOM   405  N N   . ASN A 1 53  ? 6.266   -25.861 -2.268  1.00 12.80 ? 53  ASN A N   1 
ATOM   406  C CA  . ASN A 1 53  ? 6.970   -25.841 -0.991  1.00 13.08 ? 53  ASN A CA  1 
ATOM   407  C C   . ASN A 1 53  ? 8.212   -24.969 -1.146  1.00 12.94 ? 53  ASN A C   1 
ATOM   408  O O   . ASN A 1 53  ? 9.192   -25.383 -1.774  1.00 13.96 ? 53  ASN A O   1 
ATOM   409  C CB  . ASN A 1 53  ? 7.356   -27.278 -0.650  1.00 17.14 ? 53  ASN A CB  1 
ATOM   410  C CG  . ASN A 1 53  ? 7.762   -27.460 0.796   1.00 21.15 ? 53  ASN A CG  1 
ATOM   411  O OD1 . ASN A 1 53  ? 8.392   -26.592 1.392   1.00 22.13 ? 53  ASN A OD1 1 
ATOM   412  N ND2 . ASN A 1 53  ? 7.414   -28.609 1.365   1.00 26.23 ? 53  ASN A ND2 1 
ATOM   413  N N   . CYS A 1 54  ? 8.176   -23.764 -0.577  1.00 12.52 ? 54  CYS A N   1 
ATOM   414  C CA  . CYS A 1 54  ? 9.184   -22.745 -0.846  1.00 13.09 ? 54  CYS A CA  1 
ATOM   415  C C   . CYS A 1 54  ? 10.292  -22.670 0.189   1.00 13.08 ? 54  CYS A C   1 
ATOM   416  O O   . CYS A 1 54  ? 11.340  -22.078 -0.102  1.00 14.23 ? 54  CYS A O   1 
ATOM   417  C CB  . CYS A 1 54  ? 8.533   -21.359 -0.900  1.00 13.37 ? 54  CYS A CB  1 
ATOM   418  S SG  . CYS A 1 54  ? 7.441   -21.119 -2.296  1.00 13.12 ? 54  CYS A SG  1 
ATOM   419  N N   . ASN A 1 55  ? 10.062  -23.158 1.400   1.00 14.28 ? 55  ASN A N   1 
ATOM   420  C CA  . ASN A 1 55  ? 11.070  -23.060 2.453   1.00 18.26 ? 55  ASN A CA  1 
ATOM   421  C C   . ASN A 1 55  ? 11.418  -21.602 2.772   1.00 16.56 ? 55  ASN A C   1 
ATOM   422  O O   . ASN A 1 55  ? 12.536  -21.303 3.195   1.00 17.83 ? 55  ASN A O   1 
ATOM   423  C CB  . ASN A 1 55  ? 12.318  -23.874 2.076   1.00 20.39 ? 55  ASN A CB  1 
ATOM   424  C CG  . ASN A 1 55  ? 13.279  -24.090 3.234   1.00 21.28 ? 55  ASN A CG  1 
ATOM   425  O OD1 . ASN A 1 55  ? 12.872  -24.186 4.392   1.00 24.43 ? 55  ASN A OD1 1 
ATOM   426  N ND2 . ASN A 1 55  ? 14.569  -24.184 2.915   1.00 21.66 ? 55  ASN A ND2 1 
ATOM   427  N N   . GLY A 1 56  ? 10.485  -20.670 2.556   1.00 13.68 ? 56  GLY A N   1 
ATOM   428  C CA  . GLY A 1 56  ? 10.721  -19.275 2.878   1.00 12.90 ? 56  GLY A CA  1 
ATOM   429  C C   . GLY A 1 56  ? 11.466  -18.470 1.835   1.00 11.31 ? 56  GLY A C   1 
ATOM   430  O O   . GLY A 1 56  ? 11.874  -17.340 2.132   1.00 11.84 ? 56  GLY A O   1 
ATOM   431  N N   . VAL A 1 57  ? 11.638  -18.998 0.623   1.00 11.69 ? 57  VAL A N   1 
ATOM   432  C CA  . VAL A 1 57  ? 12.423  -18.354 -0.423  1.00 11.73 ? 57  VAL A CA  1 
ATOM   433  C C   . VAL A 1 57  ? 11.663  -18.454 -1.737  1.00 11.44 ? 57  VAL A C   1 
ATOM   434  O O   . VAL A 1 57  ? 11.139  -19.521 -2.077  1.00 12.07 ? 57  VAL A O   1 
ATOM   435  C CB  . VAL A 1 57  ? 13.809  -19.018 -0.568  1.00 14.33 ? 57  VAL A CB  1 
ATOM   436  C CG1 . VAL A 1 57  ? 14.591  -18.379 -1.701  1.00 17.00 ? 57  VAL A CG1 1 
ATOM   437  C CG2 . VAL A 1 57  ? 14.589  -18.943 0.737   1.00 16.09 ? 57  VAL A CG2 1 
ATOM   438  N N   . ILE A 1 58  ? 11.624  -17.349 -2.493  1.00 12.07 ? 58  ILE A N   1 
ATOM   439  C CA  . ILE A 1 58  ? 10.963  -17.313 -3.793  1.00 11.18 ? 58  ILE A CA  1 
ATOM   440  C C   . ILE A 1 58  ? 11.914  -16.741 -4.841  1.00 11.91 ? 58  ILE A C   1 
ATOM   441  O O   . ILE A 1 58  ? 12.976  -16.203 -4.525  1.00 13.38 ? 58  ILE A O   1 
ATOM   442  C CB  . ILE A 1 58  ? 9.634   -16.527 -3.758  1.00 11.42 ? 58  ILE A CB  1 
ATOM   443  C CG1 . ILE A 1 58  ? 9.860   -15.063 -3.365  1.00 10.90 ? 58  ILE A CG1 1 
ATOM   444  C CG2 . ILE A 1 58  ? 8.639   -17.211 -2.825  1.00 12.24 ? 58  ILE A CG2 1 
ATOM   445  C CD1 . ILE A 1 58  ? 8.593   -14.225 -3.411  1.00 11.71 ? 58  ILE A CD1 1 
ATOM   446  N N   . THR A 1 59  ? 11.518  -16.869 -6.105  1.00 12.81 ? 59  THR A N   1 
ATOM   447  C CA  . THR A 1 59  ? 12.247  -16.269 -7.212  1.00 13.82 ? 59  THR A CA  1 
ATOM   448  C C   . THR A 1 59  ? 11.723  -14.862 -7.496  1.00 12.97 ? 59  THR A C   1 
ATOM   449  O O   . THR A 1 59  ? 10.650  -14.459 -7.039  1.00 12.03 ? 59  THR A O   1 
ATOM   450  C CB  . THR A 1 59  ? 12.104  -17.113 -8.478  1.00 13.86 ? 59  THR A CB  1 
ATOM   451  O OG1 . THR A 1 59  ? 10.750  -17.033 -8.940  1.00 14.32 ? 59  THR A OG1 1 
ATOM   452  C CG2 . THR A 1 59  ? 12.484  -18.572 -8.220  1.00 15.54 ? 59  THR A CG2 1 
ATOM   453  N N   . LYS A 1 60  ? 12.495  -14.114 -8.287  1.00 14.37 ? 60  LYS A N   1 
ATOM   454  C CA  . LYS A 1 60  ? 12.070  -12.772 -8.675  1.00 14.26 ? 60  LYS A CA  1 
ATOM   455  C C   . LYS A 1 60  ? 10.774  -12.812 -9.475  1.00 12.93 ? 60  LYS A C   1 
ATOM   456  O O   . LYS A 1 60  ? 9.885   -11.974 -9.269  1.00 12.33 ? 60  LYS A O   1 
ATOM   457  C CB  . LYS A 1 60  ? 13.184  -12.078 -9.457  1.00 16.12 ? 60  LYS A CB  1 
ATOM   458  C CG  . LYS A 1 60  ? 12.891  -10.628 -9.816  1.00 17.63 ? 60  LYS A CG  1 
ATOM   459  C CD  . LYS A 1 60  ? 14.148  -9.938  -10.324 1.00 20.35 ? 60  LYS A CD  1 
ATOM   460  C CE  . LYS A 1 60  ? 13.873  -8.498  -10.726 1.00 23.33 ? 60  LYS A CE  1 
ATOM   461  N NZ  . LYS A 1 60  ? 13.264  -8.409  -12.084 1.00 24.79 ? 60  LYS A NZ  1 
ATOM   462  N N   . ASP A 1 61  ? 10.641  -13.784 -10.385 1.00 13.96 ? 61  ASP A N   1 
ATOM   463  C CA  . ASP A 1 61  ? 9.399   -13.925 -11.142 1.00 13.41 ? 61  ASP A CA  1 
ATOM   464  C C   . ASP A 1 61  ? 8.214   -14.133 -10.208 1.00 11.90 ? 61  ASP A C   1 
ATOM   465  O O   . ASP A 1 61  ? 7.146   -13.542 -10.404 1.00 11.96 ? 61  ASP A O   1 
ATOM   466  C CB  . ASP A 1 61  ? 9.502   -15.123 -12.086 1.00 14.57 ? 61  ASP A CB  1 
ATOM   467  C CG  . ASP A 1 61  ? 10.297  -14.828 -13.343 1.00 17.51 ? 61  ASP A CG  1 
ATOM   468  O OD1 . ASP A 1 61  ? 10.716  -13.671 -13.551 1.00 21.19 ? 61  ASP A OD1 1 
ATOM   469  O OD2 . ASP A 1 61  ? 10.517  -15.783 -14.119 1.00 19.74 ? 61  ASP A OD2 1 
ATOM   470  N N   . GLU A 1 62  ? 8.382   -14.988 -9.196  1.00 11.77 ? 62  GLU A N   1 
ATOM   471  C CA  . GLU A 1 62  ? 7.303   -15.235 -8.245  1.00 11.29 ? 62  GLU A CA  1 
ATOM   472  C C   . GLU A 1 62  ? 6.976   -13.982 -7.442  1.00 10.84 ? 62  GLU A C   1 
ATOM   473  O O   . GLU A 1 62  ? 5.799   -13.666 -7.221  1.00 10.42 ? 62  GLU A O   1 
ATOM   474  C CB  . GLU A 1 62  ? 7.678   -16.401 -7.327  1.00 10.94 ? 62  GLU A CB  1 
ATOM   475  C CG  . GLU A 1 62  ? 7.658   -17.740 -8.043  1.00 12.40 ? 62  GLU A CG  1 
ATOM   476  C CD  . GLU A 1 62  ? 8.323   -18.866 -7.272  1.00 11.14 ? 62  GLU A CD  1 
ATOM   477  O OE1 . GLU A 1 62  ? 9.095   -18.601 -6.329  1.00 12.95 ? 62  GLU A OE1 1 
ATOM   478  O OE2 . GLU A 1 62  ? 8.090   -20.037 -7.641  1.00 13.67 ? 62  GLU A OE2 1 
ATOM   479  N N   . ALA A 1 63  ? 8.004   -13.247 -7.004  1.00 10.58 ? 63  ALA A N   1 
ATOM   480  C CA  . ALA A 1 63  ? 7.764   -11.994 -6.295  1.00 10.35 ? 63  ALA A CA  1 
ATOM   481  C C   . ALA A 1 63  ? 6.979   -11.017 -7.161  1.00 10.26 ? 63  ALA A C   1 
ATOM   482  O O   . ALA A 1 63  ? 6.067   -10.334 -6.678  1.00 9.95  ? 63  ALA A O   1 
ATOM   483  C CB  . ALA A 1 63  ? 9.095   -11.376 -5.868  1.00 11.49 ? 63  ALA A CB  1 
ATOM   484  N N   . GLU A 1 64  ? 7.326   -10.923 -8.442  1.00 10.52 ? 64  GLU A N   1 
ATOM   485  C CA  . GLU A 1 64  ? 6.639   -9.987  -9.324  1.00 10.73 ? 64  GLU A CA  1 
ATOM   486  C C   . GLU A 1 64  ? 5.204   -10.415 -9.600  1.00 9.55  ? 64  GLU A C   1 
ATOM   487  O O   . GLU A 1 64  ? 4.320   -9.561  -9.750  1.00 10.11 ? 64  GLU A O   1 
ATOM   488  C CB  . GLU A 1 64  ? 7.455   -9.794  -10.602 1.00 12.33 ? 64  GLU A CB  1 
ATOM   489  C CG  . GLU A 1 64  ? 8.729   -9.008  -10.315 1.00 14.07 ? 64  GLU A CG  1 
ATOM   490  C CD  . GLU A 1 64  ? 9.726   -8.986  -11.454 1.00 16.88 ? 64  GLU A CD  1 
ATOM   491  O OE1 . GLU A 1 64  ? 9.610   -9.817  -12.374 1.00 18.56 ? 64  GLU A OE1 1 
ATOM   492  O OE2 . GLU A 1 64  ? 10.642  -8.134  -11.414 1.00 20.64 ? 64  GLU A OE2 1 
ATOM   493  N N   . LYS A 1 65  ? 4.961   -11.726 -9.665  1.00 10.27 ? 65  LYS A N   1 
ATOM   494  C CA  . LYS A 1 65  ? 3.605   -12.233 -9.841  1.00 10.89 ? 65  LYS A CA  1 
ATOM   495  C C   . LYS A 1 65  ? 2.736   -11.913 -8.632  1.00 9.79  ? 65  LYS A C   1 
ATOM   496  O O   . LYS A 1 65  ? 1.605   -11.433 -8.777  1.00 10.48 ? 65  LYS A O   1 
ATOM   497  C CB  . LYS A 1 65  ? 3.659   -13.741 -10.094 1.00 12.52 ? 65  LYS A CB  1 
ATOM   498  C CG  . LYS A 1 65  ? 2.332   -14.406 -10.399 1.00 14.47 ? 65  LYS A CG  1 
ATOM   499  C CD  . LYS A 1 65  ? 2.538   -15.909 -10.598 1.00 17.19 ? 65  LYS A CD  1 
ATOM   500  C CE  . LYS A 1 65  ? 1.232   -16.682 -10.599 1.00 18.17 ? 65  LYS A CE  1 
ATOM   501  N NZ  . LYS A 1 65  ? 0.522   -16.497 -11.896 1.00 20.29 ? 65  LYS A NZ  1 
ATOM   502  N N   . LEU A 1 66  ? 3.239   -12.198 -7.426  1.00 9.90  ? 66  LEU A N   1 
ATOM   503  C CA  . LEU A 1 66  ? 2.500   -11.837 -6.220  1.00 10.04 ? 66  LEU A CA  1 
ATOM   504  C C   . LEU A 1 66  ? 2.224   -10.344 -6.184  1.00 9.64  ? 66  LEU A C   1 
ATOM   505  O O   . LEU A 1 66  ? 1.133   -9.913  -5.797  1.00 10.18 ? 66  LEU A O   1 
ATOM   506  C CB  . LEU A 1 66  ? 3.296   -12.214 -4.971  1.00 12.09 ? 66  LEU A CB  1 
ATOM   507  C CG  . LEU A 1 66  ? 3.430   -13.686 -4.604  1.00 12.23 ? 66  LEU A CG  1 
ATOM   508  C CD1 . LEU A 1 66  ? 4.155   -13.830 -3.271  1.00 16.26 ? 66  LEU A CD1 1 
ATOM   509  C CD2 . LEU A 1 66  ? 2.073   -14.371 -4.570  1.00 16.78 ? 66  LEU A CD2 1 
ATOM   510  N N   . PHE A 1 67  ? 3.217   -9.540  -6.567  1.00 9.17  ? 67  PHE A N   1 
ATOM   511  C CA  . PHE A 1 67  ? 3.072   -8.089  -6.561  1.00 9.07  ? 67  PHE A CA  1 
ATOM   512  C C   . PHE A 1 67  ? 1.948   -7.637  -7.489  1.00 9.06  ? 67  PHE A C   1 
ATOM   513  O O   . PHE A 1 67  ? 1.130   -6.793  -7.112  1.00 9.12  ? 67  PHE A O   1 
ATOM   514  C CB  . PHE A 1 67  ? 4.418   -7.483  -6.955  1.00 9.64  ? 67  PHE A CB  1 
ATOM   515  C CG  . PHE A 1 67  ? 4.464   -5.980  -6.977  1.00 8.99  ? 67  PHE A CG  1 
ATOM   516  C CD1 . PHE A 1 67  ? 3.973   -5.208  -5.929  1.00 9.17  ? 67  PHE A CD1 1 
ATOM   517  C CD2 . PHE A 1 67  ? 5.058   -5.337  -8.048  1.00 9.89  ? 67  PHE A CD2 1 
ATOM   518  C CE1 . PHE A 1 67  ? 4.062   -3.827  -5.974  1.00 9.47  ? 67  PHE A CE1 1 
ATOM   519  C CE2 . PHE A 1 67  ? 5.151   -3.961  -8.089  1.00 10.67 ? 67  PHE A CE2 1 
ATOM   520  C CZ  . PHE A 1 67  ? 4.652   -3.208  -7.047  1.00 10.23 ? 67  PHE A CZ  1 
ATOM   521  N N   . ASN A 1 68  ? 1.877   -8.198  -8.701  1.00 9.31  ? 68  ASN A N   1 
ATOM   522  C CA  . ASN A 1 68  ? 0.786   -7.837  -9.606  1.00 9.81  ? 68  ASN A CA  1 
ATOM   523  C C   . ASN A 1 68  ? -0.563  -8.184  -8.989  1.00 9.39  ? 68  ASN A C   1 
ATOM   524  O O   . ASN A 1 68  ? -1.515  -7.400  -9.069  1.00 10.06 ? 68  ASN A O   1 
ATOM   525  C CB  . ASN A 1 68  ? 0.975   -8.574  -10.932 1.00 11.60 ? 68  ASN A CB  1 
ATOM   526  C CG  . ASN A 1 68  ? 0.204   -7.960  -12.100 1.00 13.43 ? 68  ASN A CG  1 
ATOM   527  O OD1 . ASN A 1 68  ? 0.644   -8.056  -13.249 1.00 15.52 ? 68  ASN A OD1 1 
ATOM   528  N ND2 . ASN A 1 68  ? -0.942  -7.350  -11.825 1.00 14.93 ? 68  ASN A ND2 1 
ATOM   529  N N   . GLN A 1 69  ? -0.665  -9.370  -8.379  1.00 9.30  ? 69  GLN A N   1 
ATOM   530  C CA  . GLN A 1 69  ? -1.905  -9.753  -7.712  1.00 9.45  ? 69  GLN A CA  1 
ATOM   531  C C   . GLN A 1 69  ? -2.256  -8.776  -6.597  1.00 9.51  ? 69  GLN A C   1 
ATOM   532  O O   . GLN A 1 69  ? -3.424  -8.412  -6.428  1.00 10.16 ? 69  GLN A O   1 
ATOM   533  C CB  . GLN A 1 69  ? -1.784  -11.173 -7.160  1.00 9.59  ? 69  GLN A CB  1 
ATOM   534  C CG  . GLN A 1 69  ? -1.645  -12.215 -8.249  1.00 9.83  ? 69  GLN A CG  1 
ATOM   535  C CD  . GLN A 1 69  ? -1.447  -13.614 -7.723  1.00 9.97  ? 69  GLN A CD  1 
ATOM   536  O OE1 . GLN A 1 69  ? -1.201  -13.825 -6.534  1.00 11.89 ? 69  GLN A OE1 1 
ATOM   537  N NE2 . GLN A 1 69  ? -1.550  -14.582 -8.610  1.00 9.76  ? 69  GLN A NE2 1 
ATOM   538  N N   . ASP A 1 70  ? -1.254  -8.361  -5.816  1.00 9.39  ? 70  ASP A N   1 
ATOM   539  C CA  . ASP A 1 70  ? -1.497  -7.488  -4.675  1.00 9.54  ? 70  ASP A CA  1 
ATOM   540  C C   . ASP A 1 70  ? -1.919  -6.090  -5.117  1.00 9.33  ? 70  ASP A C   1 
ATOM   541  O O   . ASP A 1 70  ? -2.786  -5.473  -4.487  1.00 10.86 ? 70  ASP A O   1 
ATOM   542  C CB  . ASP A 1 70  ? -0.241  -7.420  -3.803  1.00 9.89  ? 70  ASP A CB  1 
ATOM   543  C CG  . ASP A 1 70  ? 0.088   -8.732  -3.117  1.00 10.08 ? 70  ASP A CG  1 
ATOM   544  O OD1 . ASP A 1 70  ? -0.780  -9.628  -3.021  1.00 11.18 ? 70  ASP A OD1 1 
ATOM   545  O OD2 . ASP A 1 70  ? 1.246   -8.847  -2.644  1.00 10.73 ? 70  ASP A OD2 1 
ATOM   546  N N   . VAL A 1 71  ? -1.297  -5.557  -6.172  1.00 9.03  ? 71  VAL A N   1 
ATOM   547  C CA  . VAL A 1 71  ? -1.718  -4.261  -6.699  1.00 8.91  ? 71  VAL A CA  1 
ATOM   548  C C   . VAL A 1 71  ? -3.151  -4.342  -7.206  1.00 9.11  ? 71  VAL A C   1 
ATOM   549  O O   . VAL A 1 71  ? -3.986  -3.475  -6.915  1.00 9.98  ? 71  VAL A O   1 
ATOM   550  C CB  . VAL A 1 71  ? -0.748  -3.778  -7.793  1.00 9.87  ? 71  VAL A CB  1 
ATOM   551  C CG1 . VAL A 1 71  ? -1.288  -2.525  -8.486  1.00 11.29 ? 71  VAL A CG1 1 
ATOM   552  C CG2 . VAL A 1 71  ? 0.621   -3.512  -7.209  1.00 10.58 ? 71  VAL A CG2 1 
ATOM   553  N N   . ASP A 1 72  ? -3.458  -5.397  -7.968  1.00 9.68  ? 72  ASP A N   1 
ATOM   554  C CA  . ASP A 1 72  ? -4.816  -5.547  -8.482  1.00 10.69 ? 72  ASP A CA  1 
ATOM   555  C C   . ASP A 1 72  ? -5.823  -5.652  -7.348  1.00 10.77 ? 72  ASP A C   1 
ATOM   556  O O   . ASP A 1 72  ? -6.923  -5.094  -7.435  1.00 11.54 ? 72  ASP A O   1 
ATOM   557  C CB  . ASP A 1 72  ? -4.923  -6.771  -9.388  1.00 11.58 ? 72  ASP A CB  1 
ATOM   558  C CG  . ASP A 1 72  ? -4.161  -6.613  -10.673 1.00 13.83 ? 72  ASP A CG  1 
ATOM   559  O OD1 . ASP A 1 72  ? -3.834  -7.655  -11.278 1.00 15.52 ? 72  ASP A OD1 1 
ATOM   560  O OD2 . ASP A 1 72  ? -3.880  -5.462  -11.067 1.00 16.16 ? 72  ASP A OD2 1 
ATOM   561  N N   . ALA A 1 73  ? -5.467  -6.371  -6.279  1.00 11.23 ? 73  ALA A N   1 
ATOM   562  C CA  . ALA A 1 73  ? -6.372  -6.511  -5.144  1.00 12.33 ? 73  ALA A CA  1 
ATOM   563  C C   . ALA A 1 73  ? -6.644  -5.161  -4.489  1.00 11.84 ? 73  ALA A C   1 
ATOM   564  O O   . ALA A 1 73  ? -7.769  -4.890  -4.053  1.00 13.17 ? 73  ALA A O   1 
ATOM   565  C CB  . ALA A 1 73  ? -5.791  -7.495  -4.131  1.00 14.40 ? 73  ALA A CB  1 
ATOM   566  N N   . ALA A 1 74  ? -5.627  -4.299  -4.417  1.00 11.41 ? 74  ALA A N   1 
ATOM   567  C CA  . ALA A 1 74  ? -5.825  -2.967  -3.853  1.00 11.20 ? 74  ALA A CA  1 
ATOM   568  C C   . ALA A 1 74  ? -6.777  -2.147  -4.717  1.00 10.49 ? 74  ALA A C   1 
ATOM   569  O O   . ALA A 1 74  ? -7.683  -1.476  -4.205  1.00 11.82 ? 74  ALA A O   1 
ATOM   570  C CB  . ALA A 1 74  ? -4.472  -2.268  -3.702  1.00 11.43 ? 74  ALA A CB  1 
ATOM   571  N N   . VAL A 1 75  ? -6.579  -2.191  -6.038  1.00 10.49 ? 75  VAL A N   1 
ATOM   572  C CA  . VAL A 1 75  ? -7.459  -1.478  -6.965  1.00 10.99 ? 75  VAL A CA  1 
ATOM   573  C C   . VAL A 1 75  ? -8.888  -1.982  -6.844  1.00 11.34 ? 75  VAL A C   1 
ATOM   574  O O   . VAL A 1 75  ? -9.839  -1.197  -6.751  1.00 12.06 ? 75  VAL A O   1 
ATOM   575  C CB  . VAL A 1 75  ? -6.944  -1.611  -8.410  1.00 10.84 ? 75  VAL A CB  1 
ATOM   576  C CG1 . VAL A 1 75  ? -7.953  -1.029  -9.393  1.00 13.83 ? 75  VAL A CG1 1 
ATOM   577  C CG2 . VAL A 1 75  ? -5.596  -0.935  -8.555  1.00 12.05 ? 75  VAL A CG2 1 
ATOM   578  N N   . ARG A 1 76  ? -9.067  -3.300  -6.882  1.00 12.75 ? 76  ARG A N   1 
ATOM   579  C CA  . ARG A 1 76  ? -10.424 -3.828  -6.815  1.00 15.10 ? 76  ARG A CA  1 
ATOM   580  C C   . ARG A 1 76  ? -11.075 -3.523  -5.471  1.00 15.68 ? 76  ARG A C   1 
ATOM   581  O O   . ARG A 1 76  ? -12.288 -3.294  -5.414  1.00 16.80 ? 76  ARG A O   1 
ATOM   582  C CB  . ARG A 1 76  ? -10.446 -5.321  -7.147  1.00 18.94 ? 76  ARG A CB  1 
ATOM   583  C CG  . ARG A 1 76  ? -9.996  -5.665  -8.572  1.00 20.49 ? 76  ARG A CG  1 
ATOM   584  C CD  . ARG A 1 76  ? -10.712 -4.846  -9.656  1.00 21.99 ? 76  ARG A CD  1 
ATOM   585  N NE  . ARG A 1 76  ? -12.071 -5.317  -9.929  1.00 22.62 ? 76  ARG A NE  1 
ATOM   586  C CZ  . ARG A 1 76  ? -12.379 -6.307  -10.764 1.00 22.11 ? 76  ARG A CZ  1 
ATOM   587  N NH1 . ARG A 1 76  ? -11.424 -6.957  -11.418 1.00 22.97 ? 76  ARG A NH1 1 
ATOM   588  N NH2 . ARG A 1 76  ? -13.649 -6.654  -10.942 1.00 22.21 ? 76  ARG A NH2 1 
ATOM   589  N N   . GLY A 1 77  ? -10.291 -3.485  -4.394  1.00 15.16 ? 77  GLY A N   1 
ATOM   590  C CA  . GLY A 1 77  ? -10.844 -3.098  -3.106  1.00 16.65 ? 77  GLY A CA  1 
ATOM   591  C C   . GLY A 1 77  ? -11.349 -1.668  -3.095  1.00 14.66 ? 77  GLY A C   1 
ATOM   592  O O   . GLY A 1 77  ? -12.410 -1.379  -2.535  1.00 16.50 ? 77  GLY A O   1 
ATOM   593  N N   . ILE A 1 78  ? -10.591 -0.753  -3.706  1.00 12.00 ? 78  ILE A N   1 
ATOM   594  C CA  . ILE A 1 78  ? -11.059 0.622   -3.856  1.00 11.44 ? 78  ILE A CA  1 
ATOM   595  C C   . ILE A 1 78  ? -12.363 0.653   -4.642  1.00 11.54 ? 78  ILE A C   1 
ATOM   596  O O   . ILE A 1 78  ? -13.339 1.297   -4.242  1.00 12.27 ? 78  ILE A O   1 
ATOM   597  C CB  . ILE A 1 78  ? -9.973  1.482   -4.525  1.00 11.04 ? 78  ILE A CB  1 
ATOM   598  C CG1 . ILE A 1 78  ? -8.813  1.729   -3.561  1.00 11.73 ? 78  ILE A CG1 1 
ATOM   599  C CG2 . ILE A 1 78  ? -10.560 2.799   -5.018  1.00 11.41 ? 78  ILE A CG2 1 
ATOM   600  C CD1 . ILE A 1 78  ? -7.557  2.263   -4.226  1.00 12.31 ? 78  ILE A CD1 1 
ATOM   601  N N   . LEU A 1 79  ? -12.399 -0.051  -5.775  1.00 11.77 ? 79  LEU A N   1 
ATOM   602  C CA  . LEU A 1 79  ? -13.554 0.040   -6.659  1.00 12.75 ? 79  LEU A CA  1 
ATOM   603  C C   . LEU A 1 79  ? -14.802 -0.594  -6.064  1.00 14.38 ? 79  LEU A C   1 
ATOM   604  O O   . LEU A 1 79  ? -15.914 -0.221  -6.452  1.00 16.20 ? 79  LEU A O   1 
ATOM   605  C CB  . LEU A 1 79  ? -13.236 -0.568  -8.026  1.00 13.98 ? 79  LEU A CB  1 
ATOM   606  C CG  . LEU A 1 79  ? -12.155 0.139   -8.848  1.00 14.56 ? 79  LEU A CG  1 
ATOM   607  C CD1 . LEU A 1 79  ? -11.922 -0.590  -10.167 1.00 17.56 ? 79  LEU A CD1 1 
ATOM   608  C CD2 . LEU A 1 79  ? -12.514 1.600   -9.092  1.00 16.20 ? 79  LEU A CD2 1 
ATOM   609  N N   . ARG A 1 80  ? -14.649 -1.528  -5.129  1.00 13.52 ? 80  ARG A N   1 
ATOM   610  C CA  . ARG A 1 80  ? -15.792 -2.152  -4.478  1.00 15.32 ? 80  ARG A CA  1 
ATOM   611  C C   . ARG A 1 80  ? -16.264 -1.391  -3.248  1.00 14.30 ? 80  ARG A C   1 
ATOM   612  O O   . ARG A 1 80  ? -17.307 -1.740  -2.683  1.00 17.56 ? 80  ARG A O   1 
ATOM   613  C CB  . ARG A 1 80  ? -15.457 -3.595  -4.086  1.00 17.07 ? 80  ARG A CB  1 
ATOM   614  C CG  . ARG A 1 80  ? -15.376 -4.553  -5.261  1.00 21.80 ? 80  ARG A CG  1 
ATOM   615  C CD  . ARG A 1 80  ? -15.213 -5.986  -4.783  1.00 24.54 ? 80  ARG A CD  1 
ATOM   616  N NE  . ARG A 1 80  ? -14.190 -6.088  -3.745  1.00 28.34 ? 80  ARG A NE  1 
ATOM   617  C CZ  . ARG A 1 80  ? -13.019 -6.696  -3.904  1.00 26.25 ? 80  ARG A CZ  1 
ATOM   618  N NH1 . ARG A 1 80  ? -12.718 -7.266  -5.063  1.00 27.79 ? 80  ARG A NH1 1 
ATOM   619  N NH2 . ARG A 1 80  ? -12.151 -6.737  -2.903  1.00 25.50 ? 80  ARG A NH2 1 
ATOM   620  N N   . ASN A 1 81  ? -15.534 -0.364  -2.827  1.00 13.93 ? 81  ASN A N   1 
ATOM   621  C CA  . ASN A 1 81  ? -15.800 0.332   -1.577  1.00 14.41 ? 81  ASN A CA  1 
ATOM   622  C C   . ASN A 1 81  ? -16.584 1.603   -1.883  1.00 14.11 ? 81  ASN A C   1 
ATOM   623  O O   . ASN A 1 81  ? -16.104 2.472   -2.618  1.00 14.05 ? 81  ASN A O   1 
ATOM   624  C CB  . ASN A 1 81  ? -14.474 0.662   -0.895  1.00 14.70 ? 81  ASN A CB  1 
ATOM   625  C CG  . ASN A 1 81  ? -14.655 1.270   0.475   1.00 16.21 ? 81  ASN A CG  1 
ATOM   626  O OD1 . ASN A 1 81  ? -15.206 2.359   0.615   1.00 16.48 ? 81  ASN A OD1 1 
ATOM   627  N ND2 . ASN A 1 81  ? -14.178 0.572   1.499   1.00 18.85 ? 81  ASN A ND2 1 
ATOM   628  N N   . ALA A 1 82  ? -17.788 1.712   -1.314  1.00 15.79 ? 82  ALA A N   1 
ATOM   629  C CA  . ALA A 1 82  ? -18.677 2.817   -1.654  1.00 17.00 ? 82  ALA A CA  1 
ATOM   630  C C   . ALA A 1 82  ? -18.141 4.170   -1.206  1.00 16.14 ? 82  ALA A C   1 
ATOM   631  O O   . ALA A 1 82  ? -18.558 5.198   -1.750  1.00 17.58 ? 82  ALA A O   1 
ATOM   632  C CB  . ALA A 1 82  ? -20.069 2.574   -1.068  1.00 20.01 ? 82  ALA A CB  1 
ATOM   633  N N   . LYS A 1 83  ? -17.238 4.200   -0.228  1.00 16.15 ? 83  LYS A N   1 
ATOM   634  C CA  . LYS A 1 83  ? -16.644 5.458   0.205   1.00 16.37 ? 83  LYS A CA  1 
ATOM   635  C C   . LYS A 1 83  ? -15.409 5.822   -0.608  1.00 14.37 ? 83  LYS A C   1 
ATOM   636  O O   . LYS A 1 83  ? -15.196 7.001   -0.916  1.00 16.15 ? 83  LYS A O   1 
ATOM   637  C CB  . LYS A 1 83  ? -16.288 5.394   1.692   1.00 18.52 ? 83  LYS A CB  1 
ATOM   638  C CG  . LYS A 1 83  ? -17.491 5.283   2.609   1.00 22.69 ? 83  LYS A CG  1 
ATOM   639  C CD  . LYS A 1 83  ? -17.073 5.288   4.068   1.00 28.14 ? 83  LYS A CD  1 
ATOM   640  C CE  . LYS A 1 83  ? -18.232 4.910   4.974   1.00 31.68 ? 83  LYS A CE  1 
ATOM   641  N NZ  . LYS A 1 83  ? -18.864 3.625   4.563   1.00 34.15 ? 83  LYS A NZ  1 
ATOM   642  N N   . LEU A 1 84  ? -14.597 4.830   -0.977  1.00 13.18 ? 84  LEU A N   1 
ATOM   643  C CA  . LEU A 1 84  ? -13.346 5.106   -1.675  1.00 12.35 ? 84  LEU A CA  1 
ATOM   644  C C   . LEU A 1 84  ? -13.560 5.329   -3.168  1.00 11.75 ? 84  LEU A C   1 
ATOM   645  O O   . LEU A 1 84  ? -12.920 6.207   -3.760  1.00 11.75 ? 84  LEU A O   1 
ATOM   646  C CB  . LEU A 1 84  ? -12.355 3.964   -1.452  1.00 12.31 ? 84  LEU A CB  1 
ATOM   647  C CG  . LEU A 1 84  ? -11.950 3.679   -0.007  1.00 12.62 ? 84  LEU A CG  1 
ATOM   648  C CD1 . LEU A 1 84  ? -10.952 2.523   0.041   1.00 14.64 ? 84  LEU A CD1 1 
ATOM   649  C CD2 . LEU A 1 84  ? -11.376 4.923   0.648   1.00 14.55 ? 84  LEU A CD2 1 
ATOM   650  N N   . LYS A 1 85  ? -14.438 4.540   -3.794  1.00 12.04 ? 85  LYS A N   1 
ATOM   651  C CA  . LYS A 1 85  ? -14.601 4.618   -5.246  1.00 12.20 ? 85  LYS A CA  1 
ATOM   652  C C   . LYS A 1 85  ? -14.924 6.016   -5.755  1.00 11.66 ? 85  LYS A C   1 
ATOM   653  O O   . LYS A 1 85  ? -14.274 6.457   -6.719  1.00 11.71 ? 85  LYS A O   1 
ATOM   654  C CB  . LYS A 1 85  ? -15.619 3.588   -5.743  1.00 12.82 ? 85  LYS A CB  1 
ATOM   655  C CG  . LYS A 1 85  ? -15.820 3.663   -7.252  1.00 14.40 ? 85  LYS A CG  1 
ATOM   656  C CD  . LYS A 1 85  ? -16.788 2.606   -7.753  1.00 16.61 ? 85  LYS A CD  1 
ATOM   657  C CE  . LYS A 1 85  ? -16.789 2.526   -9.271  1.00 20.06 ? 85  LYS A CE  1 
ATOM   658  N NZ  . LYS A 1 85  ? -17.280 3.777   -9.902  1.00 24.53 ? 85  LYS A NZ  1 
ATOM   659  N N   . PRO A 1 86  ? -15.898 6.748   -5.202  1.00 12.28 ? 86  PRO A N   1 
ATOM   660  C CA  . PRO A 1 86  ? -16.175 8.082   -5.757  1.00 13.27 ? 86  PRO A CA  1 
ATOM   661  C C   . PRO A 1 86  ? -14.985 9.016   -5.674  1.00 11.95 ? 86  PRO A C   1 
ATOM   662  O O   . PRO A 1 86  ? -14.772 9.827   -6.584  1.00 13.57 ? 86  PRO A O   1 
ATOM   663  C CB  . PRO A 1 86  ? -17.371 8.582   -4.931  1.00 15.02 ? 86  PRO A CB  1 
ATOM   664  C CG  . PRO A 1 86  ? -17.402 7.719   -3.720  1.00 17.64 ? 86  PRO A CG  1 
ATOM   665  C CD  . PRO A 1 86  ? -16.834 6.400   -4.119  1.00 13.84 ? 86  PRO A CD  1 
ATOM   666  N N   . VAL A 1 87  ? -14.191 8.930   -4.607  1.00 11.96 ? 87  VAL A N   1 
ATOM   667  C CA  . VAL A 1 87  ? -13.014 9.785   -4.520  1.00 11.68 ? 87  VAL A CA  1 
ATOM   668  C C   . VAL A 1 87  ? -11.968 9.349   -5.537  1.00 10.65 ? 87  VAL A C   1 
ATOM   669  O O   . VAL A 1 87  ? -11.385 10.175  -6.246  1.00 10.68 ? 87  VAL A O   1 
ATOM   670  C CB  . VAL A 1 87  ? -12.450 9.825   -3.089  1.00 12.71 ? 87  VAL A CB  1 
ATOM   671  C CG1 . VAL A 1 87  ? -11.278 10.808  -3.016  1.00 13.19 ? 87  VAL A CG1 1 
ATOM   672  C CG2 . VAL A 1 87  ? -13.544 10.189  -2.093  1.00 14.37 ? 87  VAL A CG2 1 
ATOM   673  N N   . TYR A 1 88  ? -11.721 8.042   -5.624  1.00 10.61 ? 88  TYR A N   1 
ATOM   674  C CA  . TYR A 1 88  ? -10.766 7.518   -6.597  1.00 10.77 ? 88  TYR A CA  1 
ATOM   675  C C   . TYR A 1 88  ? -11.119 7.970   -8.009  1.00 10.73 ? 88  TYR A C   1 
ATOM   676  O O   . TYR A 1 88  ? -10.257 8.436   -8.766  1.00 11.11 ? 88  TYR A O   1 
ATOM   677  C CB  . TYR A 1 88  ? -10.772 5.996   -6.504  1.00 11.38 ? 88  TYR A CB  1 
ATOM   678  C CG  . TYR A 1 88  ? -9.767  5.306   -7.382  1.00 10.76 ? 88  TYR A CG  1 
ATOM   679  C CD1 . TYR A 1 88  ? -8.437  5.206   -6.998  1.00 10.95 ? 88  TYR A CD1 1 
ATOM   680  C CD2 . TYR A 1 88  ? -10.150 4.725   -8.582  1.00 12.55 ? 88  TYR A CD2 1 
ATOM   681  C CE1 . TYR A 1 88  ? -7.509  4.560   -7.789  1.00 12.49 ? 88  TYR A CE1 1 
ATOM   682  C CE2 . TYR A 1 88  ? -9.231  4.068   -9.380  1.00 12.95 ? 88  TYR A CE2 1 
ATOM   683  C CZ  . TYR A 1 88  ? -7.911  3.990   -8.980  1.00 12.12 ? 88  TYR A CZ  1 
ATOM   684  O OH  . TYR A 1 88  ? -6.988  3.345   -9.773  1.00 15.29 ? 88  TYR A OH  1 
ATOM   685  N N   . ASP A 1 89  ? -12.399 7.853   -8.373  1.00 10.99 ? 89  ASP A N   1 
ATOM   686  C CA  . ASP A 1 89  ? -12.832 8.225   -9.714  1.00 12.04 ? 89  ASP A CA  1 
ATOM   687  C C   . ASP A 1 89  ? -12.694 9.720   -9.974  1.00 12.22 ? 89  ASP A C   1 
ATOM   688  O O   . ASP A 1 89  ? -12.636 10.130  -11.138 1.00 13.59 ? 89  ASP A O   1 
ATOM   689  C CB  . ASP A 1 89  ? -14.277 7.782   -9.957  1.00 13.97 ? 89  ASP A CB  1 
ATOM   690  C CG  . ASP A 1 89  ? -14.410 6.287   -10.157 1.00 18.81 ? 89  ASP A CG  1 
ATOM   691  O OD1 . ASP A 1 89  ? -13.382 5.624   -10.399 1.00 19.88 ? 89  ASP A OD1 1 
ATOM   692  O OD2 . ASP A 1 89  ? -15.550 5.782   -10.086 1.00 22.41 ? 89  ASP A OD2 1 
ATOM   693  N N   . SER A 1 90  ? -12.643 10.542  -8.924  1.00 10.96 ? 90  SER A N   1 
ATOM   694  C CA  . SER A 1 90  ? -12.472 11.981  -9.092  1.00 11.34 ? 90  SER A CA  1 
ATOM   695  C C   . SER A 1 90  ? -11.026 12.387  -9.331  1.00 10.32 ? 90  SER A C   1 
ATOM   696  O O   . SER A 1 90  ? -10.785 13.526  -9.744  1.00 10.97 ? 90  SER A O   1 
ATOM   697  C CB  . SER A 1 90  ? -13.016 12.745  -7.876  1.00 11.85 ? 90  SER A CB  1 
ATOM   698  O OG  . SER A 1 90  ? -12.135 12.681  -6.764  1.00 11.44 ? 90  SER A OG  1 
ATOM   699  N N   . LEU A 1 91  ? -10.073 11.490  -9.084  1.00 10.23 ? 91  LEU A N   1 
ATOM   700  C CA  . LEU A 1 91  ? -8.654  11.804  -9.156  1.00 10.75 ? 91  LEU A CA  1 
ATOM   701  C C   . LEU A 1 91  ? -8.093  11.593  -10.557 1.00 11.14 ? 91  LEU A C   1 
ATOM   702  O O   . LEU A 1 91  ? -8.569  10.749  -11.320 1.00 12.03 ? 91  LEU A O   1 
ATOM   703  C CB  . LEU A 1 91  ? -7.863  10.929  -8.182  1.00 9.85  ? 91  LEU A CB  1 
ATOM   704  C CG  . LEU A 1 91  ? -8.169  11.084  -6.695  1.00 11.43 ? 91  LEU A CG  1 
ATOM   705  C CD1 . LEU A 1 91  ? -7.472  9.992   -5.905  1.00 12.49 ? 91  LEU A CD1 1 
ATOM   706  C CD2 . LEU A 1 91  ? -7.743  12.452  -6.193  1.00 12.64 ? 91  LEU A CD2 1 
ATOM   707  N N   . ASP A 1 92  ? -7.046  12.352  -10.871 1.00 10.48 ? 92  ASP A N   1 
ATOM   708  C CA  . ASP A 1 92  ? -6.207  12.103  -12.033 1.00 10.80 ? 92  ASP A CA  1 
ATOM   709  C C   . ASP A 1 92  ? -5.351  10.849  -11.809 1.00 10.45 ? 92  ASP A C   1 
ATOM   710  O O   . ASP A 1 92  ? -5.249  10.318  -10.698 1.00 10.29 ? 92  ASP A O   1 
ATOM   711  C CB  . ASP A 1 92  ? -5.278  13.292  -12.248 1.00 11.89 ? 92  ASP A CB  1 
ATOM   712  C CG  . ASP A 1 92  ? -4.434  13.563  -11.032 1.00 11.83 ? 92  ASP A CG  1 
ATOM   713  O OD1 . ASP A 1 92  ? -4.914  14.275  -10.124 1.00 11.64 ? 92  ASP A OD1 1 
ATOM   714  O OD2 . ASP A 1 92  ? -3.309  13.008  -10.966 1.00 12.46 ? 92  ASP A OD2 1 
ATOM   715  N N   . ALA A 1 93  ? -4.692  10.393  -12.883 1.00 12.57 ? 93  ALA A N   1 
ATOM   716  C CA  . ALA A 1 93  ? -4.008  9.101   -12.852 1.00 12.27 ? 93  ALA A CA  1 
ATOM   717  C C   . ALA A 1 93  ? -2.856  9.077   -11.849 1.00 11.20 ? 93  ALA A C   1 
ATOM   718  O O   . ALA A 1 93  ? -2.618  8.051   -11.196 1.00 12.53 ? 93  ALA A O   1 
ATOM   719  C CB  . ALA A 1 93  ? -3.511  8.734   -14.247 1.00 15.10 ? 93  ALA A CB  1 
ATOM   720  N N   . VAL A 1 94  ? -2.109  10.177  -11.729 1.00 11.27 ? 94  VAL A N   1 
ATOM   721  C CA  . VAL A 1 94  ? -0.978  10.188  -10.806 1.00 10.71 ? 94  VAL A CA  1 
ATOM   722  C C   . VAL A 1 94  ? -1.473  10.096  -9.369  1.00 9.36  ? 94  VAL A C   1 
ATOM   723  O O   . VAL A 1 94  ? -0.956  9.317   -8.556  1.00 9.95  ? 94  VAL A O   1 
ATOM   724  C CB  . VAL A 1 94  ? -0.101  11.431  -11.037 1.00 11.61 ? 94  VAL A CB  1 
ATOM   725  C CG1 . VAL A 1 94  ? 1.015   11.472  -10.016 1.00 13.12 ? 94  VAL A CG1 1 
ATOM   726  C CG2 . VAL A 1 94  ? 0.464   11.417  -12.451 1.00 13.91 ? 94  VAL A CG2 1 
ATOM   727  N N   . ARG A 1 95  ? -2.495  10.885  -9.037  1.00 9.03  ? 95  ARG A N   1 
ATOM   728  C CA  . ARG A 1 95  ? -3.049  10.813  -7.693  1.00 9.05  ? 95  ARG A CA  1 
ATOM   729  C C   . ARG A 1 95  ? -3.734  9.477   -7.428  1.00 8.53  ? 95  ARG A C   1 
ATOM   730  O O   . ARG A 1 95  ? -3.726  9.011   -6.286  1.00 8.64  ? 95  ARG A O   1 
ATOM   731  C CB  . ARG A 1 95  ? -3.973  11.996  -7.447  1.00 8.92  ? 95  ARG A CB  1 
ATOM   732  C CG  . ARG A 1 95  ? -3.212  13.327  -7.410  1.00 9.56  ? 95  ARG A CG  1 
ATOM   733  C CD  . ARG A 1 95  ? -4.123  14.454  -7.005  1.00 10.00 ? 95  ARG A CD  1 
ATOM   734  N NE  . ARG A 1 95  ? -3.436  15.722  -6.750  1.00 10.06 ? 95  ARG A NE  1 
ATOM   735  C CZ  . ARG A 1 95  ? -3.239  16.678  -7.656  1.00 9.93  ? 95  ARG A CZ  1 
ATOM   736  N NH1 . ARG A 1 95  ? -3.654  16.517  -8.906  1.00 11.09 ? 95  ARG A NH1 1 
ATOM   737  N NH2 . ARG A 1 95  ? -2.637  17.808  -7.301  1.00 10.75 ? 95  ARG A NH2 1 
ATOM   738  N N   . ARG A 1 96  ? -4.311  8.837   -8.453  1.00 9.13  ? 96  ARG A N   1 
ATOM   739  C CA  . ARG A 1 96  ? -4.839  7.488   -8.253  1.00 9.02  ? 96  ARG A CA  1 
ATOM   740  C C   . ARG A 1 96  ? -3.747  6.523   -7.810  1.00 8.75  ? 96  ARG A C   1 
ATOM   741  O O   . ARG A 1 96  ? -4.008  5.608   -7.017  1.00 9.15  ? 96  ARG A O   1 
ATOM   742  C CB  . ARG A 1 96  ? -5.535  6.980   -9.516  1.00 10.19 ? 96  ARG A CB  1 
ATOM   743  C CG  . ARG A 1 96  ? -6.889  7.623   -9.760  1.00 10.40 ? 96  ARG A CG  1 
ATOM   744  C CD  . ARG A 1 96  ? -7.547  7.063   -11.014 1.00 12.17 ? 96  ARG A CD  1 
ATOM   745  N NE  . ARG A 1 96  ? -8.828  7.705   -11.290 1.00 15.41 ? 96  ARG A NE  1 
ATOM   746  C CZ  . ARG A 1 96  ? -9.433  7.705   -12.474 1.00 16.42 ? 96  ARG A CZ  1 
ATOM   747  N NH1 . ARG A 1 96  ? -8.878  7.087   -13.509 1.00 20.23 ? 96  ARG A NH1 1 
ATOM   748  N NH2 . ARG A 1 96  ? -10.597 8.322   -12.626 1.00 17.28 ? 96  ARG A NH2 1 
ATOM   749  N N   . CYS A 1 97  ? -2.517  6.712   -8.296  1.00 8.88  ? 97  CYS A N   1 
ATOM   750  C CA  . CYS A 1 97  ? -1.414  5.876   -7.837  1.00 8.94  ? 97  CYS A CA  1 
ATOM   751  C C   . CYS A 1 97  ? -1.156  6.076   -6.350  1.00 8.53  ? 97  CYS A C   1 
ATOM   752  O O   . CYS A 1 97  ? -0.908  5.104   -5.624  1.00 8.86  ? 97  CYS A O   1 
ATOM   753  C CB  . CYS A 1 97  ? -0.146  6.154   -8.636  1.00 9.15  ? 97  CYS A CB  1 
ATOM   754  S SG  . CYS A 1 97  ? -0.222  5.619   -10.350 1.00 9.84  ? 97  CYS A SG  1 
ATOM   755  N N   . ALA A 1 98  ? -1.194  7.326   -5.881  1.00 8.76  ? 98  ALA A N   1 
ATOM   756  C CA  . ALA A 1 98  ? -1.037  7.575   -4.450  1.00 8.79  ? 98  ALA A CA  1 
ATOM   757  C C   . ALA A 1 98  ? -2.136  6.884   -3.646  1.00 7.98  ? 98  ALA A C   1 
ATOM   758  O O   . ALA A 1 98  ? -1.875  6.337   -2.568  1.00 8.53  ? 98  ALA A O   1 
ATOM   759  C CB  . ALA A 1 98  ? -0.998  9.079   -4.180  1.00 9.03  ? 98  ALA A CB  1 
ATOM   760  N N   . ALA A 1 99  ? -3.366  6.887   -4.165  1.00 8.18  ? 99  ALA A N   1 
ATOM   761  C CA  . ALA A 1 99  ? -4.472  6.209   -3.493  1.00 9.11  ? 99  ALA A CA  1 
ATOM   762  C C   . ALA A 1 99  ? -4.223  4.705   -3.394  1.00 8.80  ? 99  ALA A C   1 
ATOM   763  O O   . ALA A 1 99  ? -4.404  4.097   -2.331  1.00 9.12  ? 99  ALA A O   1 
ATOM   764  C CB  . ALA A 1 99  ? -5.772  6.476   -4.245  1.00 9.80  ? 99  ALA A CB  1 
ATOM   765  N N   . ILE A 1 100 ? -3.828  4.083   -4.508  1.00 8.34  ? 100 ILE A N   1 
ATOM   766  C CA  . ILE A 1 100 ? -3.529  2.652   -4.484  1.00 8.50  ? 100 ILE A CA  1 
ATOM   767  C C   . ILE A 1 100 ? -2.400  2.356   -3.510  1.00 8.47  ? 100 ILE A C   1 
ATOM   768  O O   . ILE A 1 100 ? -2.426  1.348   -2.788  1.00 9.11  ? 100 ILE A O   1 
ATOM   769  C CB  . ILE A 1 100 ? -3.183  2.133   -5.892  1.00 8.76  ? 100 ILE A CB  1 
ATOM   770  C CG1 . ILE A 1 100 ? -4.359  2.318   -6.847  1.00 9.96  ? 100 ILE A CG1 1 
ATOM   771  C CG2 . ILE A 1 100 ? -2.756  0.669   -5.829  1.00 9.63  ? 100 ILE A CG2 1 
ATOM   772  C CD1 . ILE A 1 100 ? -3.960  2.245   -8.306  1.00 11.06 ? 100 ILE A CD1 1 
ATOM   773  N N   . ASN A 1 101 ? -1.379  3.217   -3.496  1.00 8.62  ? 101 ASN A N   1 
ATOM   774  C CA  . ASN A 1 101 ? -0.237  3.013   -2.613  1.00 8.88  ? 101 ASN A CA  1 
ATOM   775  C C   . ASN A 1 101 ? -0.690  2.898   -1.157  1.00 8.29  ? 101 ASN A C   1 
ATOM   776  O O   . ASN A 1 101 ? -0.289  1.970   -0.435  1.00 8.68  ? 101 ASN A O   1 
ATOM   777  C CB  . ASN A 1 101 ? 0.738   4.176   -2.832  1.00 8.74  ? 101 ASN A CB  1 
ATOM   778  C CG  . ASN A 1 101 ? 2.095   3.951   -2.214  1.00 8.02  ? 101 ASN A CG  1 
ATOM   779  O OD1 . ASN A 1 101 ? 2.207   3.660   -1.023  1.00 8.91  ? 101 ASN A OD1 1 
ATOM   780  N ND2 . ASN A 1 101 ? 3.141   4.104   -3.015  1.00 9.00  ? 101 ASN A ND2 1 
ATOM   781  N N   . MET A 1 102 ? -1.540  3.835   -0.711  1.00 8.40  ? 102 MET A N   1 
ATOM   782  C CA  . MET A 1 102 ? -2.025  3.798   0.667   1.00 8.61  ? 102 MET A CA  1 
ATOM   783  C C   . MET A 1 102 ? -2.829  2.537   0.955   1.00 8.86  ? 102 MET A C   1 
ATOM   784  O O   . MET A 1 102 ? -2.704  1.956   2.039   1.00 9.41  ? 102 MET A O   1 
ATOM   785  C CB  . MET A 1 102 ? -2.864  5.039   0.976   1.00 9.25  ? 102 MET A CB  1 
ATOM   786  C CG  . MET A 1 102 ? -2.062  6.331   0.974   1.00 9.48  ? 102 MET A CG  1 
ATOM   787  S SD  . MET A 1 102 ? -3.014  7.739   1.579   1.00 9.88  ? 102 MET A SD  1 
ATOM   788  C CE  . MET A 1 102 ? -3.149  7.333   3.317   1.00 11.12 ? 102 MET A CE  1 
ATOM   789  N N   . VAL A 1 103 ? -3.698  2.127   0.026   1.00 9.14  ? 103 VAL A N   1 
ATOM   790  C CA  . VAL A 1 103 ? -4.505  0.932   0.254   1.00 9.52  ? 103 VAL A CA  1 
ATOM   791  C C   . VAL A 1 103 ? -3.630  -0.318  0.255   1.00 9.65  ? 103 VAL A C   1 
ATOM   792  O O   . VAL A 1 103 ? -3.864  -1.257  1.028   1.00 10.60 ? 103 VAL A O   1 
ATOM   793  C CB  . VAL A 1 103 ? -5.667  0.866   -0.754  1.00 10.50 ? 103 VAL A CB  1 
ATOM   794  C CG1 . VAL A 1 103 ? -6.406  -0.460  -0.667  1.00 11.68 ? 103 VAL A CG1 1 
ATOM   795  C CG2 . VAL A 1 103 ? -6.624  2.025   -0.497  1.00 11.52 ? 103 VAL A CG2 1 
ATOM   796  N N   . PHE A 1 104 ? -2.604  -0.346  -0.596  1.00 9.25  ? 104 PHE A N   1 
ATOM   797  C CA  . PHE A 1 104 ? -1.647  -1.447  -0.576  1.00 9.42  ? 104 PHE A CA  1 
ATOM   798  C C   . PHE A 1 104 ? -0.973  -1.550  0.787   1.00 9.46  ? 104 PHE A C   1 
ATOM   799  O O   . PHE A 1 104 ? -0.826  -2.651  1.335   1.00 10.59 ? 104 PHE A O   1 
ATOM   800  C CB  . PHE A 1 104 ? -0.632  -1.209  -1.699  1.00 9.45  ? 104 PHE A CB  1 
ATOM   801  C CG  . PHE A 1 104 ? 0.371   -2.324  -1.922  1.00 8.59  ? 104 PHE A CG  1 
ATOM   802  C CD1 . PHE A 1 104 ? 1.494   -2.432  -1.126  1.00 9.61  ? 104 PHE A CD1 1 
ATOM   803  C CD2 . PHE A 1 104 ? 0.233   -3.194  -2.993  1.00 9.50  ? 104 PHE A CD2 1 
ATOM   804  C CE1 . PHE A 1 104 ? 2.438   -3.415  -1.362  1.00 10.95 ? 104 PHE A CE1 1 
ATOM   805  C CE2 . PHE A 1 104 ? 1.179   -4.171  -3.237  1.00 9.99  ? 104 PHE A CE2 1 
ATOM   806  C CZ  . PHE A 1 104 ? 2.281   -4.281  -2.418  1.00 11.25 ? 104 PHE A CZ  1 
ATOM   807  N N   . GLN A 1 105 ? -0.577  -0.416  1.357   1.00 9.61  ? 105 GLN A N   1 
ATOM   808  C CA  . GLN A 1 105 ? 0.158   -0.440  2.612   1.00 9.94  ? 105 GLN A CA  1 
ATOM   809  C C   . GLN A 1 105 ? -0.742  -0.755  3.800   1.00 10.48 ? 105 GLN A C   1 
ATOM   810  O O   . GLN A 1 105 ? -0.352  -1.529  4.683   1.00 12.13 ? 105 GLN A O   1 
ATOM   811  C CB  . GLN A 1 105 ? 0.876   0.896   2.824   1.00 10.08 ? 105 GLN A CB  1 
ATOM   812  C CG  . GLN A 1 105 ? 1.718   0.915   4.094   1.00 11.00 ? 105 GLN A CG  1 
ATOM   813  C CD  . GLN A 1 105 ? 2.473   2.227   4.318   1.00 10.22 ? 105 GLN A CD  1 
ATOM   814  O OE1 . GLN A 1 105 ? 2.359   3.172   3.539   1.00 10.29 ? 105 GLN A OE1 1 
ATOM   815  N NE2 . GLN A 1 105 ? 3.234   2.291   5.407   1.00 12.43 ? 105 GLN A NE2 1 
ATOM   816  N N   . MET A 1 106 ? -1.945  -0.181  3.866   1.00 11.05 ? 106 MET A N   1 
ATOM   817  C CA  A MET A 1 106 ? -2.725  -0.350  5.083   0.24 12.42 ? 106 MET A CA  1 
ATOM   818  C CA  B MET A 1 106 ? -2.781  -0.239  5.059   0.76 12.34 ? 106 MET A CA  1 
ATOM   819  C C   . MET A 1 106 ? -4.081  -1.015  4.897   1.00 12.96 ? 106 MET A C   1 
ATOM   820  O O   . MET A 1 106 ? -4.752  -1.282  5.902   1.00 14.11 ? 106 MET A O   1 
ATOM   821  C CB  A MET A 1 106 ? -2.849  0.969   5.859   0.24 14.29 ? 106 MET A CB  1 
ATOM   822  C CB  B MET A 1 106 ? -3.111  1.180   5.526   0.76 13.36 ? 106 MET A CB  1 
ATOM   823  C CG  A MET A 1 106 ? -3.539  2.060   5.104   0.24 14.77 ? 106 MET A CG  1 
ATOM   824  C CG  B MET A 1 106 ? -1.890  1.886   6.049   0.76 14.35 ? 106 MET A CG  1 
ATOM   825  S SD  A MET A 1 106 ? -3.101  3.716   5.666   0.24 17.80 ? 106 MET A SD  1 
ATOM   826  S SD  B MET A 1 106 ? -2.237  3.559   6.578   0.76 14.97 ? 106 MET A SD  1 
ATOM   827  C CE  A MET A 1 106 ? -1.691  4.054   4.614   0.24 11.92 ? 106 MET A CE  1 
ATOM   828  C CE  B MET A 1 106 ? -2.181  4.415   5.013   0.76 14.45 ? 106 MET A CE  1 
ATOM   829  N N   . GLY A 1 107 ? -4.479  -1.337  3.672   1.00 13.30 ? 107 GLY A N   1 
ATOM   830  C CA  . GLY A 1 107 ? -5.752  -1.998  3.453   1.00 14.27 ? 107 GLY A CA  1 
ATOM   831  C C   . GLY A 1 107 ? -6.930  -1.060  3.615   1.00 15.95 ? 107 GLY A C   1 
ATOM   832  O O   . GLY A 1 107 ? -6.775  0.078   4.064   1.00 16.01 ? 107 GLY A O   1 
ATOM   833  N N   . GLU A 1 108 ? -8.124  -1.534  3.255   1.00 18.32 ? 108 GLU A N   1 
ATOM   834  C CA  . GLU A 1 108 ? -9.319  -0.710  3.403   1.00 17.76 ? 108 GLU A CA  1 
ATOM   835  C C   . GLU A 1 108 ? -9.583  -0.371  4.863   1.00 17.96 ? 108 GLU A C   1 
ATOM   836  O O   . GLU A 1 108 ? -10.022 0.742   5.180   1.00 19.31 ? 108 GLU A O   1 
ATOM   837  C CB  . GLU A 1 108 ? -10.524 -1.431  2.806   1.00 20.92 ? 108 GLU A CB  1 
ATOM   838  C CG  . GLU A 1 108 ? -10.429 -1.694  1.315   1.00 22.52 ? 108 GLU A CG  1 
ATOM   839  C CD  . GLU A 1 108 ? -11.638 -2.441  0.789   1.00 23.94 ? 108 GLU A CD  1 
ATOM   840  O OE1 . GLU A 1 108 ? -12.775 -1.998  1.055   1.00 22.97 ? 108 GLU A OE1 1 
ATOM   841  O OE2 . GLU A 1 108 ? -11.454 -3.482  0.125   1.00 26.68 ? 108 GLU A OE2 1 
ATOM   842  N N   A THR A 1 109 ? -9.315  -1.313  5.771   0.92 18.62 ? 109 THR A N   1 
ATOM   843  N N   C THR A 1 109 ? -9.326  -1.320  5.769   0.08 18.59 ? 109 THR A N   1 
ATOM   844  C CA  A THR A 1 109 ? -9.539  -1.058  7.191   0.92 19.28 ? 109 THR A CA  1 
ATOM   845  C CA  C THR A 1 109 ? -9.663  -1.136  7.179   0.08 19.19 ? 109 THR A CA  1 
ATOM   846  C C   A THR A 1 109 ? -8.556  -0.029  7.735   0.92 18.13 ? 109 THR A C   1 
ATOM   847  C C   C THR A 1 109 ? -9.024  0.126   7.748   0.08 17.95 ? 109 THR A C   1 
ATOM   848  O O   A THR A 1 109 ? -8.926  0.813   8.561   0.92 18.38 ? 109 THR A O   1 
ATOM   849  O O   C THR A 1 109 ? -9.676  0.903   8.454   0.08 18.07 ? 109 THR A O   1 
ATOM   850  C CB  A THR A 1 109 ? -9.445  -2.363  7.981   0.92 20.64 ? 109 THR A CB  1 
ATOM   851  C CB  C THR A 1 109 ? -9.239  -2.369  7.979   0.08 20.47 ? 109 THR A CB  1 
ATOM   852  N N   A GLY A 1 110 ? -7.298  -0.080  7.288   0.92 16.09 ? 110 GLY A N   1 
ATOM   853  N N   C GLY A 1 110 ? -7.742  0.347   7.444   0.08 17.22 ? 110 GLY A N   1 
ATOM   854  C CA  A GLY A 1 110 ? -6.305  0.868   7.758   0.92 17.67 ? 110 GLY A CA  1 
ATOM   855  C CA  C GLY A 1 110 ? -7.062  1.541   7.917   0.08 17.12 ? 110 GLY A CA  1 
ATOM   856  C C   A GLY A 1 110 ? -6.557  2.292   7.320   0.92 16.14 ? 110 GLY A C   1 
ATOM   857  C C   C GLY A 1 110 ? -7.262  2.762   7.047   0.08 16.75 ? 110 GLY A C   1 
ATOM   858  O O   A GLY A 1 110 ? -6.056  3.222   7.962   0.92 17.53 ? 110 GLY A O   1 
ATOM   859  O O   C GLY A 1 110 ? -6.980  3.880   7.494   0.08 16.84 ? 110 GLY A O   1 
ATOM   860  N N   A VAL A 1 111 ? -7.325  2.489   6.242   0.92 16.74 ? 111 VAL A N   1 
ATOM   861  N N   C VAL A 1 111 ? -7.740  2.576   5.813   0.08 16.59 ? 111 VAL A N   1 
ATOM   862  C CA  A VAL A 1 111 ? -7.658  3.832   5.770   0.92 15.61 ? 111 VAL A CA  1 
ATOM   863  C CA  C VAL A 1 111 ? -7.969  3.699   4.903   0.08 16.12 ? 111 VAL A CA  1 
ATOM   864  C C   A VAL A 1 111 ? -9.026  4.305   6.240   0.92 15.43 ? 111 VAL A C   1 
ATOM   865  C C   C VAL A 1 111 ? -9.268  4.436   5.204   0.08 16.06 ? 111 VAL A C   1 
ATOM   866  O O   A VAL A 1 111 ? -9.452  5.395   5.846   0.92 14.77 ? 111 VAL A O   1 
ATOM   867  O O   C VAL A 1 111 ? -9.452  5.570   4.741   0.08 15.89 ? 111 VAL A O   1 
ATOM   868  C CB  A VAL A 1 111 ? -7.535  3.996   4.237   0.92 15.69 ? 111 VAL A CB  1 
ATOM   869  C CB  C VAL A 1 111 ? -7.747  3.168   3.470   0.08 16.27 ? 111 VAL A CB  1 
ATOM   870  C CG1 A VAL A 1 111 ? -6.145  3.650   3.754   0.92 16.73 ? 111 VAL A CG1 1 
ATOM   871  C CG1 C VAL A 1 111 ? -8.454  4.011   2.429   0.08 16.03 ? 111 VAL A CG1 1 
ATOM   872  C CG2 A VAL A 1 111 ? -8.592  3.171   3.506   0.92 16.73 ? 111 VAL A CG2 1 
ATOM   873  C CG2 C VAL A 1 111 ? -6.255  3.094   3.162   0.08 15.32 ? 111 VAL A CG2 1 
ATOM   874  N N   A ALA A 1 112 ? -9.723  3.525   7.072   0.92 15.55 ? 112 ALA A N   1 
ATOM   875  N N   C ALA A 1 112 ? -10.151 3.848   6.014   0.08 16.28 ? 112 ALA A N   1 
ATOM   876  C CA  A ALA A 1 112 ? -11.083 3.889   7.471   0.92 16.19 ? 112 ALA A CA  1 
ATOM   877  C CA  C ALA A 1 112 ? -11.462 4.444   6.262   0.08 16.07 ? 112 ALA A CA  1 
ATOM   878  C C   A ALA A 1 112 ? -11.141 5.233   8.189   0.92 16.05 ? 112 ALA A C   1 
ATOM   879  C C   C ALA A 1 112 ? -11.362 5.697   7.129   0.08 15.88 ? 112 ALA A C   1 
ATOM   880  O O   A ALA A 1 112 ? -12.130 5.963   8.055   0.92 16.51 ? 112 ALA A O   1 
ATOM   881  O O   C ALA A 1 112 ? -11.854 6.767   6.749   0.08 16.07 ? 112 ALA A O   1 
ATOM   882  C CB  A ALA A 1 112 ? -11.689 2.789   8.343   0.92 18.41 ? 112 ALA A CB  1 
ATOM   883  C CB  C ALA A 1 112 ? -12.394 3.411   6.900   0.08 16.83 ? 112 ALA A CB  1 
ATOM   884  N N   A GLY A 1 113 ? -10.103 5.582   8.948   0.92 15.26 ? 113 GLY A N   1 
ATOM   885  N N   C GLY A 1 113 ? -10.725 5.586   8.298   0.08 15.86 ? 113 GLY A N   1 
ATOM   886  C CA  A GLY A 1 113 ? -10.081 6.844   9.659   0.92 15.21 ? 113 GLY A CA  1 
ATOM   887  C CA  C GLY A 1 113 ? -10.632 6.676   9.261   0.08 15.51 ? 113 GLY A CA  1 
ATOM   888  C C   A GLY A 1 113 ? -9.729  8.058   8.830   0.92 13.98 ? 113 GLY A C   1 
ATOM   889  C C   C GLY A 1 113 ? -10.112 7.983   8.693   0.08 14.33 ? 113 GLY A C   1 
ATOM   890  O O   A GLY A 1 113 ? -9.680  9.168   9.370   0.92 14.45 ? 113 GLY A O   1 
ATOM   891  O O   C GLY A 1 113 ? -10.259 9.053   9.293   0.08 14.38 ? 113 GLY A O   1 
ATOM   892  N N   . PHE A 1 114 ? -9.491  7.884   7.523   1.00 14.07 ? 114 PHE A N   1 
ATOM   893  C CA  . PHE A 1 114 ? -9.087  8.995   6.673   1.00 13.40 ? 114 PHE A CA  1 
ATOM   894  C C   . PHE A 1 114 ? -10.274 9.699   6.013   1.00 12.77 ? 114 PHE A C   1 
ATOM   895  O O   . PHE A 1 114 ? -10.104 10.346  4.977   1.00 13.39 ? 114 PHE A O   1 
ATOM   896  C CB  . PHE A 1 114 ? -8.085  8.481   5.629   1.00 13.44 ? 114 PHE A CB  1 
ATOM   897  C CG  . PHE A 1 114 ? -6.708  8.194   6.193   1.00 13.61 ? 114 PHE A CG  1 
ATOM   898  C CD1 . PHE A 1 114 ? -6.450  7.026   6.899   1.00 15.87 ? 114 PHE A CD1 1 
ATOM   899  C CD2 . PHE A 1 114 ? -5.674  9.102   6.022   1.00 13.56 ? 114 PHE A CD2 1 
ATOM   900  C CE1 . PHE A 1 114 ? -5.183  6.774   7.419   1.00 16.25 ? 114 PHE A CE1 1 
ATOM   901  C CE2 . PHE A 1 114 ? -4.407  8.851   6.532   1.00 13.66 ? 114 PHE A CE2 1 
ATOM   902  C CZ  . PHE A 1 114 ? -4.162  7.690   7.233   1.00 14.14 ? 114 PHE A CZ  1 
ATOM   903  N N   . THR A 1 115 ? -11.462 9.614   6.624   1.00 13.35 ? 115 THR A N   1 
ATOM   904  C CA  . THR A 1 115 ? -12.674 10.225  6.077   1.00 14.25 ? 115 THR A CA  1 
ATOM   905  C C   . THR A 1 115 ? -12.487 11.703  5.731   1.00 12.96 ? 115 THR A C   1 
ATOM   906  O O   . THR A 1 115 ? -12.923 12.164  4.669   1.00 13.23 ? 115 THR A O   1 
ATOM   907  C CB  . THR A 1 115 ? -13.809 10.066  7.086   1.00 15.23 ? 115 THR A CB  1 
ATOM   908  O OG1 . THR A 1 115 ? -13.997 8.677   7.373   1.00 17.77 ? 115 THR A OG1 1 
ATOM   909  C CG2 . THR A 1 115 ? -15.104 10.661  6.552   1.00 18.43 ? 115 THR A CG2 1 
ATOM   910  N N   . ASN A 1 116 ? -11.889 12.479  6.639   1.00 12.78 ? 116 ASN A N   1 
ATOM   911  C CA  . ASN A 1 116 ? -11.721 13.903  6.362   1.00 12.14 ? 116 ASN A CA  1 
ATOM   912  C C   . ASN A 1 116 ? -10.706 14.134  5.249   1.00 11.99 ? 116 ASN A C   1 
ATOM   913  O O   . ASN A 1 116 ? -10.890 15.024  4.414   1.00 12.84 ? 116 ASN A O   1 
ATOM   914  C CB  . ASN A 1 116 ? -11.341 14.662  7.632   1.00 12.67 ? 116 ASN A CB  1 
ATOM   915  C CG  . ASN A 1 116 ? -12.373 14.503  8.726   1.00 13.29 ? 116 ASN A CG  1 
ATOM   916  N N   . SER A 1 117 ? -9.634  13.336  5.215   1.00 11.83 ? 117 SER A N   1 
ATOM   917  C CA  . SER A 1 117 ? -8.673  13.431  4.120   1.00 12.17 ? 117 SER A CA  1 
ATOM   918  C C   . SER A 1 117 ? -9.346  13.135  2.788   1.00 11.52 ? 117 SER A C   1 
ATOM   919  O O   . SER A 1 117 ? -9.090  13.809  1.783   1.00 11.38 ? 117 SER A O   1 
ATOM   920  C CB  . SER A 1 117 ? -7.534  12.429  4.328   1.00 13.12 ? 117 SER A CB  1 
ATOM   921  O OG  . SER A 1 117 ? -7.053  12.414  5.662   1.00 16.83 ? 117 SER A OG  1 
ATOM   922  N N   . LEU A 1 118 ? -10.198 12.107  2.764   1.00 12.03 ? 118 LEU A N   1 
ATOM   923  C CA  . LEU A 1 118 ? -10.900 11.735  1.543   1.00 11.68 ? 118 LEU A CA  1 
ATOM   924  C C   . LEU A 1 118 ? -11.775 12.870  1.042   1.00 12.06 ? 118 LEU A C   1 
ATOM   925  O O   . LEU A 1 118 ? -11.827 13.136  -0.166  1.00 12.26 ? 118 LEU A O   1 
ATOM   926  C CB  . LEU A 1 118 ? -11.761 10.504  1.806   1.00 12.59 ? 118 LEU A CB  1 
ATOM   927  C CG  . LEU A 1 118 ? -11.036 9.167   1.796   1.00 14.67 ? 118 LEU A CG  1 
ATOM   928  C CD1 . LEU A 1 118 ? -11.836 8.113   2.540   1.00 15.40 ? 118 LEU A CD1 1 
ATOM   929  C CD2 . LEU A 1 118 ? -10.780 8.746   0.358   1.00 14.48 ? 118 LEU A CD2 1 
ATOM   930  N N   . ARG A 1 119 ? -12.475 13.551  1.954   1.00 11.99 ? 119 ARG A N   1 
ATOM   931  C CA  . ARG A 1 119 ? -13.302 14.679  1.547   1.00 13.31 ? 119 ARG A CA  1 
ATOM   932  C C   . ARG A 1 119 ? -12.451 15.786  0.944   1.00 11.94 ? 119 ARG A C   1 
ATOM   933  O O   . ARG A 1 119 ? -12.798 16.345  -0.099  1.00 12.60 ? 119 ARG A O   1 
ATOM   934  C CB  . ARG A 1 119 ? -14.109 15.194  2.737   1.00 14.55 ? 119 ARG A CB  1 
ATOM   935  C CG  . ARG A 1 119 ? -14.948 16.425  2.431   1.00 16.79 ? 119 ARG A CG  1 
ATOM   936  C CD  . ARG A 1 119 ? -15.652 16.936  3.686   1.00 19.52 ? 119 ARG A CD  1 
ATOM   937  N NE  . ARG A 1 119 ? -16.360 15.864  4.387   1.00 22.95 ? 119 ARG A NE  1 
ATOM   938  C CZ  . ARG A 1 119 ? -15.997 15.365  5.568   1.00 21.98 ? 119 ARG A CZ  1 
ATOM   939  N NH1 . ARG A 1 119 ? -14.917 15.825  6.186   1.00 21.39 ? 119 ARG A NH1 1 
ATOM   940  N NH2 . ARG A 1 119 ? -16.707 14.392  6.124   1.00 24.59 ? 119 ARG A NH2 1 
ATOM   941  N N   . MET A 1 120 ? -11.320 16.106  1.580   1.00 11.57 ? 120 MET A N   1 
ATOM   942  C CA  . MET A 1 120 ? -10.455 17.154  1.048   1.00 11.24 ? 120 MET A CA  1 
ATOM   943  C C   . MET A 1 120 ? -9.903  16.773  -0.320  1.00 10.44 ? 120 MET A C   1 
ATOM   944  O O   . MET A 1 120 ? -9.799  17.620  -1.211  1.00 11.50 ? 120 MET A O   1 
ATOM   945  C CB  . MET A 1 120 ? -9.323  17.457  2.026   1.00 11.41 ? 120 MET A CB  1 
ATOM   946  C CG  . MET A 1 120 ? -9.798  18.029  3.341   1.00 12.24 ? 120 MET A CG  1 
ATOM   947  S SD  . MET A 1 120 ? -8.436  18.220  4.487   1.00 13.57 ? 120 MET A SD  1 
ATOM   948  C CE  . MET A 1 120 ? -9.312  18.459  6.027   1.00 15.39 ? 120 MET A CE  1 
ATOM   949  N N   . LEU A 1 121 ? -9.547  15.497  -0.510  1.00 10.17 ? 121 LEU A N   1 
ATOM   950  C CA  . LEU A 1 121 ? -9.084  15.046  -1.820  1.00 10.28 ? 121 LEU A CA  1 
ATOM   951  C C   . LEU A 1 121 ? -10.181 15.168  -2.869  1.00 11.05 ? 121 LEU A C   1 
ATOM   952  O O   . LEU A 1 121 ? -9.930  15.625  -3.988  1.00 10.90 ? 121 LEU A O   1 
ATOM   953  C CB  . LEU A 1 121 ? -8.571  13.605  -1.747  1.00 10.25 ? 121 LEU A CB  1 
ATOM   954  C CG  . LEU A 1 121 ? -7.281  13.406  -0.959  1.00 9.97  ? 121 LEU A CG  1 
ATOM   955  C CD1 . LEU A 1 121 ? -7.037  11.913  -0.733  1.00 11.46 ? 121 LEU A CD1 1 
ATOM   956  C CD2 . LEU A 1 121 ? -6.083  14.041  -1.654  1.00 10.91 ? 121 LEU A CD2 1 
ATOM   957  N N   . GLN A 1 122 ? -11.401 14.754  -2.528  1.00 11.11 ? 122 GLN A N   1 
ATOM   958  C CA  . GLN A 1 122 ? -12.506 14.871  -3.475  1.00 13.56 ? 122 GLN A CA  1 
ATOM   959  C C   . GLN A 1 122 ? -12.772 16.325  -3.835  1.00 12.60 ? 122 GLN A C   1 
ATOM   960  O O   . GLN A 1 122 ? -13.132 16.634  -4.979  1.00 15.39 ? 122 GLN A O   1 
ATOM   961  C CB  . GLN A 1 122 ? -13.767 14.214  -2.915  1.00 15.94 ? 122 GLN A CB  1 
ATOM   962  C CG  . GLN A 1 122 ? -14.982 14.354  -3.833  1.00 21.03 ? 122 GLN A CG  1 
ATOM   963  C CD  . GLN A 1 122 ? -15.882 13.139  -3.829  1.00 22.88 ? 122 GLN A CD  1 
ATOM   964  O OE1 . GLN A 1 122 ? -15.898 12.366  -2.874  1.00 26.07 ? 122 GLN A OE1 1 
ATOM   965  N NE2 . GLN A 1 122 ? -16.654 12.971  -4.901  1.00 25.19 ? 122 GLN A NE2 1 
ATOM   966  N N   . GLN A 1 123 ? -12.594 17.232  -2.874  1.00 12.47 ? 123 GLN A N   1 
ATOM   967  C CA  . GLN A 1 123 ? -12.748 18.665  -3.096  1.00 12.84 ? 123 GLN A CA  1 
ATOM   968  C C   . GLN A 1 123 ? -11.556 19.285  -3.804  1.00 12.15 ? 123 GLN A C   1 
ATOM   969  O O   . GLN A 1 123 ? -11.597 20.485  -4.104  1.00 13.16 ? 123 GLN A O   1 
ATOM   970  C CB  . GLN A 1 123 ? -12.942 19.383  -1.763  1.00 13.83 ? 123 GLN A CB  1 
ATOM   971  C CG  . GLN A 1 123 ? -14.234 19.063  -1.047  1.00 16.35 ? 123 GLN A CG  1 
ATOM   972  C CD  . GLN A 1 123 ? -14.258 19.639  0.357   1.00 18.57 ? 123 GLN A CD  1 
ATOM   973  O OE1 . GLN A 1 123 ? -13.265 19.573  1.084   1.00 18.75 ? 123 GLN A OE1 1 
ATOM   974  N NE2 . GLN A 1 123 ? -15.390 20.212  0.741   1.00 24.82 ? 123 GLN A NE2 1 
ATOM   975  N N   . LYS A 1 124 ? -10.496 18.509  -4.047  1.00 11.27 ? 124 LYS A N   1 
ATOM   976  C CA  . LYS A 1 124 ? -9.281  18.990  -4.701  1.00 11.56 ? 124 LYS A CA  1 
ATOM   977  C C   . LYS A 1 124 ? -8.604  20.107  -3.914  1.00 11.56 ? 124 LYS A C   1 
ATOM   978  O O   . LYS A 1 124 ? -7.961  20.991  -4.480  1.00 13.10 ? 124 LYS A O   1 
ATOM   979  C CB  . LYS A 1 124 ? -9.510  19.338  -6.174  1.00 11.67 ? 124 LYS A CB  1 
ATOM   980  C CG  . LYS A 1 124 ? -10.056 18.141  -6.948  1.00 12.21 ? 124 LYS A CG  1 
ATOM   981  C CD  . LYS A 1 124 ? -10.019 18.353  -8.451  1.00 13.47 ? 124 LYS A CD  1 
ATOM   982  C CE  . LYS A 1 124 ? -10.462 17.104  -9.205  1.00 14.29 ? 124 LYS A CE  1 
ATOM   983  N NZ  . LYS A 1 124 ? -9.593  15.942  -8.944  1.00 13.92 ? 124 LYS A NZ  1 
ATOM   984  N N   . ARG A 1 125 ? -8.721  20.038  -2.591  1.00 10.91 ? 125 ARG A N   1 
ATOM   985  C CA  . ARG A 1 125 ? -8.031  20.968  -1.699  1.00 11.32 ? 125 ARG A CA  1 
ATOM   986  C C   . ARG A 1 125 ? -6.714  20.315  -1.295  1.00 10.53 ? 125 ARG A C   1 
ATOM   987  O O   . ARG A 1 125 ? -6.564  19.743  -0.218  1.00 11.08 ? 125 ARG A O   1 
ATOM   988  C CB  . ARG A 1 125 ? -8.918  21.308  -0.512  1.00 13.46 ? 125 ARG A CB  1 
ATOM   989  C CG  . ARG A 1 125 ? -10.248 21.914  -0.933  1.00 14.80 ? 125 ARG A CG  1 
ATOM   990  C CD  . ARG A 1 125 ? -11.096 22.307  0.255   1.00 18.73 ? 125 ARG A CD  1 
ATOM   991  N NE  . ARG A 1 125 ? -12.296 23.032  -0.151  1.00 21.62 ? 125 ARG A NE  1 
ATOM   992  C CZ  . ARG A 1 125 ? -13.130 23.622  0.699   1.00 24.21 ? 125 ARG A CZ  1 
ATOM   993  N NH1 . ARG A 1 125 ? -12.895 23.571  2.004   1.00 26.54 ? 125 ARG A NH1 1 
ATOM   994  N NH2 . ARG A 1 125 ? -14.202 24.259  0.247   1.00 25.46 ? 125 ARG A NH2 1 
ATOM   995  N N   . TRP A 1 126 ? -5.744  20.402  -2.203  1.00 10.34 ? 126 TRP A N   1 
ATOM   996  C CA  . TRP A 1 126 ? -4.580  19.526  -2.119  1.00 10.45 ? 126 TRP A CA  1 
ATOM   997  C C   . TRP A 1 126 ? -3.693  19.858  -0.924  1.00 10.35 ? 126 TRP A C   1 
ATOM   998  O O   . TRP A 1 126 ? -3.208  18.945  -0.241  1.00 10.58 ? 126 TRP A O   1 
ATOM   999  C CB  . TRP A 1 126 ? -3.771  19.592  -3.407  1.00 11.37 ? 126 TRP A CB  1 
ATOM   1000 C CG  . TRP A 1 126 ? -4.546  19.322  -4.662  1.00 10.81 ? 126 TRP A CG  1 
ATOM   1001 C CD1 . TRP A 1 126 ? -4.621  20.137  -5.756  1.00 11.25 ? 126 TRP A CD1 1 
ATOM   1002 C CD2 . TRP A 1 126 ? -5.333  18.153  -4.980  1.00 10.53 ? 126 TRP A CD2 1 
ATOM   1003 N NE1 . TRP A 1 126 ? -5.399  19.559  -6.728  1.00 11.52 ? 126 TRP A NE1 1 
ATOM   1004 C CE2 . TRP A 1 126 ? -5.848  18.345  -6.277  1.00 10.70 ? 126 TRP A CE2 1 
ATOM   1005 C CE3 . TRP A 1 126 ? -5.648  16.968  -4.299  1.00 10.91 ? 126 TRP A CE3 1 
ATOM   1006 C CZ2 . TRP A 1 126 ? -6.655  17.398  -6.910  1.00 11.47 ? 126 TRP A CZ2 1 
ATOM   1007 C CZ3 . TRP A 1 126 ? -6.467  16.034  -4.929  1.00 10.93 ? 126 TRP A CZ3 1 
ATOM   1008 C CH2 . TRP A 1 126 ? -6.955  16.254  -6.220  1.00 11.05 ? 126 TRP A CH2 1 
ATOM   1009 N N   . ASP A 1 127 ? -3.427  21.147  -0.675  1.00 10.90 ? 127 ASP A N   1 
ATOM   1010 C CA  . ASP A 1 127 ? -2.568  21.488  0.458   1.00 11.16 ? 127 ASP A CA  1 
ATOM   1011 C C   . ASP A 1 127 ? -3.231  21.109  1.774   1.00 10.57 ? 127 ASP A C   1 
ATOM   1012 O O   . ASP A 1 127 ? -2.568  20.611  2.695   1.00 11.03 ? 127 ASP A O   1 
ATOM   1013 C CB  . ASP A 1 127 ? -2.230  22.979  0.470   1.00 11.84 ? 127 ASP A CB  1 
ATOM   1014 C CG  . ASP A 1 127 ? -1.217  23.377  -0.579  1.00 12.61 ? 127 ASP A CG  1 
ATOM   1015 O OD1 . ASP A 1 127 ? -0.880  22.553  -1.453  1.00 15.15 ? 127 ASP A OD1 1 
ATOM   1016 O OD2 . ASP A 1 127 ? -0.758  24.540  -0.522  1.00 15.40 ? 127 ASP A OD2 1 
ATOM   1017 N N   . GLU A 1 128 ? -4.537  21.351  1.887   1.00 10.91 ? 128 GLU A N   1 
ATOM   1018 C CA  . GLU A 1 128 ? -5.249  20.980  3.103   1.00 12.43 ? 128 GLU A CA  1 
ATOM   1019 C C   . GLU A 1 128 ? -5.263  19.473  3.289   1.00 10.37 ? 128 GLU A C   1 
ATOM   1020 O O   . GLU A 1 128 ? -5.080  18.979  4.403   1.00 11.09 ? 128 GLU A O   1 
ATOM   1021 C CB  . GLU A 1 128 ? -6.676  21.524  3.086   1.00 13.35 ? 128 GLU A CB  1 
ATOM   1022 C CG  . GLU A 1 128 ? -6.768  23.010  3.339   1.00 16.37 ? 128 GLU A CG  1 
ATOM   1023 C CD  . GLU A 1 128 ? -8.038  23.617  2.778   1.00 22.40 ? 128 GLU A CD  1 
ATOM   1024 O OE1 . GLU A 1 128 ? -9.130  23.102  3.098   1.00 27.66 ? 128 GLU A OE1 1 
ATOM   1025 O OE2 . GLU A 1 128 ? -7.948  24.610  2.022   1.00 27.87 ? 128 GLU A OE2 1 
ATOM   1026 N N   . ALA A 1 129 ? -5.479  18.726  2.204   1.00 10.18 ? 129 ALA A N   1 
ATOM   1027 C CA  . ALA A 1 129 ? -5.435  17.274  2.295   1.00 10.19 ? 129 ALA A CA  1 
ATOM   1028 C C   . ALA A 1 129 ? -4.065  16.801  2.748   1.00 10.16 ? 129 ALA A C   1 
ATOM   1029 O O   . ALA A 1 129 ? -3.960  15.896  3.582   1.00 10.49 ? 129 ALA A O   1 
ATOM   1030 C CB  . ALA A 1 129 ? -5.804  16.661  0.946   1.00 11.00 ? 129 ALA A CB  1 
ATOM   1031 N N   . ALA A 1 130 ? -3.003  17.408  2.218   1.00 9.95  ? 130 ALA A N   1 
ATOM   1032 C CA  . ALA A 1 130 ? -1.652  17.012  2.599   1.00 10.65 ? 130 ALA A CA  1 
ATOM   1033 C C   . ALA A 1 130 ? -1.406  17.232  4.086   1.00 10.54 ? 130 ALA A C   1 
ATOM   1034 O O   . ALA A 1 130 ? -0.804  16.381  4.754   1.00 11.51 ? 130 ALA A O   1 
ATOM   1035 C CB  . ALA A 1 130 ? -0.632  17.790  1.771   1.00 12.12 ? 130 ALA A CB  1 
ATOM   1036 N N   . VAL A 1 131 ? -1.847  18.376  4.616   1.00 10.85 ? 131 VAL A N   1 
ATOM   1037 C CA  . VAL A 1 131 ? -1.713  18.633  6.046   1.00 11.52 ? 131 VAL A CA  1 
ATOM   1038 C C   . VAL A 1 131 ? -2.482  17.590  6.847   1.00 11.32 ? 131 VAL A C   1 
ATOM   1039 O O   . VAL A 1 131 ? -1.983  17.053  7.844   1.00 12.62 ? 131 VAL A O   1 
ATOM   1040 C CB  . VAL A 1 131 ? -2.175  20.066  6.368   1.00 11.96 ? 131 VAL A CB  1 
ATOM   1041 C CG1 . VAL A 1 131 ? -2.359  20.251  7.872   1.00 14.44 ? 131 VAL A CG1 1 
ATOM   1042 C CG2 . VAL A 1 131 ? -1.181  21.078  5.815   1.00 13.81 ? 131 VAL A CG2 1 
ATOM   1043 N N   . ASN A 1 132 ? -3.704  17.277  6.414   1.00 10.43 ? 132 ASN A N   1 
ATOM   1044 C CA  . ASN A 1 132 ? -4.533  16.339  7.162   1.00 10.74 ? 132 ASN A CA  1 
ATOM   1045 C C   . ASN A 1 132 ? -3.963  14.924  7.110   1.00 9.86  ? 132 ASN A C   1 
ATOM   1046 O O   . ASN A 1 132 ? -3.993  14.200  8.113   1.00 10.85 ? 132 ASN A O   1 
ATOM   1047 C CB  . ASN A 1 132 ? -5.957  16.374  6.614   1.00 11.09 ? 132 ASN A CB  1 
ATOM   1048 C CG  . ASN A 1 132 ? -6.915  15.528  7.430   1.00 12.84 ? 132 ASN A CG  1 
ATOM   1049 O OD1 . ASN A 1 132 ? -7.219  14.389  7.072   1.00 14.54 ? 132 ASN A OD1 1 
ATOM   1050 N ND2 . ASN A 1 132 ? -7.396  16.082  8.536   1.00 14.58 ? 132 ASN A ND2 1 
ATOM   1051 N N   . LEU A 1 133 ? -3.435  14.517  5.949   1.00 10.29 ? 133 LEU A N   1 
ATOM   1052 C CA  . LEU A 1 133 ? -2.892  13.171  5.790   1.00 9.81  ? 133 LEU A CA  1 
ATOM   1053 C C   . LEU A 1 133 ? -1.719  12.918  6.724   1.00 10.05 ? 133 LEU A C   1 
ATOM   1054 O O   . LEU A 1 133 ? -1.504  11.774  7.148   1.00 10.77 ? 133 LEU A O   1 
ATOM   1055 C CB  . LEU A 1 133 ? -2.455  12.962  4.338   1.00 10.35 ? 133 LEU A CB  1 
ATOM   1056 C CG  . LEU A 1 133 ? -3.567  12.708  3.317   1.00 10.26 ? 133 LEU A CG  1 
ATOM   1057 C CD1 . LEU A 1 133 ? -3.069  12.952  1.905   1.00 12.06 ? 133 LEU A CD1 1 
ATOM   1058 C CD2 . LEU A 1 133 ? -4.110  11.295  3.454   1.00 11.97 ? 133 LEU A CD2 1 
ATOM   1059 N N   . ALA A 1 134 ? -0.943  13.957  7.035   1.00 10.61 ? 134 ALA A N   1 
ATOM   1060 C CA  . ALA A 1 134 ? 0.227   13.813  7.889   1.00 11.18 ? 134 ALA A CA  1 
ATOM   1061 C C   . ALA A 1 134 ? -0.129  13.704  9.363   1.00 10.83 ? 134 ALA A C   1 
ATOM   1062 O O   . ALA A 1 134 ? 0.730   13.321  10.163  1.00 12.26 ? 134 ALA A O   1 
ATOM   1063 C CB  . ALA A 1 134 ? 1.198   14.978  7.671   1.00 12.84 ? 134 ALA A CB  1 
ATOM   1064 N N   . LYS A 1 135 ? -1.366  14.015  9.740   1.00 10.63 ? 135 LYS A N   1 
ATOM   1065 C CA  . LYS A 1 135 ? -1.799  13.878  11.128  1.00 10.72 ? 135 LYS A CA  1 
ATOM   1066 C C   . LYS A 1 135 ? -2.301  12.451  11.340  1.00 10.04 ? 135 LYS A C   1 
ATOM   1067 O O   . LYS A 1 135 ? -3.489  12.189  11.499  1.00 11.03 ? 135 LYS A O   1 
ATOM   1068 C CB  . LYS A 1 135 ? -2.860  14.922  11.452  1.00 11.75 ? 135 LYS A CB  1 
ATOM   1069 C CG  . LYS A 1 135 ? -2.365  16.357  11.304  1.00 12.26 ? 135 LYS A CG  1 
ATOM   1070 C CD  . LYS A 1 135 ? -3.487  17.376  11.438  1.00 13.97 ? 135 LYS A CD  1 
ATOM   1071 C CE  . LYS A 1 135 ? -2.945  18.790  11.296  1.00 14.94 ? 135 LYS A CE  1 
ATOM   1072 N NZ  . LYS A 1 135 ? -4.028  19.809  11.324  1.00 16.81 ? 135 LYS A NZ  1 
ATOM   1073 N N   . SER A 1 136 ? -1.359  11.509  11.314  1.00 10.38 ? 136 SER A N   1 
ATOM   1074 C CA  . SER A 1 136 ? -1.738  10.106  11.264  1.00 9.94  ? 136 SER A CA  1 
ATOM   1075 C C   . SER A 1 136 ? -0.627  9.243   11.840  1.00 10.09 ? 136 SER A C   1 
ATOM   1076 O O   . SER A 1 136 ? 0.556   9.573   11.734  1.00 10.16 ? 136 SER A O   1 
ATOM   1077 C CB  . SER A 1 136 ? -2.018  9.681   9.818   1.00 9.62  ? 136 SER A CB  1 
ATOM   1078 O OG  . SER A 1 136 ? -0.869  9.833   9.006   1.00 10.12 ? 136 SER A OG  1 
ATOM   1079 N N   . ARG A 1 137 ? -1.020  8.098   12.404  1.00 9.88  ? 137 ARG A N   1 
ATOM   1080 C CA  . ARG A 1 137 ? -0.023  7.098   12.770  1.00 10.03 ? 137 ARG A CA  1 
ATOM   1081 C C   . ARG A 1 137 ? 0.805   6.709   11.558  1.00 9.93  ? 137 ARG A C   1 
ATOM   1082 O O   . ARG A 1 137 ? 2.026   6.533   11.660  1.00 11.52 ? 137 ARG A O   1 
ATOM   1083 C CB  . ARG A 1 137 ? -0.682  5.859   13.377  1.00 10.52 ? 137 ARG A CB  1 
ATOM   1084 C CG  . ARG A 1 137 ? 0.333   4.787   13.750  1.00 12.05 ? 137 ARG A CG  1 
ATOM   1085 C CD  . ARG A 1 137 ? -0.280  3.559   14.402  1.00 13.52 ? 137 ARG A CD  1 
ATOM   1086 N NE  . ARG A 1 137 ? 0.763   2.684   14.929  1.00 16.24 ? 137 ARG A NE  1 
ATOM   1087 C CZ  . ARG A 1 137 ? 1.434   1.802   14.196  1.00 15.15 ? 137 ARG A CZ  1 
ATOM   1088 N NH1 . ARG A 1 137 ? 1.162   1.665   12.903  1.00 15.49 ? 137 ARG A NH1 1 
ATOM   1089 N NH2 . ARG A 1 137 ? 2.373   1.046   14.757  1.00 15.99 ? 137 ARG A NH2 1 
ATOM   1090 N N   . TRP A 1 138 ? 0.150   6.585   10.400  1.00 9.76  ? 138 TRP A N   1 
ATOM   1091 C CA  . TRP A 1 138 ? 0.832   6.256   9.153   1.00 10.35 ? 138 TRP A CA  1 
ATOM   1092 C C   . TRP A 1 138 ? 2.045   7.151   8.927   1.00 10.66 ? 138 TRP A C   1 
ATOM   1093 O O   . TRP A 1 138 ? 3.169   6.667   8.729   1.00 11.00 ? 138 TRP A O   1 
ATOM   1094 C CB  . TRP A 1 138 ? -0.162  6.418   8.005   1.00 10.37 ? 138 TRP A CB  1 
ATOM   1095 C CG  . TRP A 1 138 ? 0.408   6.338   6.628   1.00 10.21 ? 138 TRP A CG  1 
ATOM   1096 C CD1 . TRP A 1 138 ? 1.105   5.301   6.087   1.00 10.74 ? 138 TRP A CD1 1 
ATOM   1097 C CD2 . TRP A 1 138 ? 0.265   7.311   5.587   1.00 9.50  ? 138 TRP A CD2 1 
ATOM   1098 N NE1 . TRP A 1 138 ? 1.427   5.575   4.779   1.00 10.67 ? 138 TRP A NE1 1 
ATOM   1099 C CE2 . TRP A 1 138 ? 0.918   6.802   4.445   1.00 9.49  ? 138 TRP A CE2 1 
ATOM   1100 C CE3 . TRP A 1 138 ? -0.338  8.569   5.517   1.00 9.97  ? 138 TRP A CE3 1 
ATOM   1101 C CZ2 . TRP A 1 138 ? 0.963   7.497   3.243   1.00 9.43  ? 138 TRP A CZ2 1 
ATOM   1102 C CZ3 . TRP A 1 138 ? -0.286  9.260   4.333   1.00 10.48 ? 138 TRP A CZ3 1 
ATOM   1103 C CH2 . TRP A 1 138 ? 0.367   8.732   3.211   1.00 10.14 ? 138 TRP A CH2 1 
ATOM   1104 N N   . TYR A 1 139 ? 1.828   8.468   8.957   1.00 10.10 ? 139 TYR A N   1 
ATOM   1105 C CA  . TYR A 1 139 ? 2.916   9.407   8.715   1.00 10.89 ? 139 TYR A CA  1 
ATOM   1106 C C   . TYR A 1 139 ? 3.983   9.302   9.795   1.00 11.34 ? 139 TYR A C   1 
ATOM   1107 O O   . TYR A 1 139 ? 5.182   9.295   9.497   1.00 12.98 ? 139 TYR A O   1 
ATOM   1108 C CB  . TYR A 1 139 ? 2.340   10.820  8.648   1.00 12.03 ? 139 TYR A CB  1 
ATOM   1109 C CG  . TYR A 1 139 ? 3.353   11.934  8.510   1.00 13.12 ? 139 TYR A CG  1 
ATOM   1110 C CD1 . TYR A 1 139 ? 3.884   12.557  9.635   1.00 16.29 ? 139 TYR A CD1 1 
ATOM   1111 C CD2 . TYR A 1 139 ? 3.737   12.400  7.261   1.00 15.58 ? 139 TYR A CD2 1 
ATOM   1112 C CE1 . TYR A 1 139 ? 4.797   13.586  9.520   1.00 19.35 ? 139 TYR A CE1 1 
ATOM   1113 C CE2 . TYR A 1 139 ? 4.648   13.434  7.134   1.00 19.24 ? 139 TYR A CE2 1 
ATOM   1114 C CZ  . TYR A 1 139 ? 5.172   14.023  8.268   1.00 19.88 ? 139 TYR A CZ  1 
ATOM   1115 O OH  . TYR A 1 139 ? 6.079   15.052  8.154   1.00 24.54 ? 139 TYR A OH  1 
ATOM   1116 N N   . ASN A 1 140 ? 3.572   9.200   11.057  1.00 10.25 ? 140 ASN A N   1 
ATOM   1117 C CA  . ASN A 1 140 ? 4.558   9.185   12.131  1.00 10.91 ? 140 ASN A CA  1 
ATOM   1118 C C   . ASN A 1 140 ? 5.426   7.932   12.092  1.00 10.84 ? 140 ASN A C   1 
ATOM   1119 O O   . ASN A 1 140 ? 6.627   7.990   12.389  1.00 12.49 ? 140 ASN A O   1 
ATOM   1120 C CB  . ASN A 1 140 ? 3.866   9.338   13.480  1.00 12.63 ? 140 ASN A CB  1 
ATOM   1121 C CG  . ASN A 1 140 ? 3.457   10.763  13.750  1.00 12.01 ? 140 ASN A CG  1 
ATOM   1122 O OD1 . ASN A 1 140 ? 2.299   11.139  13.557  1.00 14.00 ? 140 ASN A OD1 1 
ATOM   1123 N ND2 . ASN A 1 140 ? 4.409   11.574  14.179  1.00 13.20 ? 140 ASN A ND2 1 
ATOM   1124 N N   . GLN A 1 141 ? 4.852   6.796   11.712  1.00 10.47 ? 141 GLN A N   1 
ATOM   1125 C CA  . GLN A 1 141 ? 5.617   5.555   11.737  1.00 10.66 ? 141 GLN A CA  1 
ATOM   1126 C C   . GLN A 1 141 ? 6.445   5.330   10.475  1.00 10.44 ? 141 GLN A C   1 
ATOM   1127 O O   . GLN A 1 141 ? 7.536   4.751   10.560  1.00 11.68 ? 141 GLN A O   1 
ATOM   1128 C CB  . GLN A 1 141 ? 4.699   4.360   11.997  1.00 12.09 ? 141 GLN A CB  1 
ATOM   1129 C CG  . GLN A 1 141 ? 3.883   4.429   13.288  1.00 12.82 ? 141 GLN A CG  1 
ATOM   1130 C CD  . GLN A 1 141 ? 4.719   4.555   14.556  1.00 11.38 ? 141 GLN A CD  1 
ATOM   1131 O OE1 . GLN A 1 141 ? 4.433   5.394   15.416  1.00 14.40 ? 141 GLN A OE1 1 
ATOM   1132 N NE2 . GLN A 1 141 ? 5.742   3.718   14.688  1.00 13.45 ? 141 GLN A NE2 1 
ATOM   1133 N N   . THR A 1 142 ? 5.971   5.769   9.307   1.00 10.24 ? 142 THR A N   1 
ATOM   1134 C CA  . THR A 1 142 ? 6.738   5.673   8.061   1.00 10.23 ? 142 THR A CA  1 
ATOM   1135 C C   . THR A 1 142 ? 6.759   7.044   7.397   1.00 9.41  ? 142 THR A C   1 
ATOM   1136 O O   . THR A 1 142 ? 6.122   7.261   6.356   1.00 9.68  ? 142 THR A O   1 
ATOM   1137 C CB  . THR A 1 142 ? 6.207   4.582   7.120   1.00 10.55 ? 142 THR A CB  1 
ATOM   1138 O OG1 . THR A 1 142 ? 4.808   4.766   6.864   1.00 11.53 ? 142 THR A OG1 1 
ATOM   1139 C CG2 . THR A 1 142 ? 6.421   3.197   7.721   1.00 11.55 ? 142 THR A CG2 1 
ATOM   1140 N N   . PRO A 1 143 ? 7.491   8.000   7.974   1.00 9.38  ? 143 PRO A N   1 
ATOM   1141 C CA  . PRO A 1 143 ? 7.384   9.387   7.487   1.00 9.63  ? 143 PRO A CA  1 
ATOM   1142 C C   . PRO A 1 143 ? 7.972   9.617   6.114   1.00 9.41  ? 143 PRO A C   1 
ATOM   1143 O O   . PRO A 1 143 ? 7.436   10.435  5.363   1.00 10.06 ? 143 PRO A O   1 
ATOM   1144 C CB  . PRO A 1 143 ? 8.114   10.199  8.564   1.00 10.38 ? 143 PRO A CB  1 
ATOM   1145 C CG  . PRO A 1 143 ? 9.056   9.216   9.187   1.00 10.86 ? 143 PRO A CG  1 
ATOM   1146 C CD  . PRO A 1 143 ? 8.332   7.902   9.177   1.00 11.06 ? 143 PRO A CD  1 
ATOM   1147 N N   . ASN A 1 144 ? 9.081   8.969   5.762   1.00 10.40 ? 144 ASN A N   1 
ATOM   1148 C CA  . ASN A 1 144 ? 9.645   9.244   4.444   1.00 10.89 ? 144 ASN A CA  1 
ATOM   1149 C C   . ASN A 1 144 ? 8.743   8.718   3.340   1.00 9.61  ? 144 ASN A C   1 
ATOM   1150 O O   . ASN A 1 144 ? 8.510   9.403   2.340   1.00 10.45 ? 144 ASN A O   1 
ATOM   1151 C CB  . ASN A 1 144 ? 11.056  8.680   4.326   1.00 13.33 ? 144 ASN A CB  1 
ATOM   1152 C CG  . ASN A 1 144 ? 12.084  9.559   5.009   1.00 16.73 ? 144 ASN A CG  1 
ATOM   1153 O OD1 . ASN A 1 144 ? 11.825  10.729  5.295   1.00 21.48 ? 144 ASN A OD1 1 
ATOM   1154 N ND2 . ASN A 1 144 ? 13.261  9.004   5.266   1.00 22.75 ? 144 ASN A ND2 1 
ATOM   1155 N N   . ARG A 1 145 ? 8.217   7.506   3.508   1.00 9.79  ? 145 ARG A N   1 
ATOM   1156 C CA  . ARG A 1 145 ? 7.291   6.970   2.521   1.00 9.53  ? 145 ARG A CA  1 
ATOM   1157 C C   . ARG A 1 145 ? 5.994   7.776   2.493   1.00 9.74  ? 145 ARG A C   1 
ATOM   1158 O O   . ARG A 1 145 ? 5.488   8.104   1.411   1.00 10.00 ? 145 ARG A O   1 
ATOM   1159 C CB  . ARG A 1 145 ? 7.052   5.490   2.794   1.00 11.71 ? 145 ARG A CB  1 
ATOM   1160 C CG  . ARG A 1 145 ? 6.414   4.755   1.631   1.00 13.79 ? 145 ARG A CG  1 
ATOM   1161 C CD  . ARG A 1 145 ? 5.015   4.397   2.007   1.00 13.77 ? 145 ARG A CD  1 
ATOM   1162 N NE  . ARG A 1 145 ? 4.318   3.530   1.064   1.00 11.22 ? 145 ARG A NE  1 
ATOM   1163 C CZ  . ARG A 1 145 ? 4.412   2.208   1.048   1.00 10.45 ? 145 ARG A CZ  1 
ATOM   1164 N NH1 . ARG A 1 145 ? 5.234   1.582   1.879   1.00 12.66 ? 145 ARG A NH1 1 
ATOM   1165 N NH2 . ARG A 1 145 ? 3.674   1.515   0.198   1.00 10.14 ? 145 ARG A NH2 1 
ATOM   1166 N N   . ALA A 1 146 ? 5.450   8.116   3.665   1.00 10.19 ? 146 ALA A N   1 
ATOM   1167 C CA  . ALA A 1 146 ? 4.232   8.918   3.694   1.00 10.82 ? 146 ALA A CA  1 
ATOM   1168 C C   . ALA A 1 146 ? 4.456   10.282  3.051   1.00 10.43 ? 146 ALA A C   1 
ATOM   1169 O O   . ALA A 1 146 ? 3.591   10.772  2.315   1.00 10.65 ? 146 ALA A O   1 
ATOM   1170 C CB  . ALA A 1 146 ? 3.717   9.068   5.126   1.00 11.73 ? 146 ALA A CB  1 
ATOM   1171 N N   . LYS A 1 147 ? 5.615   10.902  3.298   1.00 10.40 ? 147 LYS A N   1 
ATOM   1172 C CA  . LYS A 1 147 ? 5.908   12.180  2.652   1.00 10.34 ? 147 LYS A CA  1 
ATOM   1173 C C   . LYS A 1 147 ? 5.903   12.054  1.131   1.00 9.53  ? 147 LYS A C   1 
ATOM   1174 O O   . LYS A 1 147 ? 5.405   12.946  0.434   1.00 10.25 ? 147 LYS A O   1 
ATOM   1175 C CB  . LYS A 1 147 ? 7.244   12.742  3.145   1.00 11.25 ? 147 LYS A CB  1 
ATOM   1176 C CG  . LYS A 1 147 ? 7.210   13.395  4.520   1.00 14.15 ? 147 LYS A CG  1 
ATOM   1177 C CD  . LYS A 1 147 ? 8.620   13.724  5.007   1.00 16.43 ? 147 LYS A CD  1 
ATOM   1178 C CE  . LYS A 1 147 ? 8.615   14.165  6.464   1.00 18.94 ? 147 LYS A CE  1 
ATOM   1179 N NZ  . LYS A 1 147 ? 9.966   14.557  6.961   1.00 21.66 ? 147 LYS A NZ  1 
ATOM   1180 N N   . ARG A 1 148 ? 6.445   10.958  0.588   1.00 9.57  ? 148 ARG A N   1 
ATOM   1181 C CA  . ARG A 1 148 ? 6.429   10.794  -0.866  1.00 9.33  ? 148 ARG A CA  1 
ATOM   1182 C C   . ARG A 1 148 ? 5.005   10.667  -1.380  1.00 8.54  ? 148 ARG A C   1 
ATOM   1183 O O   . ARG A 1 148 ? 4.639   11.278  -2.395  1.00 9.27  ? 148 ARG A O   1 
ATOM   1184 C CB  . ARG A 1 148 ? 7.241   9.565   -1.287  1.00 9.26  ? 148 ARG A CB  1 
ATOM   1185 C CG  . ARG A 1 148 ? 8.738   9.714   -1.136  1.00 9.94  ? 148 ARG A CG  1 
ATOM   1186 C CD  . ARG A 1 148 ? 9.502   8.600   -1.847  1.00 10.05 ? 148 ARG A CD  1 
ATOM   1187 N NE  . ARG A 1 148 ? 9.326   7.288   -1.226  1.00 10.33 ? 148 ARG A NE  1 
ATOM   1188 C CZ  . ARG A 1 148 ? 10.031  6.848   -0.188  1.00 10.56 ? 148 ARG A CZ  1 
ATOM   1189 N NH1 . ARG A 1 148 ? 10.967  7.609   0.373   1.00 12.28 ? 148 ARG A NH1 1 
ATOM   1190 N NH2 . ARG A 1 148 ? 9.800   5.636   0.292   1.00 12.12 ? 148 ARG A NH2 1 
ATOM   1191 N N   . VAL A 1 149 ? 4.192   9.853   -0.703  1.00 8.59  ? 149 VAL A N   1 
ATOM   1192 C CA  . VAL A 1 149 ? 2.807   9.667   -1.117  1.00 8.83  ? 149 VAL A CA  1 
ATOM   1193 C C   . VAL A 1 149 ? 2.039   10.978  -0.998  1.00 8.76  ? 149 VAL A C   1 
ATOM   1194 O O   . VAL A 1 149 ? 1.275   11.356  -1.901  1.00 9.15  ? 149 VAL A O   1 
ATOM   1195 C CB  . VAL A 1 149 ? 2.171   8.526   -0.300  1.00 9.04  ? 149 VAL A CB  1 
ATOM   1196 C CG1 . VAL A 1 149 ? 0.682   8.416   -0.584  1.00 10.41 ? 149 VAL A CG1 1 
ATOM   1197 C CG2 . VAL A 1 149 ? 2.886   7.204   -0.590  1.00 9.21  ? 149 VAL A CG2 1 
ATOM   1198 N N   . ILE A 1 150 ? 2.241   11.697  0.110   1.00 9.20  ? 150 ILE A N   1 
ATOM   1199 C CA  . ILE A 1 150 ? 1.551   12.967  0.320   1.00 9.57  ? 150 ILE A CA  1 
ATOM   1200 C C   . ILE A 1 150 ? 1.961   13.992  -0.732  1.00 9.71  ? 150 ILE A C   1 
ATOM   1201 O O   . ILE A 1 150 ? 1.115   14.725  -1.260  1.00 10.18 ? 150 ILE A O   1 
ATOM   1202 C CB  . ILE A 1 150 ? 1.779   13.472  1.757   1.00 10.23 ? 150 ILE A CB  1 
ATOM   1203 C CG1 . ILE A 1 150 ? 1.061   12.562  2.753   1.00 11.01 ? 150 ILE A CG1 1 
ATOM   1204 C CG2 . ILE A 1 150 ? 1.304   14.898  1.889   1.00 11.58 ? 150 ILE A CG2 1 
ATOM   1205 C CD1 . ILE A 1 150 ? 1.396   12.859  4.199   1.00 11.82 ? 150 ILE A CD1 1 
ATOM   1206 N N   . THR A 1 151 ? 3.255   14.061  -1.061  1.00 9.85  ? 151 THR A N   1 
ATOM   1207 C CA  . THR A 1 151 ? 3.691   14.978  -2.114  1.00 10.50 ? 151 THR A CA  1 
ATOM   1208 C C   . THR A 1 151 ? 3.029   14.643  -3.443  1.00 10.11 ? 151 THR A C   1 
ATOM   1209 O O   . THR A 1 151 ? 2.687   15.542  -4.227  1.00 10.83 ? 151 THR A O   1 
ATOM   1210 C CB  . THR A 1 151 ? 5.212   14.938  -2.240  1.00 11.77 ? 151 THR A CB  1 
ATOM   1211 O OG1 . THR A 1 151 ? 5.795   15.531  -1.074  1.00 14.78 ? 151 THR A OG1 1 
ATOM   1212 C CG2 . THR A 1 151 ? 5.691   15.681  -3.490  1.00 13.88 ? 151 THR A CG2 1 
ATOM   1213 N N   . THR A 1 152 ? 2.829   13.351  -3.704  1.00 9.75  ? 152 THR A N   1 
ATOM   1214 C CA  . THR A 1 152 ? 2.143   12.937  -4.922  1.00 10.01 ? 152 THR A CA  1 
ATOM   1215 C C   . THR A 1 152 ? 0.693   13.423  -4.928  1.00 9.81  ? 152 THR A C   1 
ATOM   1216 O O   . THR A 1 152 ? 0.210   13.947  -5.940  1.00 10.35 ? 152 THR A O   1 
ATOM   1217 C CB  . THR A 1 152 ? 2.255   11.415  -5.077  1.00 9.92  ? 152 THR A CB  1 
ATOM   1218 O OG1 . THR A 1 152 ? 3.632   11.022  -4.965  1.00 9.87  ? 152 THR A OG1 1 
ATOM   1219 C CG2 . THR A 1 152 ? 1.745   10.972  -6.425  1.00 10.49 ? 152 THR A CG2 1 
ATOM   1220 N N   . PHE A 1 153 ? -0.008  13.297  -3.795  1.00 9.88  ? 153 PHE A N   1 
ATOM   1221 C CA  . PHE A 1 153 ? -1.353  13.865  -3.691  1.00 11.03 ? 153 PHE A CA  1 
ATOM   1222 C C   . PHE A 1 153 ? -1.328  15.391  -3.769  1.00 11.16 ? 153 PHE A C   1 
ATOM   1223 O O   . PHE A 1 153 ? -2.254  16.005  -4.320  1.00 12.19 ? 153 PHE A O   1 
ATOM   1224 C CB  . PHE A 1 153 ? -1.989  13.469  -2.360  1.00 10.68 ? 153 PHE A CB  1 
ATOM   1225 C CG  . PHE A 1 153 ? -2.672  12.129  -2.351  1.00 10.03 ? 153 PHE A CG  1 
ATOM   1226 C CD1 . PHE A 1 153 ? -3.640  11.800  -3.283  1.00 11.07 ? 153 PHE A CD1 1 
ATOM   1227 C CD2 . PHE A 1 153 ? -2.364  11.222  -1.354  1.00 10.89 ? 153 PHE A CD2 1 
ATOM   1228 C CE1 . PHE A 1 153 ? -4.274  10.570  -3.227  1.00 12.07 ? 153 PHE A CE1 1 
ATOM   1229 C CE2 . PHE A 1 153 ? -2.989  10.004  -1.290  1.00 12.58 ? 153 PHE A CE2 1 
ATOM   1230 C CZ  . PHE A 1 153 ? -3.947  9.678   -2.223  1.00 11.64 ? 153 PHE A CZ  1 
ATOM   1231 N N   . ARG A 1 154 ? -0.317  16.032  -3.177  1.00 11.09 ? 154 ARG A N   1 
ATOM   1232 C CA  . ARG A 1 154 ? -0.318  17.492  -3.138  1.00 11.69 ? 154 ARG A CA  1 
ATOM   1233 C C   . ARG A 1 154 ? -0.109  18.083  -4.526  1.00 10.69 ? 154 ARG A C   1 
ATOM   1234 O O   . ARG A 1 154 ? -0.754  19.077  -4.891  1.00 11.91 ? 154 ARG A O   1 
ATOM   1235 C CB  . ARG A 1 154 ? 0.748   18.003  -2.168  1.00 12.02 ? 154 ARG A CB  1 
ATOM   1236 C CG  . ARG A 1 154 ? 0.702   19.503  -1.978  1.00 13.55 ? 154 ARG A CG  1 
ATOM   1237 C CD  . ARG A 1 154 ? 1.723   19.996  -0.966  1.00 15.74 ? 154 ARG A CD  1 
ATOM   1238 N NE  . ARG A 1 154 ? 3.085   19.542  -1.241  1.00 19.00 ? 154 ARG A NE  1 
ATOM   1239 C CZ  . ARG A 1 154 ? 3.924   20.143  -2.080  1.00 19.96 ? 154 ARG A CZ  1 
ATOM   1240 N NH1 . ARG A 1 154 ? 3.541   21.222  -2.749  1.00 21.25 ? 154 ARG A NH1 1 
ATOM   1241 N NH2 . ARG A 1 154 ? 5.146   19.657  -2.259  1.00 23.57 ? 154 ARG A NH2 1 
ATOM   1242 N N   . THR A 1 155 ? 0.783   17.478  -5.315  1.00 12.49 ? 155 THR A N   1 
ATOM   1243 C CA  . THR A 1 155 ? 1.230   18.059  -6.572  1.00 12.83 ? 155 THR A CA  1 
ATOM   1244 C C   . THR A 1 155 ? 0.668   17.384  -7.812  1.00 12.06 ? 155 THR A C   1 
ATOM   1245 O O   . THR A 1 155 ? 0.644   18.018  -8.872  1.00 13.25 ? 155 THR A O   1 
ATOM   1246 C CB  . THR A 1 155 ? 2.762   18.018  -6.673  1.00 12.16 ? 155 THR A CB  1 
ATOM   1247 O OG1 . THR A 1 155 ? 3.199   16.657  -6.780  1.00 11.30 ? 155 THR A OG1 1 
ATOM   1248 C CG2 . THR A 1 155 ? 3.404   18.669  -5.458  1.00 14.61 ? 155 THR A CG2 1 
ATOM   1249 N N   . GLY A 1 156 ? 0.253   16.119  -7.729  1.00 12.09 ? 156 GLY A N   1 
ATOM   1250 C CA  . GLY A 1 156 ? -0.126  15.407  -8.933  1.00 12.78 ? 156 GLY A CA  1 
ATOM   1251 C C   . GLY A 1 156 ? 1.027   15.139  -9.869  1.00 11.06 ? 156 GLY A C   1 
ATOM   1252 O O   . GLY A 1 156 ? 0.811   14.922  -11.067 1.00 12.06 ? 156 GLY A O   1 
ATOM   1253 N N   . THR A 1 157 ? 2.253   15.163  -9.354  1.00 11.38 ? 157 THR A N   1 
ATOM   1254 C CA  . THR A 1 157 ? 3.462   14.873  -10.108 1.00 11.22 ? 157 THR A CA  1 
ATOM   1255 C C   . THR A 1 157 ? 4.197   13.720  -9.447  1.00 9.99  ? 157 THR A C   1 
ATOM   1256 O O   . THR A 1 157 ? 3.909   13.332  -8.309  1.00 10.71 ? 157 THR A O   1 
ATOM   1257 C CB  . THR A 1 157 ? 4.423   16.072  -10.145 1.00 11.68 ? 157 THR A CB  1 
ATOM   1258 O OG1 . THR A 1 157 ? 5.107   16.183  -8.885  1.00 12.91 ? 157 THR A OG1 1 
ATOM   1259 C CG2 . THR A 1 157 ? 3.694   17.367  -10.471 1.00 14.12 ? 157 THR A CG2 1 
ATOM   1260 N N   . TRP A 1 158 ? 5.191   13.206  -10.169 1.00 10.60 ? 158 TRP A N   1 
ATOM   1261 C CA  . TRP A 1 158 ? 6.096   12.184  -9.674  1.00 10.80 ? 158 TRP A CA  1 
ATOM   1262 C C   . TRP A 1 158 ? 7.342   12.761  -9.008  1.00 11.10 ? 158 TRP A C   1 
ATOM   1263 O O   . TRP A 1 158 ? 8.316   12.025  -8.807  1.00 11.76 ? 158 TRP A O   1 
ATOM   1264 C CB  . TRP A 1 158 ? 6.493   11.257  -10.821 1.00 11.32 ? 158 TRP A CB  1 
ATOM   1265 C CG  . TRP A 1 158 ? 5.377   10.401  -11.297 1.00 10.91 ? 158 TRP A CG  1 
ATOM   1266 C CD1 . TRP A 1 158 ? 4.762   10.445  -12.517 1.00 12.86 ? 158 TRP A CD1 1 
ATOM   1267 C CD2 . TRP A 1 158 ? 4.735   9.363   -10.559 1.00 10.07 ? 158 TRP A CD2 1 
ATOM   1268 N NE1 . TRP A 1 158 ? 3.782   9.484   -12.586 1.00 12.11 ? 158 TRP A NE1 1 
ATOM   1269 C CE2 . TRP A 1 158 ? 3.745   8.807   -11.394 1.00 10.63 ? 158 TRP A CE2 1 
ATOM   1270 C CE3 . TRP A 1 158 ? 4.913   8.833   -9.279  1.00 10.54 ? 158 TRP A CE3 1 
ATOM   1271 C CZ2 . TRP A 1 158 ? 2.936   7.750   -10.988 1.00 11.53 ? 158 TRP A CZ2 1 
ATOM   1272 C CZ3 . TRP A 1 158 ? 4.106   7.786   -8.878  1.00 11.58 ? 158 TRP A CZ3 1 
ATOM   1273 C CH2 . TRP A 1 158 ? 3.131   7.254   -9.731  1.00 11.59 ? 158 TRP A CH2 1 
ATOM   1274 N N   . ASP A 1 159 ? 7.320   14.040  -8.622  1.00 11.40 ? 159 ASP A N   1 
ATOM   1275 C CA  . ASP A 1 159 ? 8.543   14.706  -8.173  1.00 12.08 ? 159 ASP A CA  1 
ATOM   1276 C C   . ASP A 1 159 ? 9.194   13.990  -6.992  1.00 12.17 ? 159 ASP A C   1 
ATOM   1277 O O   . ASP A 1 159 ? 10.426  13.948  -6.888  1.00 13.43 ? 159 ASP A O   1 
ATOM   1278 C CB  . ASP A 1 159 ? 8.253   16.161  -7.807  1.00 14.10 ? 159 ASP A CB  1 
ATOM   1279 C CG  . ASP A 1 159 ? 8.078   17.051  -9.022  1.00 15.99 ? 159 ASP A CG  1 
ATOM   1280 O OD1 . ASP A 1 159 ? 8.205   16.555  -10.160 1.00 18.83 ? 159 ASP A OD1 1 
ATOM   1281 O OD2 . ASP A 1 159 ? 7.826   18.262  -8.832  1.00 19.24 ? 159 ASP A OD2 1 
ATOM   1282 N N   . ALA A 1 160 ? 8.392   13.441  -6.076  1.00 11.86 ? 160 ALA A N   1 
ATOM   1283 C CA  . ALA A 1 160 ? 8.973   12.810  -4.896  1.00 12.48 ? 160 ALA A CA  1 
ATOM   1284 C C   . ALA A 1 160 ? 9.679   11.499  -5.217  1.00 13.19 ? 160 ALA A C   1 
ATOM   1285 O O   . ALA A 1 160 ? 10.514  11.049  -4.425  1.00 16.65 ? 160 ALA A O   1 
ATOM   1286 C CB  . ALA A 1 160 ? 7.905   12.582  -3.828  1.00 13.45 ? 160 ALA A CB  1 
ATOM   1287 N N   . TYR A 1 161 ? 9.361   10.876  -6.348  1.00 11.41 ? 161 TYR A N   1 
ATOM   1288 C CA  . TYR A 1 161 ? 9.958   9.610   -6.754  1.00 12.55 ? 161 TYR A CA  1 
ATOM   1289 C C   . TYR A 1 161 ? 11.052  9.781   -7.793  1.00 14.84 ? 161 TYR A C   1 
ATOM   1290 O O   . TYR A 1 161 ? 11.761  8.813   -8.091  1.00 21.91 ? 161 TYR A O   1 
ATOM   1291 C CB  . TYR A 1 161 ? 8.874   8.663   -7.285  1.00 11.99 ? 161 TYR A CB  1 
ATOM   1292 C CG  . TYR A 1 161 ? 7.974   8.176   -6.180  1.00 10.83 ? 161 TYR A CG  1 
ATOM   1293 C CD1 . TYR A 1 161 ? 6.885   8.932   -5.771  1.00 10.10 ? 161 TYR A CD1 1 
ATOM   1294 C CD2 . TYR A 1 161 ? 8.243   6.987   -5.506  1.00 10.27 ? 161 TYR A CD2 1 
ATOM   1295 C CE1 . TYR A 1 161 ? 6.084   8.519   -4.735  1.00 9.31  ? 161 TYR A CE1 1 
ATOM   1296 C CE2 . TYR A 1 161 ? 7.441   6.555   -4.472  1.00 10.38 ? 161 TYR A CE2 1 
ATOM   1297 C CZ  . TYR A 1 161 ? 6.359   7.333   -4.088  1.00 9.39  ? 161 TYR A CZ  1 
ATOM   1298 O OH  . TYR A 1 161 ? 5.538   6.949   -3.062  1.00 9.81  ? 161 TYR A OH  1 
ATOM   1299 N N   . LYS A 1 162 ? 11.189  10.973  -8.358  1.00 16.91 ? 162 LYS A N   1 
ATOM   1300 C CA  . LYS A 1 162 ? 12.302  11.291  -9.235  1.00 19.08 ? 162 LYS A CA  1 
ATOM   1301 C C   . LYS A 1 162 ? 13.458  11.815  -8.394  1.00 20.84 ? 162 LYS A C   1 
ATOM   1302 O O   . LYS A 1 162 ? 14.594  11.368  -8.539  1.00 25.06 ? 162 LYS A O   1 
ATOM   1303 C CB  . LYS A 1 162 ? 11.888  12.354  -10.253 1.00 21.22 ? 162 LYS A CB  1 
ATOM   1304 C CG  . LYS A 1 162 ? 11.015  11.836  -11.382 1.00 21.29 ? 162 LYS A CG  1 
ATOM   1305 C CD  . LYS A 1 162 ? 10.436  12.987  -12.191 1.00 24.75 ? 162 LYS A CD  1 
ATOM   1306 C CE  . LYS A 1 162 ? 10.626  12.767  -13.686 1.00 27.32 ? 162 LYS A CE  1 
ATOM   1307 N NZ  . LYS A 1 162 ? 11.283  13.939  -14.337 1.00 29.71 ? 162 LYS A NZ  1 
HETATM 1308 C C10 . Y8J B 2 .   ? -8.168  5.674   -1.506  1.00 13.78 ? 201 Y8J A C10 1 
HETATM 1309 C C01 . Y8J B 2 .   ? -7.480  9.176   2.248   1.00 21.00 ? 201 Y8J A C01 1 
HETATM 1310 C C02 . Y8J B 2 .   ? -6.351  8.374   1.623   1.00 22.87 ? 201 Y8J A C02 1 
HETATM 1311 C C03 . Y8J B 2 .   ? -6.737  6.931   1.296   1.00 21.56 ? 201 Y8J A C03 1 
HETATM 1312 C C04 . Y8J B 2 .   ? -6.277  6.550   -0.108  1.00 12.00 ? 201 Y8J A C04 1 
HETATM 1313 C C05 . Y8J B 2 .   ? -7.395  6.752   -1.116  1.00 10.81 ? 201 Y8J A C05 1 
HETATM 1314 C C06 . Y8J B 2 .   ? -7.660  8.004   -1.642  1.00 13.03 ? 201 Y8J A C06 1 
HETATM 1315 C C07 . Y8J B 2 .   ? -8.694  8.123   -2.557  1.00 15.64 ? 201 Y8J A C07 1 
HETATM 1316 C C08 . Y8J B 2 .   ? -9.425  6.998   -2.905  1.00 15.96 ? 201 Y8J A C08 1 
HETATM 1317 N N09 . Y8J B 2 .   ? -9.148  5.820   -2.380  1.00 16.51 ? 201 Y8J A N09 1 
HETATM 1318 C C1  . BME C 3 .   ? -4.644  -7.174  -14.034 1.00 16.40 ? 202 BME A C1  1 
HETATM 1319 C C2  . BME C 3 .   ? -4.135  -5.748  -14.266 1.00 21.60 ? 202 BME A C2  1 
HETATM 1320 O O1  . BME C 3 .   ? -3.531  -8.016  -13.874 1.00 21.77 ? 202 BME A O1  1 
HETATM 1321 S S2  . BME C 3 .   ? -2.467  -5.505  -13.588 1.00 22.06 ? 202 BME A S2  1 
HETATM 1322 C C1  . BME D 3 .   ? 14.824  -7.465  10.441  1.00 22.24 ? 203 BME A C1  1 
HETATM 1323 C C2  . BME D 3 .   ? 13.470  -6.827  10.203  1.00 22.65 ? 203 BME A C2  1 
HETATM 1324 O O1  . BME D 3 .   ? 15.800  -6.601  9.965   1.00 17.42 ? 203 BME A O1  1 
HETATM 1325 S S2  . BME D 3 .   ? 12.644  -6.531  11.791  1.00 23.47 ? 203 BME A S2  1 
HETATM 1326 C C   . TRS E 4 .   ? 3.099   -3.970  3.658   1.00 11.59 ? 204 TRS A C   1 
HETATM 1327 C C1  . TRS E 4 .   ? 2.244   -3.492  4.829   1.00 14.02 ? 204 TRS A C1  1 
HETATM 1328 C C2  . TRS E 4 .   ? 2.764   -3.187  2.389   1.00 12.45 ? 204 TRS A C2  1 
HETATM 1329 C C3  . TRS E 4 .   ? 4.561   -3.783  4.048   1.00 14.08 ? 204 TRS A C3  1 
HETATM 1330 N N   . TRS E 4 .   ? 2.831   -5.370  3.380   1.00 12.78 ? 204 TRS A N   1 
HETATM 1331 O O1  . TRS E 4 .   ? 0.910   -3.842  4.586   1.00 16.05 ? 204 TRS A O1  1 
HETATM 1332 O O2  . TRS E 4 .   ? 3.083   -1.843  2.595   1.00 12.35 ? 204 TRS A O2  1 
HETATM 1333 O O3  . TRS E 4 .   ? 5.397   -4.345  3.079   1.00 14.49 ? 204 TRS A O3  1 
HETATM 1334 O O   . HOH F 5 .   ? -16.287 13.396  -0.826  1.00 25.77 ? 301 HOH A O   1 
HETATM 1335 O O   . HOH F 5 .   ? 7.867   -24.860 2.868   1.00 21.85 ? 302 HOH A O   1 
HETATM 1336 O O   . HOH F 5 .   ? -11.111 21.793  3.624   1.00 27.28 ? 303 HOH A O   1 
HETATM 1337 O O   . HOH F 5 .   ? -12.792 20.281  3.373   1.00 27.77 ? 304 HOH A O   1 
HETATM 1338 O O   . HOH F 5 .   ? -7.557  4.717   9.716   1.00 19.74 ? 305 HOH A O   1 
HETATM 1339 O O   . HOH F 5 .   ? -7.142  26.972  1.603   1.00 28.76 ? 306 HOH A O   1 
HETATM 1340 O O   . HOH F 5 .   ? -0.919  -10.546 1.804   1.00 23.02 ? 307 HOH A O   1 
HETATM 1341 O O   . HOH F 5 .   ? -6.474  7.230   -14.424 1.00 20.02 ? 308 HOH A O   1 
HETATM 1342 O O   . HOH F 5 .   ? 6.312   -20.696 -9.404  1.00 19.16 ? 309 HOH A O   1 
HETATM 1343 O O   . HOH F 5 .   ? -1.395  -14.502 3.989   1.00 16.32 ? 310 HOH A O   1 
HETATM 1344 O O   . HOH F 5 .   ? 10.980  12.000  7.419   1.00 21.37 ? 311 HOH A O   1 
HETATM 1345 O O   . HOH F 5 .   ? 3.715   -6.797  5.485   1.00 13.51 ? 312 HOH A O   1 
HETATM 1346 O O   . HOH F 5 .   ? 2.182   -25.704 5.437   1.00 19.74 ? 313 HOH A O   1 
HETATM 1347 O O   . HOH F 5 .   ? 7.160   0.305   -15.673 1.00 20.80 ? 314 HOH A O   1 
HETATM 1348 O O   . HOH F 5 .   ? 5.917   16.611  6.013   1.00 23.67 ? 315 HOH A O   1 
HETATM 1349 O O   . HOH F 5 .   ? 3.234   -3.260  15.051  1.00 26.40 ? 316 HOH A O   1 
HETATM 1350 O O   . HOH F 5 .   ? 8.310   -11.559 -13.915 1.00 22.83 ? 317 HOH A O   1 
HETATM 1351 O O   . HOH F 5 .   ? -16.641 10.622  -8.309  1.00 21.26 ? 318 HOH A O   1 
HETATM 1352 O O   . HOH F 5 .   ? -9.494  -6.916  -3.076  1.00 24.38 ? 319 HOH A O   1 
HETATM 1353 O O   . HOH F 5 .   ? 8.600   -4.038  1.871   1.00 13.16 ? 320 HOH A O   1 
HETATM 1354 O O   . HOH F 5 .   ? -6.219  23.019  -4.364  1.00 18.54 ? 321 HOH A O   1 
HETATM 1355 O O   . HOH F 5 .   ? -2.901  22.222  11.032  1.00 25.24 ? 322 HOH A O   1 
HETATM 1356 O O   . HOH F 5 .   ? 10.266  -22.229 10.482  1.00 23.42 ? 323 HOH A O   1 
HETATM 1357 O O   . HOH F 5 .   ? 10.420  -18.825 -10.927 1.00 22.56 ? 324 HOH A O   1 
HETATM 1358 O O   . HOH F 5 .   ? -5.528  12.887  13.129  1.00 14.66 ? 325 HOH A O   1 
HETATM 1359 O O   . HOH F 5 .   ? 7.594   -21.474 2.801   1.00 14.52 ? 326 HOH A O   1 
HETATM 1360 O O   . HOH F 5 .   ? -1.287  -17.277 -8.571  1.00 12.38 ? 327 HOH A O   1 
HETATM 1361 O O   . HOH F 5 .   ? 9.314   3.792   12.364  1.00 15.86 ? 328 HOH A O   1 
HETATM 1362 O O   . HOH F 5 .   ? 1.374   22.830  -2.996  1.00 21.20 ? 329 HOH A O   1 
HETATM 1363 O O   . HOH F 5 .   ? 11.592  12.065  -2.156  1.00 17.34 ? 330 HOH A O   1 
HETATM 1364 O O   . HOH F 5 .   ? 4.197   -11.786 11.472  1.00 14.45 ? 331 HOH A O   1 
HETATM 1365 O O   . HOH F 5 .   ? 13.832  -20.549 7.952   1.00 28.66 ? 332 HOH A O   1 
HETATM 1366 O O   . HOH F 5 .   ? 1.654   20.485  -9.414  1.00 19.56 ? 333 HOH A O   1 
HETATM 1367 O O   . HOH F 5 .   ? -0.185  -14.555 1.511   1.00 19.06 ? 334 HOH A O   1 
HETATM 1368 O O   . HOH F 5 .   ? -1.723  14.762  -12.321 1.00 14.58 ? 335 HOH A O   1 
HETATM 1369 O O   . HOH F 5 .   ? 11.995  -15.266 12.696  1.00 25.12 ? 336 HOH A O   1 
HETATM 1370 O O   . HOH F 5 .   ? 6.840   10.799  15.161  1.00 17.41 ? 337 HOH A O   1 
HETATM 1371 O O   . HOH F 5 .   ? -16.663 9.147   -0.062  1.00 20.77 ? 338 HOH A O   1 
HETATM 1372 O O   . HOH F 5 .   ? -10.325 14.773  -6.580  1.00 13.48 ? 339 HOH A O   1 
HETATM 1373 O O   . HOH F 5 .   ? 3.521   17.610  0.654   1.00 21.45 ? 340 HOH A O   1 
HETATM 1374 O O   . HOH F 5 .   ? -1.233  21.452  -6.180  1.00 14.93 ? 341 HOH A O   1 
HETATM 1375 O O   . HOH F 5 .   ? 15.628  -16.880 -4.775  1.00 19.62 ? 342 HOH A O   1 
HETATM 1376 O O   . HOH F 5 .   ? -8.138  2.586   -12.150 1.00 24.12 ? 343 HOH A O   1 
HETATM 1377 O O   . HOH F 5 .   ? 5.592   12.666  -6.241  1.00 13.30 ? 344 HOH A O   1 
HETATM 1378 O O   . HOH F 5 .   ? -9.900  11.792  8.576   1.00 15.00 ? 345 HOH A O   1 
HETATM 1379 O O   . HOH F 5 .   ? 11.102  -13.473 15.257  1.00 27.12 ? 346 HOH A O   1 
HETATM 1380 O O   . HOH F 5 .   ? 9.807   3.071   1.756   1.00 16.14 ? 347 HOH A O   1 
HETATM 1381 O O   . HOH F 5 .   ? 8.169   10.271  12.524  1.00 15.91 ? 348 HOH A O   1 
HETATM 1382 O O   . HOH F 5 .   ? 3.747   -7.954  -3.404  1.00 10.40 ? 349 HOH A O   1 
HETATM 1383 O O   . HOH F 5 .   ? -16.989 -0.711  -8.955  1.00 25.67 ? 350 HOH A O   1 
HETATM 1384 O O   . HOH F 5 .   ? -5.851  20.633  6.486   1.00 15.19 ? 351 HOH A O   1 
HETATM 1385 O O   . HOH F 5 .   ? 9.529   -26.029 -4.448  1.00 18.34 ? 352 HOH A O   1 
HETATM 1386 O O   . HOH F 5 .   ? 2.029   -4.086  8.483   1.00 22.39 ? 353 HOH A O   1 
HETATM 1387 O O   . HOH F 5 .   ? 1.137   4.565   1.476   1.00 10.05 ? 354 HOH A O   1 
HETATM 1388 O O   . HOH F 5 .   ? 6.761   2.174   4.119   1.00 20.41 ? 355 HOH A O   1 
HETATM 1389 O O   . HOH F 5 .   ? 1.463   14.840  -13.768 1.00 18.12 ? 356 HOH A O   1 
HETATM 1390 O O   . HOH F 5 .   ? -0.321  -18.786 13.881  1.00 29.80 ? 357 HOH A O   1 
HETATM 1391 O O   . HOH F 5 .   ? 3.677   -19.446 -8.526  1.00 21.54 ? 358 HOH A O   1 
HETATM 1392 O O   . HOH F 5 .   ? 13.463  0.321   -2.924  1.00 22.28 ? 359 HOH A O   1 
HETATM 1393 O O   . HOH F 5 .   ? 6.243   -11.502 13.454  1.00 22.99 ? 360 HOH A O   1 
HETATM 1394 O O   . HOH F 5 .   ? 8.343   -9.181  15.067  1.00 19.66 ? 361 HOH A O   1 
HETATM 1395 O O   . HOH F 5 .   ? 6.047   -12.782 -12.868 1.00 15.58 ? 362 HOH A O   1 
HETATM 1396 O O   . HOH F 5 .   ? 1.855   17.273  4.913   1.00 16.23 ? 363 HOH A O   1 
HETATM 1397 O O   . HOH F 5 .   ? -5.582  -9.894  -7.451  1.00 20.48 ? 364 HOH A O   1 
HETATM 1398 O O   . HOH F 5 .   ? -15.267 11.478  3.264   1.00 20.94 ? 365 HOH A O   1 
HETATM 1399 O O   . HOH F 5 .   ? 13.004  -15.932 8.528   1.00 30.25 ? 366 HOH A O   1 
HETATM 1400 O O   . HOH F 5 .   ? 5.861   -9.661  -3.937  1.00 9.88  ? 367 HOH A O   1 
HETATM 1401 O O   . HOH F 5 .   ? -13.896 16.094  -7.649  1.00 18.71 ? 368 HOH A O   1 
HETATM 1402 O O   . HOH F 5 .   ? 11.251  -5.905  -0.076  1.00 14.28 ? 369 HOH A O   1 
HETATM 1403 O O   . HOH F 5 .   ? 4.719   3.080   -17.452 1.00 16.01 ? 370 HOH A O   1 
HETATM 1404 O O   . HOH F 5 .   ? 0.220   18.220  9.190   1.00 17.27 ? 371 HOH A O   1 
HETATM 1405 O O   . HOH F 5 .   ? 7.923   -2.089  14.605  1.00 16.12 ? 372 HOH A O   1 
HETATM 1406 O O   . HOH F 5 .   ? -15.974 -5.531  -9.768  1.00 30.26 ? 373 HOH A O   1 
HETATM 1407 O O   . HOH F 5 .   ? 7.031   1.420   13.630  1.00 18.29 ? 374 HOH A O   1 
HETATM 1408 O O   . HOH F 5 .   ? -1.355  -16.220 -4.784  1.00 11.49 ? 375 HOH A O   1 
HETATM 1409 O O   . HOH F 5 .   ? -18.596 -0.435  0.372   1.00 23.61 ? 376 HOH A O   1 
HETATM 1410 O O   . HOH F 5 .   ? 4.576   -7.272  -11.434 1.00 15.23 ? 377 HOH A O   1 
HETATM 1411 O O   . HOH F 5 .   ? 10.313  11.501  1.634   1.00 14.95 ? 378 HOH A O   1 
HETATM 1412 O O   . HOH F 5 .   ? 12.696  6.049   2.031   1.00 23.51 ? 379 HOH A O   1 
HETATM 1413 O O   . HOH F 5 .   ? 9.233   -6.517  -13.303 1.00 23.59 ? 380 HOH A O   1 
HETATM 1414 O O   . HOH F 5 .   ? 3.049   3.540   8.762   1.00 16.82 ? 381 HOH A O   1 
HETATM 1415 O O   . HOH F 5 .   ? -20.544 5.430   -3.806  1.00 25.18 ? 382 HOH A O   1 
HETATM 1416 O O   . HOH F 5 .   ? -16.155 13.657  8.843   1.00 21.49 ? 383 HOH A O   1 
HETATM 1417 O O   . HOH F 5 .   ? -0.800  -12.267 -4.154  1.00 15.40 ? 384 HOH A O   1 
HETATM 1418 O O   . HOH F 5 .   ? 2.340   -23.778 9.885   1.00 21.21 ? 385 HOH A O   1 
HETATM 1419 O O   . HOH F 5 .   ? -2.627  -22.549 -3.763  1.00 10.88 ? 386 HOH A O   1 
HETATM 1420 O O   . HOH F 5 .   ? 10.836  -5.949  -9.553  1.00 24.64 ? 387 HOH A O   1 
HETATM 1421 O O   . HOH F 5 .   ? 1.120   13.750  13.281  1.00 21.47 ? 388 HOH A O   1 
HETATM 1422 O O   . HOH F 5 .   ? 8.463   -18.415 14.916  1.00 25.30 ? 389 HOH A O   1 
HETATM 1423 O O   . HOH F 5 .   ? -4.078  3.795   9.990   1.00 18.90 ? 390 HOH A O   1 
HETATM 1424 O O   . HOH F 5 .   ? 1.258   -17.530 -7.325  1.00 16.14 ? 391 HOH A O   1 
HETATM 1425 O O   . HOH F 5 .   ? -3.221  -5.493  -1.614  1.00 18.76 ? 392 HOH A O   1 
HETATM 1426 O O   . HOH F 5 .   ? 5.229   -24.300 7.791   1.00 23.24 ? 393 HOH A O   1 
HETATM 1427 O O   . HOH F 5 .   ? 12.262  -22.098 -2.880  1.00 16.53 ? 394 HOH A O   1 
HETATM 1428 O O   . HOH F 5 .   ? 6.770   -28.289 -3.819  1.00 21.22 ? 395 HOH A O   1 
HETATM 1429 O O   . HOH F 5 .   ? 0.284   21.203  2.397   1.00 19.42 ? 396 HOH A O   1 
HETATM 1430 O O   . HOH F 5 .   ? 7.445   -21.235 13.818  1.00 22.36 ? 397 HOH A O   1 
HETATM 1431 O O   . HOH F 5 .   ? 16.663  -10.933 -1.748  1.00 19.30 ? 398 HOH A O   1 
HETATM 1432 O O   . HOH F 5 .   ? 12.962  -15.268 -11.443 1.00 19.34 ? 399 HOH A O   1 
HETATM 1433 O O   . HOH F 5 .   ? 7.761   1.864   11.136  1.00 21.11 ? 400 HOH A O   1 
HETATM 1434 O O   . HOH F 5 .   ? 0.653   -11.841 -11.547 1.00 16.72 ? 401 HOH A O   1 
HETATM 1435 O O   . HOH F 5 .   ? 11.971  10.340  -0.150  1.00 14.18 ? 402 HOH A O   1 
HETATM 1436 O O   . HOH F 5 .   ? 5.348   14.143  -12.973 1.00 15.29 ? 403 HOH A O   1 
HETATM 1437 O O   . HOH F 5 .   ? 15.201  -15.065 -9.056  1.00 21.55 ? 404 HOH A O   1 
HETATM 1438 O O   . HOH F 5 .   ? 10.884  1.336   -9.430  1.00 20.92 ? 405 HOH A O   1 
HETATM 1439 O O   . HOH F 5 .   ? -14.220 18.950  -6.507  1.00 25.05 ? 406 HOH A O   1 
HETATM 1440 O O   . HOH F 5 .   ? -2.534  -12.802 10.219  1.00 22.07 ? 407 HOH A O   1 
HETATM 1441 O O   . HOH F 5 .   ? -1.065  2.809   11.276  1.00 21.94 ? 408 HOH A O   1 
HETATM 1442 O O   . HOH F 5 .   ? 5.159   15.653  1.842   1.00 17.07 ? 409 HOH A O   1 
HETATM 1443 O O   . HOH F 5 .   ? -4.818  -3.789  -0.267  1.00 19.54 ? 410 HOH A O   1 
HETATM 1444 O O   . HOH F 5 .   ? -2.129  23.094  -4.128  1.00 17.36 ? 411 HOH A O   1 
HETATM 1445 O O   . HOH F 5 .   ? 3.354   -0.088  7.250   1.00 23.20 ? 412 HOH A O   1 
HETATM 1446 O O   . HOH F 5 .   ? 3.107   8.711   -15.433 1.00 17.41 ? 413 HOH A O   1 
HETATM 1447 O O   . HOH F 5 .   ? 15.068  -3.765  -1.599  1.00 21.81 ? 414 HOH A O   1 
HETATM 1448 O O   . HOH F 5 .   ? 13.501  -9.859  9.208   1.00 23.19 ? 415 HOH A O   1 
HETATM 1449 O O   . HOH F 5 .   ? 11.397  -3.664  6.720   1.00 25.60 ? 416 HOH A O   1 
HETATM 1450 O O   . HOH F 5 .   ? -5.729  19.170  13.874  1.00 25.07 ? 417 HOH A O   1 
HETATM 1451 O O   . HOH F 5 .   ? 13.318  -20.367 -4.883  1.00 21.81 ? 418 HOH A O   1 
HETATM 1452 O O   . HOH F 5 .   ? -6.199  19.080  9.028   1.00 10.54 ? 419 HOH A O   1 
HETATM 1453 O O   . HOH F 5 .   ? 7.754   -12.959 15.094  1.00 25.90 ? 420 HOH A O   1 
HETATM 1454 O O   . HOH F 5 .   ? 9.564   5.692   5.894   1.00 7.45  ? 421 HOH A O   1 
HETATM 1455 O O   . HOH F 5 .   ? 11.173  -0.635  2.548   1.00 27.13 ? 422 HOH A O   1 
HETATM 1456 O O   . HOH F 5 .   ? 12.212  -4.550  2.327   1.00 24.53 ? 423 HOH A O   1 
HETATM 1457 O O   . HOH F 5 .   ? 1.886   -25.886 -1.575  1.00 24.52 ? 424 HOH A O   1 
HETATM 1458 O O   . HOH F 5 .   ? -3.117  23.839  4.052   1.00 22.72 ? 425 HOH A O   1 
HETATM 1459 O O   . HOH F 5 .   ? -12.888 20.757  -7.405  1.00 21.83 ? 426 HOH A O   1 
HETATM 1460 O O   . HOH F 5 .   ? 6.016   -16.767 -11.408 1.00 21.99 ? 427 HOH A O   1 
HETATM 1461 O O   . HOH F 5 .   ? -15.215 11.633  0.620   1.00 20.88 ? 428 HOH A O   1 
HETATM 1462 O O   . HOH F 5 .   ? 13.008  -21.979 -7.063  1.00 23.76 ? 429 HOH A O   1 
HETATM 1463 O O   . HOH F 5 .   ? -1.755  -6.331  3.464   1.00 26.22 ? 430 HOH A O   1 
HETATM 1464 O O   . HOH F 5 .   ? 9.389   13.160  -0.442  1.00 20.55 ? 431 HOH A O   1 
HETATM 1465 O O   . HOH F 5 .   ? -1.614  13.200  14.790  1.00 8.96  ? 432 HOH A O   1 
HETATM 1466 O O   . HOH F 5 .   ? 13.449  4.274   -0.124  1.00 29.58 ? 433 HOH A O   1 
HETATM 1467 O O   . HOH F 5 .   ? 1.473   17.071  11.395  1.00 26.35 ? 434 HOH A O   1 
HETATM 1468 O O   . HOH F 5 .   ? 2.337   19.163  2.916   1.00 22.63 ? 435 HOH A O   1 
HETATM 1469 O O   . HOH F 5 .   ? 4.970   -15.295 -13.603 1.00 16.93 ? 436 HOH A O   1 
HETATM 1470 O O   . HOH F 5 .   ? 4.066   15.652  4.302   1.00 19.88 ? 437 HOH A O   1 
HETATM 1471 O O   . HOH F 5 .   ? 15.897  -19.516 -4.900  1.00 22.07 ? 438 HOH A O   1 
HETATM 1472 O O   . HOH F 5 .   ? 8.939   -3.970  -10.266 1.00 23.99 ? 439 HOH A O   1 
HETATM 1473 O O   . HOH F 5 .   ? 2.194   18.659  7.288   1.00 22.48 ? 440 HOH A O   1 
HETATM 1474 O O   . HOH F 5 .   ? 9.224   2.913   4.476   1.00 17.20 ? 441 HOH A O   1 
HETATM 1475 O O   . HOH F 5 .   ? 16.782  -12.630 -9.177  1.00 26.77 ? 442 HOH A O   1 
HETATM 1476 O O   . HOH F 5 .   ? -4.516  23.050  6.527   1.00 21.77 ? 443 HOH A O   1 
# 
loop_
_pdbx_poly_seq_scheme.asym_id 
_pdbx_poly_seq_scheme.entity_id 
_pdbx_poly_seq_scheme.seq_id 
_pdbx_poly_seq_scheme.mon_id 
_pdbx_poly_seq_scheme.ndb_seq_num 
_pdbx_poly_seq_scheme.pdb_seq_num 
_pdbx_poly_seq_scheme.auth_seq_num 
_pdbx_poly_seq_scheme.pdb_mon_id 
_pdbx_poly_seq_scheme.auth_mon_id 
_pdbx_poly_seq_scheme.pdb_strand_id 
_pdbx_poly_seq_scheme.pdb_ins_code 
_pdbx_poly_seq_scheme.hetero 
A 1 1   MET 1   1   ?   ?   ?   A . n 
A 1 2   ASN 2   2   2   ASN ASN A . n 
A 1 3   ILE 3   3   3   ILE ILE A . n 
A 1 4   PHE 4   4   4   PHE PHE A . n 
A 1 5   GLU 5   5   5   GLU GLU A . n 
A 1 6   MET 6   6   6   MET MET A . n 
A 1 7   LEU 7   7   7   LEU LEU A . n 
A 1 8   ARG 8   8   8   ARG ARG A . n 
A 1 9   ILE 9   9   9   ILE ILE A . n 
A 1 10  ASP 10  10  10  ASP ASP A . n 
A 1 11  GLU 11  11  11  GLU GLU A . n 
A 1 12  GLY 12  12  12  GLY GLY A . n 
A 1 13  LEU 13  13  13  LEU LEU A . n 
A 1 14  ARG 14  14  14  ARG ARG A . n 
A 1 15  LEU 15  15  15  LEU LEU A . n 
A 1 16  LYS 16  16  16  LYS LYS A . n 
A 1 17  ILE 17  17  17  ILE ILE A . n 
A 1 18  TYR 18  18  18  TYR TYR A . n 
A 1 19  LYS 19  19  19  LYS LYS A . n 
A 1 20  ASP 20  20  20  ASP ASP A . n 
A 1 21  THR 21  21  21  THR THR A . n 
A 1 22  GLU 22  22  22  GLU GLU A . n 
A 1 23  GLY 23  23  23  GLY GLY A . n 
A 1 24  TYR 24  24  24  TYR TYR A . n 
A 1 25  TYR 25  25  25  TYR TYR A . n 
A 1 26  THR 26  26  26  THR THR A . n 
A 1 27  ILE 27  27  27  ILE ILE A . n 
A 1 28  GLY 28  28  28  GLY GLY A . n 
A 1 29  ILE 29  29  29  ILE ILE A . n 
A 1 30  GLY 30  30  30  GLY GLY A . n 
A 1 31  HIS 31  31  31  HIS HIS A . n 
A 1 32  LEU 32  32  32  LEU LEU A . n 
A 1 33  LEU 33  33  33  LEU LEU A . n 
A 1 34  THR 34  34  34  THR THR A . n 
A 1 35  LYS 35  35  35  LYS LYS A . n 
A 1 36  SER 36  36  36  SER SER A . n 
A 1 37  PRO 37  37  37  PRO PRO A . n 
A 1 38  SER 38  38  38  SER SER A . n 
A 1 39  LEU 39  39  39  LEU LEU A . n 
A 1 40  ASN 40  40  40  ASN ASN A . n 
A 1 41  ALA 41  41  41  ALA ALA A . n 
A 1 42  ALA 42  42  42  ALA ALA A . n 
A 1 43  LYS 43  43  43  LYS LYS A . n 
A 1 44  SER 44  44  44  SER SER A . n 
A 1 45  GLU 45  45  45  GLU GLU A . n 
A 1 46  LEU 46  46  46  LEU LEU A . n 
A 1 47  ASP 47  47  47  ASP ASP A . n 
A 1 48  LYS 48  48  48  LYS LYS A . n 
A 1 49  ALA 49  49  49  ALA ALA A . n 
A 1 50  ILE 50  50  50  ILE ILE A . n 
A 1 51  GLY 51  51  51  GLY GLY A . n 
A 1 52  ARG 52  52  52  ARG ARG A . n 
A 1 53  ASN 53  53  53  ASN ASN A . n 
A 1 54  CYS 54  54  54  CYS CYS A . n 
A 1 55  ASN 55  55  55  ASN ASN A . n 
A 1 56  GLY 56  56  56  GLY GLY A . n 
A 1 57  VAL 57  57  57  VAL VAL A . n 
A 1 58  ILE 58  58  58  ILE ILE A . n 
A 1 59  THR 59  59  59  THR THR A . n 
A 1 60  LYS 60  60  60  LYS LYS A . n 
A 1 61  ASP 61  61  61  ASP ASP A . n 
A 1 62  GLU 62  62  62  GLU GLU A . n 
A 1 63  ALA 63  63  63  ALA ALA A . n 
A 1 64  GLU 64  64  64  GLU GLU A . n 
A 1 65  LYS 65  65  65  LYS LYS A . n 
A 1 66  LEU 66  66  66  LEU LEU A . n 
A 1 67  PHE 67  67  67  PHE PHE A . n 
A 1 68  ASN 68  68  68  ASN ASN A . n 
A 1 69  GLN 69  69  69  GLN GLN A . n 
A 1 70  ASP 70  70  70  ASP ASP A . n 
A 1 71  VAL 71  71  71  VAL VAL A . n 
A 1 72  ASP 72  72  72  ASP ASP A . n 
A 1 73  ALA 73  73  73  ALA ALA A . n 
A 1 74  ALA 74  74  74  ALA ALA A . n 
A 1 75  VAL 75  75  75  VAL VAL A . n 
A 1 76  ARG 76  76  76  ARG ARG A . n 
A 1 77  GLY 77  77  77  GLY GLY A . n 
A 1 78  ILE 78  78  78  ILE ILE A . n 
A 1 79  LEU 79  79  79  LEU LEU A . n 
A 1 80  ARG 80  80  80  ARG ARG A . n 
A 1 81  ASN 81  81  81  ASN ASN A . n 
A 1 82  ALA 82  82  82  ALA ALA A . n 
A 1 83  LYS 83  83  83  LYS LYS A . n 
A 1 84  LEU 84  84  84  LEU LEU A . n 
A 1 85  LYS 85  85  85  LYS LYS A . n 
A 1 86  PRO 86  86  86  PRO PRO A . n 
A 1 87  VAL 87  87  87  VAL VAL A . n 
A 1 88  TYR 88  88  88  TYR TYR A . n 
A 1 89  ASP 89  89  89  ASP ASP A . n 
A 1 90  SER 90  90  90  SER SER A . n 
A 1 91  LEU 91  91  91  LEU LEU A . n 
A 1 92  ASP 92  92  92  ASP ASP A . n 
A 1 93  ALA 93  93  93  ALA ALA A . n 
A 1 94  VAL 94  94  94  VAL VAL A . n 
A 1 95  ARG 95  95  95  ARG ARG A . n 
A 1 96  ARG 96  96  96  ARG ARG A . n 
A 1 97  CYS 97  97  97  CYS CYS A . n 
A 1 98  ALA 98  98  98  ALA ALA A . n 
A 1 99  ALA 99  99  99  ALA ALA A . n 
A 1 100 ILE 100 100 100 ILE ILE A . n 
A 1 101 ASN 101 101 101 ASN ASN A . n 
A 1 102 MET 102 102 102 MET MET A . n 
A 1 103 VAL 103 103 103 VAL VAL A . n 
A 1 104 PHE 104 104 104 PHE PHE A . n 
A 1 105 GLN 105 105 105 GLN GLN A . n 
A 1 106 MET 106 106 106 MET MET A . n 
A 1 107 GLY 107 107 107 GLY GLY A . n 
A 1 108 GLU 108 108 108 GLU GLU A . n 
A 1 109 THR 109 109 109 THR THR A . n 
A 1 110 GLY 110 110 110 GLY GLY A . n 
A 1 111 VAL 111 111 111 VAL VAL A . n 
A 1 112 ALA 112 112 112 ALA ALA A . n 
A 1 113 GLY 113 113 113 GLY GLY A . n 
A 1 114 PHE 114 114 114 PHE PHE A . n 
A 1 115 THR 115 115 115 THR THR A . n 
A 1 116 ASN 116 116 116 ASN ASN A . n 
A 1 117 SER 117 117 117 SER SER A . n 
A 1 118 LEU 118 118 118 LEU LEU A . n 
A 1 119 ARG 119 119 119 ARG ARG A . n 
A 1 120 MET 120 120 120 MET MET A . n 
A 1 121 LEU 121 121 121 LEU LEU A . n 
A 1 122 GLN 122 122 122 GLN GLN A . n 
A 1 123 GLN 123 123 123 GLN GLN A . n 
A 1 124 LYS 124 124 124 LYS LYS A . n 
A 1 125 ARG 125 125 125 ARG ARG A . n 
A 1 126 TRP 126 126 126 TRP TRP A . n 
A 1 127 ASP 127 127 127 ASP ASP A . n 
A 1 128 GLU 128 128 128 GLU GLU A . n 
A 1 129 ALA 129 129 129 ALA ALA A . n 
A 1 130 ALA 130 130 130 ALA ALA A . n 
A 1 131 VAL 131 131 131 VAL VAL A . n 
A 1 132 ASN 132 132 132 ASN ASN A . n 
A 1 133 LEU 133 133 133 LEU LEU A . n 
A 1 134 ALA 134 134 134 ALA ALA A . n 
A 1 135 LYS 135 135 135 LYS LYS A . n 
A 1 136 SER 136 136 136 SER SER A . n 
A 1 137 ARG 137 137 137 ARG ARG A . n 
A 1 138 TRP 138 138 138 TRP TRP A . n 
A 1 139 TYR 139 139 139 TYR TYR A . n 
A 1 140 ASN 140 140 140 ASN ASN A . n 
A 1 141 GLN 141 141 141 GLN GLN A . n 
A 1 142 THR 142 142 142 THR THR A . n 
A 1 143 PRO 143 143 143 PRO PRO A . n 
A 1 144 ASN 144 144 144 ASN ASN A . n 
A 1 145 ARG 145 145 145 ARG ARG A . n 
A 1 146 ALA 146 146 146 ALA ALA A . n 
A 1 147 LYS 147 147 147 LYS LYS A . n 
A 1 148 ARG 148 148 148 ARG ARG A . n 
A 1 149 VAL 149 149 149 VAL VAL A . n 
A 1 150 ILE 150 150 150 ILE ILE A . n 
A 1 151 THR 151 151 151 THR THR A . n 
A 1 152 THR 152 152 152 THR THR A . n 
A 1 153 PHE 153 153 153 PHE PHE A . n 
A 1 154 ARG 154 154 154 ARG ARG A . n 
A 1 155 THR 155 155 155 THR THR A . n 
A 1 156 GLY 156 156 156 GLY GLY A . n 
A 1 157 THR 157 157 157 THR THR A . n 
A 1 158 TRP 158 158 158 TRP TRP A . n 
A 1 159 ASP 159 159 159 ASP ASP A . n 
A 1 160 ALA 160 160 160 ALA ALA A . n 
A 1 161 TYR 161 161 161 TYR TYR A . n 
A 1 162 LYS 162 162 162 LYS LYS A . n 
A 1 163 ASN 163 163 ?   ?   ?   A . n 
A 1 164 LEU 164 164 ?   ?   ?   A . n 
A 1 165 LEU 165 165 ?   ?   ?   A . n 
A 1 166 GLU 166 166 ?   ?   ?   A . n 
A 1 167 HIS 167 167 ?   ?   ?   A . n 
A 1 168 HIS 168 168 ?   ?   ?   A . n 
A 1 169 HIS 169 169 ?   ?   ?   A . n 
A 1 170 HIS 170 170 ?   ?   ?   A . n 
A 1 171 HIS 171 171 ?   ?   ?   A . n 
A 1 172 HIS 172 172 ?   ?   ?   A . n 
# 
loop_
_pdbx_nonpoly_scheme.asym_id 
_pdbx_nonpoly_scheme.entity_id 
_pdbx_nonpoly_scheme.mon_id 
_pdbx_nonpoly_scheme.ndb_seq_num 
_pdbx_nonpoly_scheme.pdb_seq_num 
_pdbx_nonpoly_scheme.auth_seq_num 
_pdbx_nonpoly_scheme.pdb_mon_id 
_pdbx_nonpoly_scheme.auth_mon_id 
_pdbx_nonpoly_scheme.pdb_strand_id 
_pdbx_nonpoly_scheme.pdb_ins_code 
B 2 Y8J 1   201 201 Y8J LIG A . 
C 3 BME 1   202 204 BME BME A . 
D 3 BME 1   203 205 BME BME A . 
E 4 TRS 1   204 210 TRS TRS A . 
F 5 HOH 1   301 111 HOH HOH A . 
F 5 HOH 2   302 72  HOH HOH A . 
F 5 HOH 3   303 115 HOH HOH A . 
F 5 HOH 4   304 116 HOH HOH A . 
F 5 HOH 5   305 58  HOH HOH A . 
F 5 HOH 6   306 117 HOH HOH A . 
F 5 HOH 7   307 96  HOH HOH A . 
F 5 HOH 8   308 134 HOH HOH A . 
F 5 HOH 9   309 35  HOH HOH A . 
F 5 HOH 10  310 26  HOH HOH A . 
F 5 HOH 11  311 98  HOH HOH A . 
F 5 HOH 12  312 32  HOH HOH A . 
F 5 HOH 13  313 106 HOH HOH A . 
F 5 HOH 14  314 135 HOH HOH A . 
F 5 HOH 15  315 123 HOH HOH A . 
F 5 HOH 16  316 139 HOH HOH A . 
F 5 HOH 17  317 67  HOH HOH A . 
F 5 HOH 18  318 64  HOH HOH A . 
F 5 HOH 19  319 94  HOH HOH A . 
F 5 HOH 20  320 20  HOH HOH A . 
F 5 HOH 21  321 84  HOH HOH A . 
F 5 HOH 22  322 138 HOH HOH A . 
F 5 HOH 23  323 119 HOH HOH A . 
F 5 HOH 24  324 76  HOH HOH A . 
F 5 HOH 25  325 52  HOH HOH A . 
F 5 HOH 26  326 12  HOH HOH A . 
F 5 HOH 27  327 19  HOH HOH A . 
F 5 HOH 28  328 31  HOH HOH A . 
F 5 HOH 29  329 114 HOH HOH A . 
F 5 HOH 30  330 21  HOH HOH A . 
F 5 HOH 31  331 17  HOH HOH A . 
F 5 HOH 32  332 144 HOH HOH A . 
F 5 HOH 33  333 22  HOH HOH A . 
F 5 HOH 34  334 108 HOH HOH A . 
F 5 HOH 35  335 37  HOH HOH A . 
F 5 HOH 36  336 126 HOH HOH A . 
F 5 HOH 37  337 46  HOH HOH A . 
F 5 HOH 38  338 61  HOH HOH A . 
F 5 HOH 39  339 13  HOH HOH A . 
F 5 HOH 40  340 90  HOH HOH A . 
F 5 HOH 41  341 18  HOH HOH A . 
F 5 HOH 42  342 47  HOH HOH A . 
F 5 HOH 43  343 104 HOH HOH A . 
F 5 HOH 44  344 6   HOH HOH A . 
F 5 HOH 45  345 14  HOH HOH A . 
F 5 HOH 46  346 130 HOH HOH A . 
F 5 HOH 47  347 25  HOH HOH A . 
F 5 HOH 48  348 44  HOH HOH A . 
F 5 HOH 49  349 2   HOH HOH A . 
F 5 HOH 50  350 129 HOH HOH A . 
F 5 HOH 51  351 15  HOH HOH A . 
F 5 HOH 52  352 88  HOH HOH A . 
F 5 HOH 53  353 91  HOH HOH A . 
F 5 HOH 54  354 11  HOH HOH A . 
F 5 HOH 55  355 75  HOH HOH A . 
F 5 HOH 56  356 148 HOH HOH A . 
F 5 HOH 57  357 143 HOH HOH A . 
F 5 HOH 58  358 70  HOH HOH A . 
F 5 HOH 59  359 68  HOH HOH A . 
F 5 HOH 60  360 102 HOH HOH A . 
F 5 HOH 61  361 50  HOH HOH A . 
F 5 HOH 62  362 40  HOH HOH A . 
F 5 HOH 63  363 33  HOH HOH A . 
F 5 HOH 64  364 30  HOH HOH A . 
F 5 HOH 65  365 99  HOH HOH A . 
F 5 HOH 66  366 97  HOH HOH A . 
F 5 HOH 67  367 4   HOH HOH A . 
F 5 HOH 68  368 77  HOH HOH A . 
F 5 HOH 69  369 27  HOH HOH A . 
F 5 HOH 70  370 54  HOH HOH A . 
F 5 HOH 71  371 29  HOH HOH A . 
F 5 HOH 72  372 23  HOH HOH A . 
F 5 HOH 73  373 109 HOH HOH A . 
F 5 HOH 74  374 78  HOH HOH A . 
F 5 HOH 75  375 1   HOH HOH A . 
F 5 HOH 76  376 95  HOH HOH A . 
F 5 HOH 77  377 41  HOH HOH A . 
F 5 HOH 78  378 34  HOH HOH A . 
F 5 HOH 79  379 127 HOH HOH A . 
F 5 HOH 80  380 85  HOH HOH A . 
F 5 HOH 81  381 93  HOH HOH A . 
F 5 HOH 82  382 62  HOH HOH A . 
F 5 HOH 83  383 92  HOH HOH A . 
F 5 HOH 84  384 16  HOH HOH A . 
F 5 HOH 85  385 79  HOH HOH A . 
F 5 HOH 86  386 10  HOH HOH A . 
F 5 HOH 87  387 122 HOH HOH A . 
F 5 HOH 88  388 74  HOH HOH A . 
F 5 HOH 89  389 124 HOH HOH A . 
F 5 HOH 90  390 38  HOH HOH A . 
F 5 HOH 91  391 7   HOH HOH A . 
F 5 HOH 92  392 55  HOH HOH A . 
F 5 HOH 93  393 103 HOH HOH A . 
F 5 HOH 94  394 24  HOH HOH A . 
F 5 HOH 95  395 65  HOH HOH A . 
F 5 HOH 96  396 28  HOH HOH A . 
F 5 HOH 97  397 107 HOH HOH A . 
F 5 HOH 98  398 42  HOH HOH A . 
F 5 HOH 99  399 48  HOH HOH A . 
F 5 HOH 100 400 137 HOH HOH A . 
F 5 HOH 101 401 140 HOH HOH A . 
F 5 HOH 102 402 9   HOH HOH A . 
F 5 HOH 103 403 5   HOH HOH A . 
F 5 HOH 104 404 63  HOH HOH A . 
F 5 HOH 105 405 121 HOH HOH A . 
F 5 HOH 106 406 131 HOH HOH A . 
F 5 HOH 107 407 59  HOH HOH A . 
F 5 HOH 108 408 82  HOH HOH A . 
F 5 HOH 109 409 101 HOH HOH A . 
F 5 HOH 110 410 133 HOH HOH A . 
F 5 HOH 111 411 36  HOH HOH A . 
F 5 HOH 112 412 136 HOH HOH A . 
F 5 HOH 113 413 60  HOH HOH A . 
F 5 HOH 114 414 39  HOH HOH A . 
F 5 HOH 115 415 71  HOH HOH A . 
F 5 HOH 116 416 43  HOH HOH A . 
F 5 HOH 117 417 112 HOH HOH A . 
F 5 HOH 118 418 57  HOH HOH A . 
F 5 HOH 119 419 147 HOH HOH A . 
F 5 HOH 120 420 128 HOH HOH A . 
F 5 HOH 121 421 145 HOH HOH A . 
F 5 HOH 122 422 142 HOH HOH A . 
F 5 HOH 123 423 51  HOH HOH A . 
F 5 HOH 124 424 118 HOH HOH A . 
F 5 HOH 125 425 89  HOH HOH A . 
F 5 HOH 126 426 150 HOH HOH A . 
F 5 HOH 127 427 83  HOH HOH A . 
F 5 HOH 128 428 69  HOH HOH A . 
F 5 HOH 129 429 110 HOH HOH A . 
F 5 HOH 130 430 132 HOH HOH A . 
F 5 HOH 131 431 86  HOH HOH A . 
F 5 HOH 132 432 146 HOH HOH A . 
F 5 HOH 133 433 151 HOH HOH A . 
F 5 HOH 134 434 141 HOH HOH A . 
F 5 HOH 135 435 100 HOH HOH A . 
F 5 HOH 136 436 45  HOH HOH A . 
F 5 HOH 137 437 53  HOH HOH A . 
F 5 HOH 138 438 66  HOH HOH A . 
F 5 HOH 139 439 149 HOH HOH A . 
F 5 HOH 140 440 113 HOH HOH A . 
F 5 HOH 141 441 73  HOH HOH A . 
F 5 HOH 142 442 125 HOH HOH A . 
F 5 HOH 143 443 80  HOH HOH A . 
# 
_pdbx_struct_assembly.id                   1 
_pdbx_struct_assembly.details              author_and_software_defined_assembly 
_pdbx_struct_assembly.method_details       PISA 
_pdbx_struct_assembly.oligomeric_details   monomeric 
_pdbx_struct_assembly.oligomeric_count     1 
# 
_pdbx_struct_assembly_gen.assembly_id       1 
_pdbx_struct_assembly_gen.oper_expression   1 
_pdbx_struct_assembly_gen.asym_id_list      A,B,C,D,E,F 
# 
_pdbx_struct_oper_list.id                   1 
_pdbx_struct_oper_list.type                 'identity operation' 
_pdbx_struct_oper_list.name                 1_555 
_pdbx_struct_oper_list.symmetry_operation   x,y,z 
_pdbx_struct_oper_list.matrix[1][1]         1.0000000000 
_pdbx_struct_oper_list.matrix[1][2]         0.0000000000 
_pdbx_struct_oper_list.matrix[1][3]         0.0000000000 
_pdbx_struct_oper_list.vector[1]            0.0000000000 
_pdbx_struct_oper_list.matrix[2][1]         0.0000000000 
_pdbx_struct_oper_list.matrix[2][2]         1.0000000000 
_pdbx_struct_oper_list.matrix[2][3]         0.0000000000 
_pdbx_struct_oper_list.vector[2]            0.0000000000 
_pdbx_struct_oper_list.matrix[3][1]         0.0000000000 
_pdbx_struct_oper_list.matrix[3][2]         0.0000000000 
_pdbx_struct_oper_list.matrix[3][3]         1.0000000000 
_pdbx_struct_oper_list.vector[3]            0.0000000000 
# 
loop_
_pdbx_audit_revision_history.ordinal 
_pdbx_audit_revision_history.data_content_type 
_pdbx_audit_revision_history.major_revision 
_pdbx_audit_revision_history.minor_revision 
_pdbx_audit_revision_history.revision_date 
1 'Structure model' 1 0 2021-08-25 
2 'Structure model' 1 1 2021-12-08 
3 'Structure model' 1 2 2023-10-18 
# 
_pdbx_audit_revision_details.ordinal             1 
_pdbx_audit_revision_details.revision_ordinal    1 
_pdbx_audit_revision_details.data_content_type   'Structure model' 
_pdbx_audit_revision_details.provider            repository 
_pdbx_audit_revision_details.type                'Initial release' 
_pdbx_audit_revision_details.description         ? 
_pdbx_audit_revision_details.details             ? 
# 
loop_
_pdbx_audit_revision_group.ordinal 
_pdbx_audit_revision_group.revision_ordinal 
_pdbx_audit_revision_group.data_content_type 
_pdbx_audit_revision_group.group 
1 2 'Structure model' 'Database references'    
2 3 'Structure model' 'Data collection'        
3 3 'Structure model' 'Refinement description' 
# 
loop_
_pdbx_audit_revision_category.ordinal 
_pdbx_audit_revision_category.revision_ordinal 
_pdbx_audit_revision_category.data_content_type 
_pdbx_audit_revision_category.category 
1 2 'Structure model' citation                      
2 2 'Structure model' citation_author               
3 3 'Structure model' chem_comp_atom                
4 3 'Structure model' chem_comp_bond                
5 3 'Structure model' pdbx_initial_refinement_model 
# 
loop_
_pdbx_audit_revision_item.ordinal 
_pdbx_audit_revision_item.revision_ordinal 
_pdbx_audit_revision_item.data_content_type 
_pdbx_audit_revision_item.item 
1  2 'Structure model' '_citation.country'                 
2  2 'Structure model' '_citation.journal_abbrev'          
3  2 'Structure model' '_citation.journal_id_ASTM'         
4  2 'Structure model' '_citation.journal_id_CSD'          
5  2 'Structure model' '_citation.journal_id_ISSN'         
6  2 'Structure model' '_citation.journal_volume'          
7  2 'Structure model' '_citation.pdbx_database_id_DOI'    
8  2 'Structure model' '_citation.pdbx_database_id_PubMed' 
9  2 'Structure model' '_citation.title'                   
10 2 'Structure model' '_citation.year'                    
11 2 'Structure model' '_citation_author.identifier_ORCID' 
# 
_phasing.method   MR 
# 
loop_
_software.citation_id 
_software.classification 
_software.compiler_name 
_software.compiler_version 
_software.contact_author 
_software.contact_author_email 
_software.date 
_software.description 
_software.dependencies 
_software.hardware 
_software.language 
_software.location 
_software.mods 
_software.name 
_software.os 
_software.os_version 
_software.type 
_software.version 
_software.pdbx_ordinal 
? refinement        ? ? ?                 ?                                       ?               ? ? ? ?          ? ? PHENIX      
? ? ?       1.11.1_2575 1 
? 'data reduction'  ? ? 'Wolfgang Kabsch' Wolfgang.Kabsch@mpimf-heidelberg.mpg.de ?               ? ? ? ?          
http://www.mpimf-heidelberg.mpg.de/~kabsch/xds/     ? XDS         ? ? package .           2 
? 'data scaling'    ? ? 'Phil Evans'      ?                                       29/03/17        ? ? ? ?          
http://www.mrc-lmb.cam.ac.uk/harry/pre/aimless.html ? Aimless     ? ? program 0.5.32      3 
? phasing           ? ? 'Alexei Vaguine'  alexei@ysbl.york.ac.uk                  ?               ? ? ? Fortran_77 
http://www.ccp4.ac.uk/dist/html/molrep.html         ? MOLREP      ? ? program .           4 
? 'data extraction' ? ? PDB               deposit@deposit.rcsb.org                'Oct. 31, 2020' ? ? ? C++        
http://sw-tools.pdb.org/apps/PDB_EXTRACT/           ? PDB_EXTRACT ? ? package 3.27        5 
# 
_pdbx_entry_details.entry_id                 7LOG 
_pdbx_entry_details.nonpolymer_details       ? 
_pdbx_entry_details.sequence_details         ? 
_pdbx_entry_details.compound_details         ? 
_pdbx_entry_details.source_details           ? 
_pdbx_entry_details.has_ligand_of_interest   Y 
# 
_pdbx_validate_torsion.id              1 
_pdbx_validate_torsion.PDB_model_num   1 
_pdbx_validate_torsion.auth_comp_id    PHE 
_pdbx_validate_torsion.auth_asym_id    A 
_pdbx_validate_torsion.auth_seq_id     114 
_pdbx_validate_torsion.PDB_ins_code    ? 
_pdbx_validate_torsion.label_alt_id    ? 
_pdbx_validate_torsion.phi             -70.75 
_pdbx_validate_torsion.psi             24.96 
# 
loop_
_pdbx_unobs_or_zero_occ_atoms.id 
_pdbx_unobs_or_zero_occ_atoms.PDB_model_num 
_pdbx_unobs_or_zero_occ_atoms.polymer_flag 
_pdbx_unobs_or_zero_occ_atoms.occupancy_flag 
_pdbx_unobs_or_zero_occ_atoms.auth_asym_id 
_pdbx_unobs_or_zero_occ_atoms.auth_comp_id 
_pdbx_unobs_or_zero_occ_atoms.auth_seq_id 
_pdbx_unobs_or_zero_occ_atoms.PDB_ins_code 
_pdbx_unobs_or_zero_occ_atoms.auth_atom_id 
_pdbx_unobs_or_zero_occ_atoms.label_alt_id 
_pdbx_unobs_or_zero_occ_atoms.label_asym_id 
_pdbx_unobs_or_zero_occ_atoms.label_comp_id 
_pdbx_unobs_or_zero_occ_atoms.label_seq_id 
_pdbx_unobs_or_zero_occ_atoms.label_atom_id 
1 1 Y 1 A THR 109 ? OG1 ? A THR 109 OG1 
2 1 Y 1 A THR 109 ? CG2 ? A THR 109 CG2 
3 1 Y 1 A ASN 116 ? OD1 ? A ASN 116 OD1 
4 1 Y 1 A ASN 116 ? ND2 ? A ASN 116 ND2 
# 
loop_
_pdbx_unobs_or_zero_occ_residues.id 
_pdbx_unobs_or_zero_occ_residues.PDB_model_num 
_pdbx_unobs_or_zero_occ_residues.polymer_flag 
_pdbx_unobs_or_zero_occ_residues.occupancy_flag 
_pdbx_unobs_or_zero_occ_residues.auth_asym_id 
_pdbx_unobs_or_zero_occ_residues.auth_comp_id 
_pdbx_unobs_or_zero_occ_residues.auth_seq_id 
_pdbx_unobs_or_zero_occ_residues.PDB_ins_code 
_pdbx_unobs_or_zero_occ_residues.label_asym_id 
_pdbx_unobs_or_zero_occ_residues.label_comp_id 
_pdbx_unobs_or_zero_occ_residues.label_seq_id 
1  1 Y 1 A MET 1   ? A MET 1   
2  1 Y 1 A ASN 163 ? A ASN 163 
3  1 Y 1 A LEU 164 ? A LEU 164 
4  1 Y 1 A LEU 165 ? A LEU 165 
5  1 Y 1 A GLU 166 ? A GLU 166 
6  1 Y 1 A HIS 167 ? A HIS 167 
7  1 Y 1 A HIS 168 ? A HIS 168 
8  1 Y 1 A HIS 169 ? A HIS 169 
9  1 Y 1 A HIS 170 ? A HIS 170 
10 1 Y 1 A HIS 171 ? A HIS 171 
11 1 Y 1 A HIS 172 ? A HIS 172 
# 
loop_
_chem_comp_atom.comp_id 
_chem_comp_atom.atom_id 
_chem_comp_atom.type_symbol 
_chem_comp_atom.pdbx_aromatic_flag 
_chem_comp_atom.pdbx_stereo_config 
_chem_comp_atom.pdbx_ordinal 
ALA N    N N N 1   
ALA CA   C N S 2   
ALA C    C N N 3   
ALA O    O N N 4   
ALA CB   C N N 5   
ALA OXT  O N N 6   
ALA H    H N N 7   
ALA H2   H N N 8   
ALA HA   H N N 9   
ALA HB1  H N N 10  
ALA HB2  H N N 11  
ALA HB3  H N N 12  
ALA HXT  H N N 13  
ARG N    N N N 14  
ARG CA   C N S 15  
ARG C    C N N 16  
ARG O    O N N 17  
ARG CB   C N N 18  
ARG CG   C N N 19  
ARG CD   C N N 20  
ARG NE   N N N 21  
ARG CZ   C N N 22  
ARG NH1  N N N 23  
ARG NH2  N N N 24  
ARG OXT  O N N 25  
ARG H    H N N 26  
ARG H2   H N N 27  
ARG HA   H N N 28  
ARG HB2  H N N 29  
ARG HB3  H N N 30  
ARG HG2  H N N 31  
ARG HG3  H N N 32  
ARG HD2  H N N 33  
ARG HD3  H N N 34  
ARG HE   H N N 35  
ARG HH11 H N N 36  
ARG HH12 H N N 37  
ARG HH21 H N N 38  
ARG HH22 H N N 39  
ARG HXT  H N N 40  
ASN N    N N N 41  
ASN CA   C N S 42  
ASN C    C N N 43  
ASN O    O N N 44  
ASN CB   C N N 45  
ASN CG   C N N 46  
ASN OD1  O N N 47  
ASN ND2  N N N 48  
ASN OXT  O N N 49  
ASN H    H N N 50  
ASN H2   H N N 51  
ASN HA   H N N 52  
ASN HB2  H N N 53  
ASN HB3  H N N 54  
ASN HD21 H N N 55  
ASN HD22 H N N 56  
ASN HXT  H N N 57  
ASP N    N N N 58  
ASP CA   C N S 59  
ASP C    C N N 60  
ASP O    O N N 61  
ASP CB   C N N 62  
ASP CG   C N N 63  
ASP OD1  O N N 64  
ASP OD2  O N N 65  
ASP OXT  O N N 66  
ASP H    H N N 67  
ASP H2   H N N 68  
ASP HA   H N N 69  
ASP HB2  H N N 70  
ASP HB3  H N N 71  
ASP HD2  H N N 72  
ASP HXT  H N N 73  
BME C1   C N N 74  
BME C2   C N N 75  
BME O1   O N N 76  
BME S2   S N N 77  
BME H11  H N N 78  
BME H12  H N N 79  
BME H21  H N N 80  
BME H22  H N N 81  
BME HO1  H N N 82  
BME HS2  H N N 83  
CYS N    N N N 84  
CYS CA   C N R 85  
CYS C    C N N 86  
CYS O    O N N 87  
CYS CB   C N N 88  
CYS SG   S N N 89  
CYS OXT  O N N 90  
CYS H    H N N 91  
CYS H2   H N N 92  
CYS HA   H N N 93  
CYS HB2  H N N 94  
CYS HB3  H N N 95  
CYS HG   H N N 96  
CYS HXT  H N N 97  
GLN N    N N N 98  
GLN CA   C N S 99  
GLN C    C N N 100 
GLN O    O N N 101 
GLN CB   C N N 102 
GLN CG   C N N 103 
GLN CD   C N N 104 
GLN OE1  O N N 105 
GLN NE2  N N N 106 
GLN OXT  O N N 107 
GLN H    H N N 108 
GLN H2   H N N 109 
GLN HA   H N N 110 
GLN HB2  H N N 111 
GLN HB3  H N N 112 
GLN HG2  H N N 113 
GLN HG3  H N N 114 
GLN HE21 H N N 115 
GLN HE22 H N N 116 
GLN HXT  H N N 117 
GLU N    N N N 118 
GLU CA   C N S 119 
GLU C    C N N 120 
GLU O    O N N 121 
GLU CB   C N N 122 
GLU CG   C N N 123 
GLU CD   C N N 124 
GLU OE1  O N N 125 
GLU OE2  O N N 126 
GLU OXT  O N N 127 
GLU H    H N N 128 
GLU H2   H N N 129 
GLU HA   H N N 130 
GLU HB2  H N N 131 
GLU HB3  H N N 132 
GLU HG2  H N N 133 
GLU HG3  H N N 134 
GLU HE2  H N N 135 
GLU HXT  H N N 136 
GLY N    N N N 137 
GLY CA   C N N 138 
GLY C    C N N 139 
GLY O    O N N 140 
GLY OXT  O N N 141 
GLY H    H N N 142 
GLY H2   H N N 143 
GLY HA2  H N N 144 
GLY HA3  H N N 145 
GLY HXT  H N N 146 
HIS N    N N N 147 
HIS CA   C N S 148 
HIS C    C N N 149 
HIS O    O N N 150 
HIS CB   C N N 151 
HIS CG   C Y N 152 
HIS ND1  N Y N 153 
HIS CD2  C Y N 154 
HIS CE1  C Y N 155 
HIS NE2  N Y N 156 
HIS OXT  O N N 157 
HIS H    H N N 158 
HIS H2   H N N 159 
HIS HA   H N N 160 
HIS HB2  H N N 161 
HIS HB3  H N N 162 
HIS HD1  H N N 163 
HIS HD2  H N N 164 
HIS HE1  H N N 165 
HIS HE2  H N N 166 
HIS HXT  H N N 167 
HOH O    O N N 168 
HOH H1   H N N 169 
HOH H2   H N N 170 
ILE N    N N N 171 
ILE CA   C N S 172 
ILE C    C N N 173 
ILE O    O N N 174 
ILE CB   C N S 175 
ILE CG1  C N N 176 
ILE CG2  C N N 177 
ILE CD1  C N N 178 
ILE OXT  O N N 179 
ILE H    H N N 180 
ILE H2   H N N 181 
ILE HA   H N N 182 
ILE HB   H N N 183 
ILE HG12 H N N 184 
ILE HG13 H N N 185 
ILE HG21 H N N 186 
ILE HG22 H N N 187 
ILE HG23 H N N 188 
ILE HD11 H N N 189 
ILE HD12 H N N 190 
ILE HD13 H N N 191 
ILE HXT  H N N 192 
LEU N    N N N 193 
LEU CA   C N S 194 
LEU C    C N N 195 
LEU O    O N N 196 
LEU CB   C N N 197 
LEU CG   C N N 198 
LEU CD1  C N N 199 
LEU CD2  C N N 200 
LEU OXT  O N N 201 
LEU H    H N N 202 
LEU H2   H N N 203 
LEU HA   H N N 204 
LEU HB2  H N N 205 
LEU HB3  H N N 206 
LEU HG   H N N 207 
LEU HD11 H N N 208 
LEU HD12 H N N 209 
LEU HD13 H N N 210 
LEU HD21 H N N 211 
LEU HD22 H N N 212 
LEU HD23 H N N 213 
LEU HXT  H N N 214 
LYS N    N N N 215 
LYS CA   C N S 216 
LYS C    C N N 217 
LYS O    O N N 218 
LYS CB   C N N 219 
LYS CG   C N N 220 
LYS CD   C N N 221 
LYS CE   C N N 222 
LYS NZ   N N N 223 
LYS OXT  O N N 224 
LYS H    H N N 225 
LYS H2   H N N 226 
LYS HA   H N N 227 
LYS HB2  H N N 228 
LYS HB3  H N N 229 
LYS HG2  H N N 230 
LYS HG3  H N N 231 
LYS HD2  H N N 232 
LYS HD3  H N N 233 
LYS HE2  H N N 234 
LYS HE3  H N N 235 
LYS HZ1  H N N 236 
LYS HZ2  H N N 237 
LYS HZ3  H N N 238 
LYS HXT  H N N 239 
MET N    N N N 240 
MET CA   C N S 241 
MET C    C N N 242 
MET O    O N N 243 
MET CB   C N N 244 
MET CG   C N N 245 
MET SD   S N N 246 
MET CE   C N N 247 
MET OXT  O N N 248 
MET H    H N N 249 
MET H2   H N N 250 
MET HA   H N N 251 
MET HB2  H N N 252 
MET HB3  H N N 253 
MET HG2  H N N 254 
MET HG3  H N N 255 
MET HE1  H N N 256 
MET HE2  H N N 257 
MET HE3  H N N 258 
MET HXT  H N N 259 
PHE N    N N N 260 
PHE CA   C N S 261 
PHE C    C N N 262 
PHE O    O N N 263 
PHE CB   C N N 264 
PHE CG   C Y N 265 
PHE CD1  C Y N 266 
PHE CD2  C Y N 267 
PHE CE1  C Y N 268 
PHE CE2  C Y N 269 
PHE CZ   C Y N 270 
PHE OXT  O N N 271 
PHE H    H N N 272 
PHE H2   H N N 273 
PHE HA   H N N 274 
PHE HB2  H N N 275 
PHE HB3  H N N 276 
PHE HD1  H N N 277 
PHE HD2  H N N 278 
PHE HE1  H N N 279 
PHE HE2  H N N 280 
PHE HZ   H N N 281 
PHE HXT  H N N 282 
PRO N    N N N 283 
PRO CA   C N S 284 
PRO C    C N N 285 
PRO O    O N N 286 
PRO CB   C N N 287 
PRO CG   C N N 288 
PRO CD   C N N 289 
PRO OXT  O N N 290 
PRO H    H N N 291 
PRO HA   H N N 292 
PRO HB2  H N N 293 
PRO HB3  H N N 294 
PRO HG2  H N N 295 
PRO HG3  H N N 296 
PRO HD2  H N N 297 
PRO HD3  H N N 298 
PRO HXT  H N N 299 
SER N    N N N 300 
SER CA   C N S 301 
SER C    C N N 302 
SER O    O N N 303 
SER CB   C N N 304 
SER OG   O N N 305 
SER OXT  O N N 306 
SER H    H N N 307 
SER H2   H N N 308 
SER HA   H N N 309 
SER HB2  H N N 310 
SER HB3  H N N 311 
SER HG   H N N 312 
SER HXT  H N N 313 
THR N    N N N 314 
THR CA   C N S 315 
THR C    C N N 316 
THR O    O N N 317 
THR CB   C N R 318 
THR OG1  O N N 319 
THR CG2  C N N 320 
THR OXT  O N N 321 
THR H    H N N 322 
THR H2   H N N 323 
THR HA   H N N 324 
THR HB   H N N 325 
THR HG1  H N N 326 
THR HG21 H N N 327 
THR HG22 H N N 328 
THR HG23 H N N 329 
THR HXT  H N N 330 
TRP N    N N N 331 
TRP CA   C N S 332 
TRP C    C N N 333 
TRP O    O N N 334 
TRP CB   C N N 335 
TRP CG   C Y N 336 
TRP CD1  C Y N 337 
TRP CD2  C Y N 338 
TRP NE1  N Y N 339 
TRP CE2  C Y N 340 
TRP CE3  C Y N 341 
TRP CZ2  C Y N 342 
TRP CZ3  C Y N 343 
TRP CH2  C Y N 344 
TRP OXT  O N N 345 
TRP H    H N N 346 
TRP H2   H N N 347 
TRP HA   H N N 348 
TRP HB2  H N N 349 
TRP HB3  H N N 350 
TRP HD1  H N N 351 
TRP HE1  H N N 352 
TRP HE3  H N N 353 
TRP HZ2  H N N 354 
TRP HZ3  H N N 355 
TRP HH2  H N N 356 
TRP HXT  H N N 357 
TRS C    C N N 358 
TRS C1   C N N 359 
TRS C2   C N N 360 
TRS C3   C N N 361 
TRS N    N N N 362 
TRS O1   O N N 363 
TRS O2   O N N 364 
TRS O3   O N N 365 
TRS H11  H N N 366 
TRS H12  H N N 367 
TRS H21  H N N 368 
TRS H22  H N N 369 
TRS H31  H N N 370 
TRS H32  H N N 371 
TRS HN1  H N N 372 
TRS HN2  H N N 373 
TRS HN3  H N N 374 
TRS HO1  H N N 375 
TRS HO2  H N N 376 
TRS HO3  H N N 377 
TYR N    N N N 378 
TYR CA   C N S 379 
TYR C    C N N 380 
TYR O    O N N 381 
TYR CB   C N N 382 
TYR CG   C Y N 383 
TYR CD1  C Y N 384 
TYR CD2  C Y N 385 
TYR CE1  C Y N 386 
TYR CE2  C Y N 387 
TYR CZ   C Y N 388 
TYR OH   O N N 389 
TYR OXT  O N N 390 
TYR H    H N N 391 
TYR H2   H N N 392 
TYR HA   H N N 393 
TYR HB2  H N N 394 
TYR HB3  H N N 395 
TYR HD1  H N N 396 
TYR HD2  H N N 397 
TYR HE1  H N N 398 
TYR HE2  H N N 399 
TYR HH   H N N 400 
TYR HXT  H N N 401 
VAL N    N N N 402 
VAL CA   C N S 403 
VAL C    C N N 404 
VAL O    O N N 405 
VAL CB   C N N 406 
VAL CG1  C N N 407 
VAL CG2  C N N 408 
VAL OXT  O N N 409 
VAL H    H N N 410 
VAL H2   H N N 411 
VAL HA   H N N 412 
VAL HB   H N N 413 
VAL HG11 H N N 414 
VAL HG12 H N N 415 
VAL HG13 H N N 416 
VAL HG21 H N N 417 
VAL HG22 H N N 418 
VAL HG23 H N N 419 
VAL HXT  H N N 420 
Y8J C10  C Y N 421 
Y8J C01  C N N 422 
Y8J C02  C N N 423 
Y8J C03  C N N 424 
Y8J C04  C N N 425 
Y8J C05  C Y N 426 
Y8J C06  C Y N 427 
Y8J C07  C Y N 428 
Y8J C08  C Y N 429 
Y8J N09  N Y N 430 
Y8J H1   H N N 431 
Y8J H2   H N N 432 
Y8J H3   H N N 433 
Y8J H4   H N N 434 
Y8J H5   H N N 435 
Y8J H6   H N N 436 
Y8J H7   H N N 437 
Y8J H8   H N N 438 
Y8J H9   H N N 439 
Y8J H10  H N N 440 
Y8J H11  H N N 441 
Y8J H12  H N N 442 
Y8J H13  H N N 443 
# 
loop_
_chem_comp_bond.comp_id 
_chem_comp_bond.atom_id_1 
_chem_comp_bond.atom_id_2 
_chem_comp_bond.value_order 
_chem_comp_bond.pdbx_aromatic_flag 
_chem_comp_bond.pdbx_stereo_config 
_chem_comp_bond.pdbx_ordinal 
ALA N   CA   sing N N 1   
ALA N   H    sing N N 2   
ALA N   H2   sing N N 3   
ALA CA  C    sing N N 4   
ALA CA  CB   sing N N 5   
ALA CA  HA   sing N N 6   
ALA C   O    doub N N 7   
ALA C   OXT  sing N N 8   
ALA CB  HB1  sing N N 9   
ALA CB  HB2  sing N N 10  
ALA CB  HB3  sing N N 11  
ALA OXT HXT  sing N N 12  
ARG N   CA   sing N N 13  
ARG N   H    sing N N 14  
ARG N   H2   sing N N 15  
ARG CA  C    sing N N 16  
ARG CA  CB   sing N N 17  
ARG CA  HA   sing N N 18  
ARG C   O    doub N N 19  
ARG C   OXT  sing N N 20  
ARG CB  CG   sing N N 21  
ARG CB  HB2  sing N N 22  
ARG CB  HB3  sing N N 23  
ARG CG  CD   sing N N 24  
ARG CG  HG2  sing N N 25  
ARG CG  HG3  sing N N 26  
ARG CD  NE   sing N N 27  
ARG CD  HD2  sing N N 28  
ARG CD  HD3  sing N N 29  
ARG NE  CZ   sing N N 30  
ARG NE  HE   sing N N 31  
ARG CZ  NH1  sing N N 32  
ARG CZ  NH2  doub N N 33  
ARG NH1 HH11 sing N N 34  
ARG NH1 HH12 sing N N 35  
ARG NH2 HH21 sing N N 36  
ARG NH2 HH22 sing N N 37  
ARG OXT HXT  sing N N 38  
ASN N   CA   sing N N 39  
ASN N   H    sing N N 40  
ASN N   H2   sing N N 41  
ASN CA  C    sing N N 42  
ASN CA  CB   sing N N 43  
ASN CA  HA   sing N N 44  
ASN C   O    doub N N 45  
ASN C   OXT  sing N N 46  
ASN CB  CG   sing N N 47  
ASN CB  HB2  sing N N 48  
ASN CB  HB3  sing N N 49  
ASN CG  OD1  doub N N 50  
ASN CG  ND2  sing N N 51  
ASN ND2 HD21 sing N N 52  
ASN ND2 HD22 sing N N 53  
ASN OXT HXT  sing N N 54  
ASP N   CA   sing N N 55  
ASP N   H    sing N N 56  
ASP N   H2   sing N N 57  
ASP CA  C    sing N N 58  
ASP CA  CB   sing N N 59  
ASP CA  HA   sing N N 60  
ASP C   O    doub N N 61  
ASP C   OXT  sing N N 62  
ASP CB  CG   sing N N 63  
ASP CB  HB2  sing N N 64  
ASP CB  HB3  sing N N 65  
ASP CG  OD1  doub N N 66  
ASP CG  OD2  sing N N 67  
ASP OD2 HD2  sing N N 68  
ASP OXT HXT  sing N N 69  
BME C1  C2   sing N N 70  
BME C1  O1   sing N N 71  
BME C1  H11  sing N N 72  
BME C1  H12  sing N N 73  
BME C2  S2   sing N N 74  
BME C2  H21  sing N N 75  
BME C2  H22  sing N N 76  
BME O1  HO1  sing N N 77  
BME S2  HS2  sing N N 78  
CYS N   CA   sing N N 79  
CYS N   H    sing N N 80  
CYS N   H2   sing N N 81  
CYS CA  C    sing N N 82  
CYS CA  CB   sing N N 83  
CYS CA  HA   sing N N 84  
CYS C   O    doub N N 85  
CYS C   OXT  sing N N 86  
CYS CB  SG   sing N N 87  
CYS CB  HB2  sing N N 88  
CYS CB  HB3  sing N N 89  
CYS SG  HG   sing N N 90  
CYS OXT HXT  sing N N 91  
GLN N   CA   sing N N 92  
GLN N   H    sing N N 93  
GLN N   H2   sing N N 94  
GLN CA  C    sing N N 95  
GLN CA  CB   sing N N 96  
GLN CA  HA   sing N N 97  
GLN C   O    doub N N 98  
GLN C   OXT  sing N N 99  
GLN CB  CG   sing N N 100 
GLN CB  HB2  sing N N 101 
GLN CB  HB3  sing N N 102 
GLN CG  CD   sing N N 103 
GLN CG  HG2  sing N N 104 
GLN CG  HG3  sing N N 105 
GLN CD  OE1  doub N N 106 
GLN CD  NE2  sing N N 107 
GLN NE2 HE21 sing N N 108 
GLN NE2 HE22 sing N N 109 
GLN OXT HXT  sing N N 110 
GLU N   CA   sing N N 111 
GLU N   H    sing N N 112 
GLU N   H2   sing N N 113 
GLU CA  C    sing N N 114 
GLU CA  CB   sing N N 115 
GLU CA  HA   sing N N 116 
GLU C   O    doub N N 117 
GLU C   OXT  sing N N 118 
GLU CB  CG   sing N N 119 
GLU CB  HB2  sing N N 120 
GLU CB  HB3  sing N N 121 
GLU CG  CD   sing N N 122 
GLU CG  HG2  sing N N 123 
GLU CG  HG3  sing N N 124 
GLU CD  OE1  doub N N 125 
GLU CD  OE2  sing N N 126 
GLU OE2 HE2  sing N N 127 
GLU OXT HXT  sing N N 128 
GLY N   CA   sing N N 129 
GLY N   H    sing N N 130 
GLY N   H2   sing N N 131 
GLY CA  C    sing N N 132 
GLY CA  HA2  sing N N 133 
GLY CA  HA3  sing N N 134 
GLY C   O    doub N N 135 
GLY C   OXT  sing N N 136 
GLY OXT HXT  sing N N 137 
HIS N   CA   sing N N 138 
HIS N   H    sing N N 139 
HIS N   H2   sing N N 140 
HIS CA  C    sing N N 141 
HIS CA  CB   sing N N 142 
HIS CA  HA   sing N N 143 
HIS C   O    doub N N 144 
HIS C   OXT  sing N N 145 
HIS CB  CG   sing N N 146 
HIS CB  HB2  sing N N 147 
HIS CB  HB3  sing N N 148 
HIS CG  ND1  sing Y N 149 
HIS CG  CD2  doub Y N 150 
HIS ND1 CE1  doub Y N 151 
HIS ND1 HD1  sing N N 152 
HIS CD2 NE2  sing Y N 153 
HIS CD2 HD2  sing N N 154 
HIS CE1 NE2  sing Y N 155 
HIS CE1 HE1  sing N N 156 
HIS NE2 HE2  sing N N 157 
HIS OXT HXT  sing N N 158 
HOH O   H1   sing N N 159 
HOH O   H2   sing N N 160 
ILE N   CA   sing N N 161 
ILE N   H    sing N N 162 
ILE N   H2   sing N N 163 
ILE CA  C    sing N N 164 
ILE CA  CB   sing N N 165 
ILE CA  HA   sing N N 166 
ILE C   O    doub N N 167 
ILE C   OXT  sing N N 168 
ILE CB  CG1  sing N N 169 
ILE CB  CG2  sing N N 170 
ILE CB  HB   sing N N 171 
ILE CG1 CD1  sing N N 172 
ILE CG1 HG12 sing N N 173 
ILE CG1 HG13 sing N N 174 
ILE CG2 HG21 sing N N 175 
ILE CG2 HG22 sing N N 176 
ILE CG2 HG23 sing N N 177 
ILE CD1 HD11 sing N N 178 
ILE CD1 HD12 sing N N 179 
ILE CD1 HD13 sing N N 180 
ILE OXT HXT  sing N N 181 
LEU N   CA   sing N N 182 
LEU N   H    sing N N 183 
LEU N   H2   sing N N 184 
LEU CA  C    sing N N 185 
LEU CA  CB   sing N N 186 
LEU CA  HA   sing N N 187 
LEU C   O    doub N N 188 
LEU C   OXT  sing N N 189 
LEU CB  CG   sing N N 190 
LEU CB  HB2  sing N N 191 
LEU CB  HB3  sing N N 192 
LEU CG  CD1  sing N N 193 
LEU CG  CD2  sing N N 194 
LEU CG  HG   sing N N 195 
LEU CD1 HD11 sing N N 196 
LEU CD1 HD12 sing N N 197 
LEU CD1 HD13 sing N N 198 
LEU CD2 HD21 sing N N 199 
LEU CD2 HD22 sing N N 200 
LEU CD2 HD23 sing N N 201 
LEU OXT HXT  sing N N 202 
LYS N   CA   sing N N 203 
LYS N   H    sing N N 204 
LYS N   H2   sing N N 205 
LYS CA  C    sing N N 206 
LYS CA  CB   sing N N 207 
LYS CA  HA   sing N N 208 
LYS C   O    doub N N 209 
LYS C   OXT  sing N N 210 
LYS CB  CG   sing N N 211 
LYS CB  HB2  sing N N 212 
LYS CB  HB3  sing N N 213 
LYS CG  CD   sing N N 214 
LYS CG  HG2  sing N N 215 
LYS CG  HG3  sing N N 216 
LYS CD  CE   sing N N 217 
LYS CD  HD2  sing N N 218 
LYS CD  HD3  sing N N 219 
LYS CE  NZ   sing N N 220 
LYS CE  HE2  sing N N 221 
LYS CE  HE3  sing N N 222 
LYS NZ  HZ1  sing N N 223 
LYS NZ  HZ2  sing N N 224 
LYS NZ  HZ3  sing N N 225 
LYS OXT HXT  sing N N 226 
MET N   CA   sing N N 227 
MET N   H    sing N N 228 
MET N   H2   sing N N 229 
MET CA  C    sing N N 230 
MET CA  CB   sing N N 231 
MET CA  HA   sing N N 232 
MET C   O    doub N N 233 
MET C   OXT  sing N N 234 
MET CB  CG   sing N N 235 
MET CB  HB2  sing N N 236 
MET CB  HB3  sing N N 237 
MET CG  SD   sing N N 238 
MET CG  HG2  sing N N 239 
MET CG  HG3  sing N N 240 
MET SD  CE   sing N N 241 
MET CE  HE1  sing N N 242 
MET CE  HE2  sing N N 243 
MET CE  HE3  sing N N 244 
MET OXT HXT  sing N N 245 
PHE N   CA   sing N N 246 
PHE N   H    sing N N 247 
PHE N   H2   sing N N 248 
PHE CA  C    sing N N 249 
PHE CA  CB   sing N N 250 
PHE CA  HA   sing N N 251 
PHE C   O    doub N N 252 
PHE C   OXT  sing N N 253 
PHE CB  CG   sing N N 254 
PHE CB  HB2  sing N N 255 
PHE CB  HB3  sing N N 256 
PHE CG  CD1  doub Y N 257 
PHE CG  CD2  sing Y N 258 
PHE CD1 CE1  sing Y N 259 
PHE CD1 HD1  sing N N 260 
PHE CD2 CE2  doub Y N 261 
PHE CD2 HD2  sing N N 262 
PHE CE1 CZ   doub Y N 263 
PHE CE1 HE1  sing N N 264 
PHE CE2 CZ   sing Y N 265 
PHE CE2 HE2  sing N N 266 
PHE CZ  HZ   sing N N 267 
PHE OXT HXT  sing N N 268 
PRO N   CA   sing N N 269 
PRO N   CD   sing N N 270 
PRO N   H    sing N N 271 
PRO CA  C    sing N N 272 
PRO CA  CB   sing N N 273 
PRO CA  HA   sing N N 274 
PRO C   O    doub N N 275 
PRO C   OXT  sing N N 276 
PRO CB  CG   sing N N 277 
PRO CB  HB2  sing N N 278 
PRO CB  HB3  sing N N 279 
PRO CG  CD   sing N N 280 
PRO CG  HG2  sing N N 281 
PRO CG  HG3  sing N N 282 
PRO CD  HD2  sing N N 283 
PRO CD  HD3  sing N N 284 
PRO OXT HXT  sing N N 285 
SER N   CA   sing N N 286 
SER N   H    sing N N 287 
SER N   H2   sing N N 288 
SER CA  C    sing N N 289 
SER CA  CB   sing N N 290 
SER CA  HA   sing N N 291 
SER C   O    doub N N 292 
SER C   OXT  sing N N 293 
SER CB  OG   sing N N 294 
SER CB  HB2  sing N N 295 
SER CB  HB3  sing N N 296 
SER OG  HG   sing N N 297 
SER OXT HXT  sing N N 298 
THR N   CA   sing N N 299 
THR N   H    sing N N 300 
THR N   H2   sing N N 301 
THR CA  C    sing N N 302 
THR CA  CB   sing N N 303 
THR CA  HA   sing N N 304 
THR C   O    doub N N 305 
THR C   OXT  sing N N 306 
THR CB  OG1  sing N N 307 
THR CB  CG2  sing N N 308 
THR CB  HB   sing N N 309 
THR OG1 HG1  sing N N 310 
THR CG2 HG21 sing N N 311 
THR CG2 HG22 sing N N 312 
THR CG2 HG23 sing N N 313 
THR OXT HXT  sing N N 314 
TRP N   CA   sing N N 315 
TRP N   H    sing N N 316 
TRP N   H2   sing N N 317 
TRP CA  C    sing N N 318 
TRP CA  CB   sing N N 319 
TRP CA  HA   sing N N 320 
TRP C   O    doub N N 321 
TRP C   OXT  sing N N 322 
TRP CB  CG   sing N N 323 
TRP CB  HB2  sing N N 324 
TRP CB  HB3  sing N N 325 
TRP CG  CD1  doub Y N 326 
TRP CG  CD2  sing Y N 327 
TRP CD1 NE1  sing Y N 328 
TRP CD1 HD1  sing N N 329 
TRP CD2 CE2  doub Y N 330 
TRP CD2 CE3  sing Y N 331 
TRP NE1 CE2  sing Y N 332 
TRP NE1 HE1  sing N N 333 
TRP CE2 CZ2  sing Y N 334 
TRP CE3 CZ3  doub Y N 335 
TRP CE3 HE3  sing N N 336 
TRP CZ2 CH2  doub Y N 337 
TRP CZ2 HZ2  sing N N 338 
TRP CZ3 CH2  sing Y N 339 
TRP CZ3 HZ3  sing N N 340 
TRP CH2 HH2  sing N N 341 
TRP OXT HXT  sing N N 342 
TRS C   C1   sing N N 343 
TRS C   C2   sing N N 344 
TRS C   C3   sing N N 345 
TRS C   N    sing N N 346 
TRS C1  O1   sing N N 347 
TRS C1  H11  sing N N 348 
TRS C1  H12  sing N N 349 
TRS C2  O2   sing N N 350 
TRS C2  H21  sing N N 351 
TRS C2  H22  sing N N 352 
TRS C3  O3   sing N N 353 
TRS C3  H31  sing N N 354 
TRS C3  H32  sing N N 355 
TRS N   HN1  sing N N 356 
TRS N   HN2  sing N N 357 
TRS N   HN3  sing N N 358 
TRS O1  HO1  sing N N 359 
TRS O2  HO2  sing N N 360 
TRS O3  HO3  sing N N 361 
TYR N   CA   sing N N 362 
TYR N   H    sing N N 363 
TYR N   H2   sing N N 364 
TYR CA  C    sing N N 365 
TYR CA  CB   sing N N 366 
TYR CA  HA   sing N N 367 
TYR C   O    doub N N 368 
TYR C   OXT  sing N N 369 
TYR CB  CG   sing N N 370 
TYR CB  HB2  sing N N 371 
TYR CB  HB3  sing N N 372 
TYR CG  CD1  doub Y N 373 
TYR CG  CD2  sing Y N 374 
TYR CD1 CE1  sing Y N 375 
TYR CD1 HD1  sing N N 376 
TYR CD2 CE2  doub Y N 377 
TYR CD2 HD2  sing N N 378 
TYR CE1 CZ   doub Y N 379 
TYR CE1 HE1  sing N N 380 
TYR CE2 CZ   sing Y N 381 
TYR CE2 HE2  sing N N 382 
TYR CZ  OH   sing N N 383 
TYR OH  HH   sing N N 384 
TYR OXT HXT  sing N N 385 
VAL N   CA   sing N N 386 
VAL N   H    sing N N 387 
VAL N   H2   sing N N 388 
VAL CA  C    sing N N 389 
VAL CA  CB   sing N N 390 
VAL CA  HA   sing N N 391 
VAL C   O    doub N N 392 
VAL C   OXT  sing N N 393 
VAL CB  CG1  sing N N 394 
VAL CB  CG2  sing N N 395 
VAL CB  HB   sing N N 396 
VAL CG1 HG11 sing N N 397 
VAL CG1 HG12 sing N N 398 
VAL CG1 HG13 sing N N 399 
VAL CG2 HG21 sing N N 400 
VAL CG2 HG22 sing N N 401 
VAL CG2 HG23 sing N N 402 
VAL OXT HXT  sing N N 403 
Y8J C01 C02  sing N N 404 
Y8J C02 C03  sing N N 405 
Y8J C03 C04  sing N N 406 
Y8J C06 C07  doub Y N 407 
Y8J C06 C05  sing Y N 408 
Y8J C07 C08  sing Y N 409 
Y8J C04 C05  sing N N 410 
Y8J C05 C10  doub Y N 411 
Y8J C08 N09  doub Y N 412 
Y8J C10 N09  sing Y N 413 
Y8J C10 H1   sing N N 414 
Y8J C01 H2   sing N N 415 
Y8J C01 H3   sing N N 416 
Y8J C01 H4   sing N N 417 
Y8J C02 H5   sing N N 418 
Y8J C02 H6   sing N N 419 
Y8J C03 H7   sing N N 420 
Y8J C03 H8   sing N N 421 
Y8J C04 H9   sing N N 422 
Y8J C04 H10  sing N N 423 
Y8J C06 H11  sing N N 424 
Y8J C07 H12  sing N N 425 
Y8J C08 H13  sing N N 426 
# 
_pdbx_audit_support.funding_organization   
'National Institutes of Health/National Institute of General Medical Sciences (NIH/NIGMS)' 
_pdbx_audit_support.country                'United States' 
_pdbx_audit_support.grant_number           ? 
_pdbx_audit_support.ordinal                1 
# 
_pdbx_entity_instance_feature.ordinal        1 
_pdbx_entity_instance_feature.comp_id        Y8J 
_pdbx_entity_instance_feature.asym_id        ? 
_pdbx_entity_instance_feature.seq_num        ? 
_pdbx_entity_instance_feature.auth_comp_id   Y8J 
_pdbx_entity_instance_feature.auth_asym_id   ? 
_pdbx_entity_instance_feature.auth_seq_num   ? 
_pdbx_entity_instance_feature.feature_type   'SUBJECT OF INVESTIGATION' 
_pdbx_entity_instance_feature.details        ? 
# 
loop_
_pdbx_entity_nonpoly.entity_id 
_pdbx_entity_nonpoly.name 
_pdbx_entity_nonpoly.comp_id 
2 3-butylpyridine                          Y8J 
3 BETA-MERCAPTOETHANOL                     BME 
4 2-AMINO-2-HYDROXYMETHYL-PROPANE-1,3-DIOL TRS 
5 water                                    HOH 
# 
_pdbx_initial_refinement_model.id               1 
_pdbx_initial_refinement_model.entity_id_list   ? 
_pdbx_initial_refinement_model.type             'experimental model' 
_pdbx_initial_refinement_model.source_name      PDB 
_pdbx_initial_refinement_model.accession_code   4W57 
_pdbx_initial_refinement_model.details          ? 
# 
_pdbx_struct_assembly_auth_evidence.id                     1 
_pdbx_struct_assembly_auth_evidence.assembly_id            1 
_pdbx_struct_assembly_auth_evidence.experimental_support   none 
_pdbx_struct_assembly_auth_evidence.details                ? 
# 
